data_3H9U
#
_entry.id   3H9U
#
_cell.length_a   91.350
_cell.length_b   136.050
_cell.length_c   191.870
_cell.angle_alpha   90.00
_cell.angle_beta   99.32
_cell.angle_gamma   90.00
#
_symmetry.space_group_name_H-M   'C 1 2 1'
#
loop_
_entity.id
_entity.type
_entity.pdbx_description
1 polymer Adenosylhomocysteinase
2 non-polymer NICOTINAMIDE-ADENINE-DINUCLEOTIDE
3 non-polymer ADENOSINE
4 non-polymer GLYCEROL
5 non-polymer 'TETRAETHYLENE GLYCOL'
6 water water
#
_entity_poly.entity_id   1
_entity_poly.type   'polypeptide(L)'
_entity_poly.pdbx_seq_one_letter_code
;SMYKVRDISLAEWGRRELELAENEMPGLMELRREYGPSKPLKGAKIAGCLHMTMQTAVLIETLVELGAEVRWASCNIFST
QDHAAAAIAKRGIPVFAWKGETEEEYMWCMKQTLKGFSGDGYPNMLLDDGGDLTNYVLDECKELDGKIYGVSEETTTGVK
NLYKRLQRGKLTIPAMNVNDSVTKSKFDNLYGCRESLVDGIKRATDVMIAGKTACVCGYGDVGKGCAAALRGFGARVVVT
EVDPINALQAAMEGYQVLLVEDVVEEAHIFVTTTGNDDIITSEHFPRMRDDAIVCNIGHFDTEIQVAWLKANAKERVEVK
PQVDRYTMANGRHIILLAEGRLVNLGCASGHPSFVMSNSFCNQVLAQIELWTNRDTGKYPRGAKAQVYFLPKKLDEKVAA
LHLGKLGAKLTKLTPKQAEYINCPVDGPFKPDHYRY
;
_entity_poly.pdbx_strand_id   A,B,C,D
#
loop_
_chem_comp.id
_chem_comp.type
_chem_comp.name
_chem_comp.formula
ADN non-polymer ADENOSINE 'C10 H13 N5 O4'
GOL non-polymer GLYCEROL 'C3 H8 O3'
NAD non-polymer NICOTINAMIDE-ADENINE-DINUCLEOTIDE 'C21 H27 N7 O14 P2'
PG4 non-polymer 'TETRAETHYLENE GLYCOL' 'C8 H18 O5'
#
# COMPACT_ATOMS: atom_id res chain seq x y z
N TYR A 3 32.08 -17.16 29.98
CA TYR A 3 30.80 -17.04 30.73
C TYR A 3 31.02 -16.54 32.15
N LYS A 4 29.92 -16.26 32.86
CA LYS A 4 29.95 -15.91 34.27
C LYS A 4 28.66 -16.35 34.99
N VAL A 5 28.70 -17.53 35.63
CA VAL A 5 27.59 -18.03 36.45
C VAL A 5 28.05 -18.23 37.91
N ARG A 6 27.13 -18.55 38.82
CA ARG A 6 27.49 -18.75 40.23
C ARG A 6 28.35 -20.00 40.44
N ASP A 7 27.89 -21.12 39.88
CA ASP A 7 28.45 -22.44 40.16
C ASP A 7 28.26 -23.36 38.96
N ILE A 8 29.34 -23.68 38.24
CA ILE A 8 29.24 -24.47 37.00
C ILE A 8 29.01 -25.96 37.25
N SER A 9 29.22 -26.41 38.48
CA SER A 9 28.99 -27.82 38.85
C SER A 9 27.50 -28.11 39.03
N LEU A 10 26.65 -27.09 38.90
CA LEU A 10 25.20 -27.27 38.88
C LEU A 10 24.67 -27.52 37.47
N ALA A 11 25.59 -27.63 36.49
CA ALA A 11 25.26 -27.97 35.11
C ALA A 11 24.54 -29.30 34.98
N GLU A 12 24.94 -30.26 35.81
CA GLU A 12 24.42 -31.64 35.75
C GLU A 12 22.95 -31.66 36.16
N TRP A 13 22.66 -31.02 37.29
CA TRP A 13 21.29 -30.94 37.83
C TRP A 13 20.36 -30.18 36.87
N GLY A 14 20.89 -29.14 36.22
CA GLY A 14 20.12 -28.35 35.26
C GLY A 14 19.84 -29.05 33.95
N ARG A 15 20.79 -29.87 33.50
CA ARG A 15 20.62 -30.74 32.32
C ARG A 15 19.48 -31.73 32.51
N ARG A 16 19.35 -32.27 33.72
CA ARG A 16 18.27 -33.18 34.09
C ARG A 16 16.87 -32.55 34.11
N GLU A 17 16.78 -31.30 34.59
CA GLU A 17 15.50 -30.59 34.62
C GLU A 17 15.09 -30.10 33.24
N LEU A 18 16.08 -29.79 32.42
CA LEU A 18 15.85 -29.32 31.05
C LEU A 18 15.24 -30.43 30.17
N GLU A 19 15.48 -31.69 30.55
CA GLU A 19 14.85 -32.85 29.93
C GLU A 19 13.35 -32.91 30.22
N LEU A 20 12.97 -32.48 31.43
CA LEU A 20 11.56 -32.33 31.79
C LEU A 20 10.98 -31.04 31.16
N ALA A 21 11.76 -29.96 31.16
CA ALA A 21 11.33 -28.69 30.55
C ALA A 21 11.04 -28.87 29.06
N GLU A 22 11.93 -29.59 28.38
CA GLU A 22 11.77 -29.87 26.95
C GLU A 22 10.47 -30.62 26.67
N ASN A 23 10.13 -31.62 27.47
CA ASN A 23 8.88 -32.36 27.28
C ASN A 23 7.62 -31.54 27.58
N GLU A 24 7.79 -30.44 28.34
CA GLU A 24 6.70 -29.53 28.70
C GLU A 24 6.60 -28.34 27.74
N MET A 25 7.58 -28.22 26.82
CA MET A 25 7.58 -27.18 25.79
C MET A 25 7.48 -27.71 24.34
N PRO A 26 6.38 -28.42 24.02
CA PRO A 26 6.23 -29.03 22.68
C PRO A 26 6.37 -28.03 21.53
N GLY A 27 5.88 -26.80 21.74
CA GLY A 27 5.95 -25.74 20.74
C GLY A 27 7.37 -25.36 20.36
N LEU A 28 8.22 -25.09 21.35
CA LEU A 28 9.62 -24.76 21.08
C LEU A 28 10.38 -25.93 20.49
N MET A 29 10.06 -27.15 20.93
CA MET A 29 10.76 -28.30 20.40
C MET A 29 10.31 -28.56 18.97
N GLU A 30 9.05 -28.23 18.67
CA GLU A 30 8.51 -28.39 17.31
C GLU A 30 9.05 -27.34 16.34
N LEU A 31 9.41 -26.15 16.83
CA LEU A 31 10.16 -25.15 16.01
C LEU A 31 11.61 -25.57 15.78
N ARG A 32 12.22 -26.19 16.79
CA ARG A 32 13.55 -26.79 16.68
C ARG A 32 13.64 -27.83 15.55
N ARG A 33 12.59 -28.63 15.42
CA ARG A 33 12.55 -29.65 14.34
C ARG A 33 12.25 -29.01 12.97
N GLU A 34 11.31 -28.09 12.94
CA GLU A 34 10.83 -27.48 11.68
C GLU A 34 11.85 -26.56 11.02
N TYR A 35 12.53 -25.75 11.83
CA TYR A 35 13.40 -24.67 11.34
C TYR A 35 14.89 -24.96 11.41
N GLY A 36 15.29 -25.90 12.26
CA GLY A 36 16.69 -26.30 12.40
C GLY A 36 17.37 -26.77 11.12
N PRO A 37 16.68 -27.55 10.27
CA PRO A 37 17.30 -28.00 9.02
C PRO A 37 17.68 -26.87 8.07
N SER A 38 16.81 -25.86 7.95
CA SER A 38 17.04 -24.74 7.03
C SER A 38 17.88 -23.60 7.63
N LYS A 39 17.93 -23.51 8.95
CA LYS A 39 18.77 -22.53 9.67
C LYS A 39 18.46 -21.07 9.27
N PRO A 40 17.22 -20.61 9.50
CA PRO A 40 16.77 -19.29 9.04
C PRO A 40 17.39 -18.12 9.82
N LEU A 41 17.96 -18.39 10.99
CA LEU A 41 18.71 -17.39 11.76
C LEU A 41 20.22 -17.58 11.56
N LYS A 42 20.62 -18.22 10.46
CA LYS A 42 22.04 -18.26 10.13
C LYS A 42 22.47 -16.85 9.82
N GLY A 43 23.58 -16.44 10.42
CA GLY A 43 24.08 -15.07 10.33
C GLY A 43 23.69 -14.27 11.55
N ALA A 44 22.60 -14.67 12.21
CA ALA A 44 22.04 -13.90 13.32
C ALA A 44 22.95 -13.87 14.55
N LYS A 45 23.10 -12.68 15.10
CA LYS A 45 23.93 -12.44 16.27
C LYS A 45 23.06 -11.84 17.37
N ILE A 46 22.40 -12.70 18.14
CA ILE A 46 21.38 -12.24 19.11
C ILE A 46 21.97 -11.82 20.47
N ALA A 47 21.81 -10.54 20.82
CA ALA A 47 22.01 -10.05 22.20
C ALA A 47 20.76 -10.27 23.04
N GLY A 48 20.85 -11.11 24.06
CA GLY A 48 19.69 -11.51 24.86
C GLY A 48 19.65 -10.94 26.27
N CYS A 49 18.49 -10.41 26.65
CA CYS A 49 18.29 -9.87 28.00
C CYS A 49 16.95 -10.29 28.60
N LEU A 50 16.89 -11.54 29.04
CA LEU A 50 15.65 -12.12 29.53
C LEU A 50 15.97 -13.10 30.66
N HIS A 51 15.15 -13.06 31.73
CA HIS A 51 15.29 -13.91 32.93
C HIS A 51 15.90 -15.28 32.61
N MET A 52 17.09 -15.54 33.16
CA MET A 52 17.85 -16.76 32.84
C MET A 52 17.30 -17.97 33.62
N THR A 53 16.17 -18.49 33.15
CA THR A 53 15.51 -19.63 33.78
C THR A 53 15.68 -20.89 32.92
N MET A 54 15.17 -22.02 33.42
CA MET A 54 15.09 -23.26 32.63
C MET A 54 14.30 -23.11 31.35
N GLN A 55 13.31 -22.22 31.38
CA GLN A 55 12.46 -22.00 30.21
C GLN A 55 13.24 -21.24 29.13
N THR A 56 14.00 -20.23 29.55
CA THR A 56 14.84 -19.46 28.66
C THR A 56 16.00 -20.32 28.12
N ALA A 57 16.50 -21.27 28.92
CA ALA A 57 17.49 -22.22 28.42
C ALA A 57 16.97 -22.99 27.20
N VAL A 58 15.70 -23.43 27.22
CA VAL A 58 15.12 -24.11 26.04
C VAL A 58 14.93 -23.12 24.87
N LEU A 59 14.69 -21.85 25.19
CA LEU A 59 14.64 -20.79 24.18
C LEU A 59 16.01 -20.53 23.53
N ILE A 60 17.04 -20.40 24.37
CA ILE A 60 18.40 -20.14 23.92
C ILE A 60 18.98 -21.26 23.05
N GLU A 61 18.64 -22.50 23.38
CA GLU A 61 19.06 -23.66 22.61
C GLU A 61 18.26 -23.82 21.31
N THR A 62 17.02 -23.32 21.28
CA THR A 62 16.23 -23.28 20.04
C THR A 62 16.86 -22.28 19.05
N LEU A 63 17.18 -21.10 19.55
CA LEU A 63 17.80 -20.06 18.72
C LEU A 63 19.11 -20.56 18.11
N VAL A 64 19.94 -21.23 18.92
CA VAL A 64 21.23 -21.78 18.44
C VAL A 64 21.05 -23.00 17.50
N GLU A 65 20.00 -23.79 17.72
CA GLU A 65 19.64 -24.86 16.77
C GLU A 65 19.21 -24.25 15.43
N LEU A 66 18.59 -23.07 15.49
CA LEU A 66 18.13 -22.36 14.30
C LEU A 66 19.27 -21.61 13.58
N GLY A 67 20.47 -21.65 14.16
CA GLY A 67 21.68 -21.12 13.51
C GLY A 67 22.27 -19.90 14.19
N ALA A 68 21.47 -19.22 14.99
CA ALA A 68 21.92 -17.99 15.62
C ALA A 68 23.11 -18.21 16.54
N GLU A 69 24.02 -17.24 16.59
CA GLU A 69 24.93 -17.06 17.71
C GLU A 69 24.13 -16.26 18.73
N VAL A 70 24.41 -16.49 20.01
CA VAL A 70 23.63 -15.89 21.09
C VAL A 70 24.54 -15.59 22.30
N ARG A 71 24.34 -14.43 22.94
CA ARG A 71 24.97 -14.11 24.22
C ARG A 71 23.89 -13.62 25.19
N TRP A 72 23.91 -14.09 26.44
CA TRP A 72 22.78 -13.89 27.35
C TRP A 72 23.09 -13.22 28.69
N ALA A 73 22.11 -12.46 29.19
CA ALA A 73 22.12 -11.96 30.57
C ALA A 73 20.68 -11.94 31.10
N SER A 74 20.51 -12.16 32.40
CA SER A 74 19.20 -12.08 33.02
C SER A 74 18.77 -10.61 33.12
N CYS A 75 17.47 -10.39 33.04
CA CYS A 75 16.91 -9.03 33.09
C CYS A 75 16.40 -8.68 34.48
N ASN A 76 16.76 -9.49 35.49
CA ASN A 76 16.43 -9.19 36.89
C ASN A 76 17.46 -9.80 37.85
N ILE A 77 17.73 -9.11 38.94
CA ILE A 77 18.82 -9.49 39.85
C ILE A 77 18.62 -10.83 40.59
N PHE A 78 17.37 -11.16 40.90
CA PHE A 78 17.05 -12.39 41.63
C PHE A 78 16.28 -13.44 40.81
N SER A 79 16.25 -13.33 39.48
CA SER A 79 15.38 -14.21 38.67
C SER A 79 16.12 -15.45 38.11
N THR A 80 17.44 -15.35 37.99
CA THR A 80 18.24 -16.48 37.51
C THR A 80 18.04 -17.74 38.34
N GLN A 81 17.99 -18.87 37.64
CA GLN A 81 18.01 -20.18 38.27
C GLN A 81 19.41 -20.73 38.02
N ASP A 82 20.22 -20.85 39.07
CA ASP A 82 21.67 -21.06 38.94
C ASP A 82 22.05 -22.35 38.21
N HIS A 83 21.23 -23.39 38.35
CA HIS A 83 21.42 -24.63 37.60
C HIS A 83 21.03 -24.49 36.13
N ALA A 84 20.14 -23.54 35.83
CA ALA A 84 19.80 -23.21 34.43
C ALA A 84 21.00 -22.60 33.71
N ALA A 85 21.60 -21.57 34.33
CA ALA A 85 22.77 -20.90 33.77
C ALA A 85 23.97 -21.84 33.66
N ALA A 86 24.16 -22.67 34.68
CA ALA A 86 25.27 -23.64 34.68
C ALA A 86 25.19 -24.65 33.50
N ALA A 87 23.97 -25.05 33.13
CA ALA A 87 23.76 -25.98 32.02
C ALA A 87 24.04 -25.34 30.67
N ILE A 88 23.54 -24.11 30.48
CA ILE A 88 23.76 -23.34 29.25
C ILE A 88 25.24 -22.99 29.10
N ALA A 89 25.88 -22.65 30.23
CA ALA A 89 27.29 -22.29 30.24
C ALA A 89 28.21 -23.47 29.85
N LYS A 90 27.84 -24.68 30.26
CA LYS A 90 28.61 -25.88 29.93
C LYS A 90 28.51 -26.20 28.43
N ARG A 91 27.29 -26.07 27.92
CA ARG A 91 26.94 -26.29 26.50
C ARG A 91 27.75 -25.40 25.54
N GLY A 92 28.37 -24.35 26.08
CA GLY A 92 29.25 -23.48 25.29
C GLY A 92 28.64 -22.12 24.98
N ILE A 93 27.42 -21.90 25.44
CA ILE A 93 26.73 -20.64 25.23
C ILE A 93 27.22 -19.64 26.28
N PRO A 94 27.61 -18.42 25.86
CA PRO A 94 28.10 -17.41 26.81
C PRO A 94 26.96 -16.83 27.63
N VAL A 95 26.97 -17.10 28.94
CA VAL A 95 25.92 -16.61 29.82
C VAL A 95 26.56 -15.88 31.01
N PHE A 96 25.99 -14.73 31.35
CA PHE A 96 26.41 -13.94 32.49
C PHE A 96 25.20 -13.70 33.39
N ALA A 97 25.05 -14.53 34.41
CA ALA A 97 23.83 -14.57 35.20
C ALA A 97 23.89 -15.49 36.43
N TRP A 98 23.61 -14.91 37.59
CA TRP A 98 23.48 -15.65 38.87
C TRP A 98 22.37 -15.04 39.73
N LYS A 99 21.81 -15.85 40.62
CA LYS A 99 20.77 -15.37 41.56
C LYS A 99 21.45 -14.44 42.57
N GLY A 100 21.02 -13.18 42.61
CA GLY A 100 21.54 -12.20 43.57
C GLY A 100 22.64 -11.30 43.02
N GLU A 101 22.49 -10.87 41.78
CA GLU A 101 23.34 -9.84 41.20
C GLU A 101 23.09 -8.51 41.92
N THR A 102 24.16 -7.77 42.21
CA THR A 102 24.04 -6.37 42.64
C THR A 102 23.67 -5.56 41.42
N GLU A 103 23.41 -4.27 41.61
CA GLU A 103 23.09 -3.41 40.47
C GLU A 103 24.32 -3.20 39.58
N GLU A 104 25.51 -3.16 40.18
CA GLU A 104 26.77 -3.07 39.42
C GLU A 104 26.96 -4.29 38.55
N GLU A 105 26.87 -5.46 39.18
CA GLU A 105 27.07 -6.75 38.51
C GLU A 105 26.07 -6.99 37.39
N TYR A 106 24.81 -6.64 37.64
CA TYR A 106 23.75 -6.71 36.63
C TYR A 106 24.13 -5.93 35.39
N MET A 107 24.74 -4.77 35.60
CA MET A 107 25.11 -3.87 34.51
C MET A 107 26.26 -4.45 33.70
N TRP A 108 27.25 -5.00 34.39
CA TRP A 108 28.37 -5.62 33.71
C TRP A 108 27.89 -6.75 32.79
N CYS A 109 27.04 -7.63 33.30
CA CYS A 109 26.57 -8.79 32.53
C CYS A 109 25.96 -8.39 31.18
N MET A 110 25.20 -7.30 31.15
CA MET A 110 24.52 -6.84 29.93
C MET A 110 25.50 -6.38 28.87
N LYS A 111 26.53 -5.66 29.32
CA LYS A 111 27.59 -5.19 28.42
C LYS A 111 28.41 -6.33 27.83
N GLN A 112 28.53 -7.44 28.56
CA GLN A 112 29.21 -8.64 28.03
C GLN A 112 28.52 -9.21 26.79
N THR A 113 27.19 -9.14 26.76
CA THR A 113 26.41 -9.67 25.64
C THR A 113 26.53 -8.84 24.34
N LEU A 114 27.14 -7.66 24.41
CA LEU A 114 27.25 -6.77 23.26
C LEU A 114 28.64 -6.80 22.62
N LYS A 115 29.50 -7.69 23.12
CA LYS A 115 30.82 -7.93 22.53
C LYS A 115 31.05 -9.42 22.35
N GLY A 116 32.15 -9.76 21.68
CA GLY A 116 32.60 -11.15 21.60
C GLY A 116 31.86 -12.02 20.62
N PHE A 117 31.12 -11.41 19.69
CA PHE A 117 30.57 -12.14 18.55
C PHE A 117 31.70 -12.32 17.52
N SER A 118 31.41 -12.95 16.38
CA SER A 118 32.42 -13.12 15.35
C SER A 118 32.43 -11.91 14.43
N GLY A 119 33.56 -11.68 13.76
CA GLY A 119 33.83 -10.41 13.07
C GLY A 119 34.21 -9.41 14.14
N ASP A 120 34.18 -8.11 13.83
CA ASP A 120 34.14 -7.10 14.89
C ASP A 120 32.75 -7.25 15.43
N GLY A 121 32.56 -8.41 16.06
CA GLY A 121 31.28 -9.00 16.27
C GLY A 121 30.47 -8.24 17.28
N TYR A 122 29.77 -7.24 16.77
CA TYR A 122 28.78 -6.57 17.54
C TYR A 122 27.47 -7.23 17.11
N PRO A 123 26.56 -7.46 18.07
CA PRO A 123 25.28 -8.06 17.72
C PRO A 123 24.62 -7.39 16.52
N ASN A 124 23.75 -8.13 15.84
CA ASN A 124 22.91 -7.56 14.80
C ASN A 124 21.43 -7.67 15.16
N MET A 125 21.16 -8.15 16.37
CA MET A 125 19.81 -8.42 16.83
C MET A 125 19.73 -8.27 18.34
N LEU A 126 18.57 -7.86 18.83
CA LEU A 126 18.26 -7.79 20.26
C LEU A 126 17.00 -8.60 20.60
N LEU A 127 17.01 -9.18 21.80
CA LEU A 127 15.85 -9.90 22.32
C LEU A 127 15.69 -9.43 23.77
N ASP A 128 14.61 -8.71 24.04
CA ASP A 128 14.53 -7.90 25.27
C ASP A 128 13.29 -8.24 26.11
N ASP A 129 13.43 -8.10 27.43
CA ASP A 129 12.34 -8.26 28.39
C ASP A 129 12.48 -7.12 29.39
N GLY A 130 11.69 -6.07 29.20
CA GLY A 130 11.70 -4.94 30.13
C GLY A 130 12.21 -3.64 29.54
N GLY A 131 12.98 -3.73 28.46
CA GLY A 131 13.44 -2.55 27.73
C GLY A 131 14.86 -2.10 28.02
N ASP A 132 15.46 -2.62 29.10
CA ASP A 132 16.75 -2.13 29.59
C ASP A 132 17.87 -2.28 28.55
N LEU A 133 17.91 -3.42 27.88
CA LEU A 133 18.93 -3.68 26.83
C LEU A 133 18.75 -2.72 25.66
N THR A 134 17.50 -2.58 25.21
CA THR A 134 17.12 -1.62 24.19
C THR A 134 17.57 -0.22 24.56
N ASN A 135 17.30 0.18 25.80
CA ASN A 135 17.73 1.50 26.31
C ASN A 135 19.23 1.66 26.27
N TYR A 136 19.95 0.66 26.79
CA TYR A 136 21.41 0.72 26.84
C TYR A 136 22.05 0.79 25.44
N VAL A 137 21.58 -0.05 24.52
CA VAL A 137 22.12 -0.09 23.15
C VAL A 137 21.88 1.22 22.40
N LEU A 138 20.65 1.71 22.47
CA LEU A 138 20.23 2.88 21.70
C LEU A 138 20.74 4.18 22.32
N ASP A 139 20.67 4.29 23.65
CA ASP A 139 21.10 5.52 24.35
C ASP A 139 22.59 5.59 24.66
N GLU A 140 23.30 4.45 24.71
CA GLU A 140 24.66 4.44 25.27
C GLU A 140 25.77 3.66 24.55
N CYS A 141 25.44 2.94 23.47
CA CYS A 141 26.47 2.23 22.68
C CYS A 141 26.51 2.76 21.26
N GLU A 143 30.19 0.91 19.57
CA GLU A 143 29.00 1.53 19.02
C GLU A 143 28.23 0.60 18.07
N LEU A 144 26.92 0.51 18.31
CA LEU A 144 26.04 -0.39 17.56
C LEU A 144 25.06 0.35 16.61
N ASP A 145 25.27 1.66 16.44
CA ASP A 145 24.37 2.54 15.66
C ASP A 145 23.95 1.99 14.29
N GLY A 146 24.91 1.48 13.52
CA GLY A 146 24.57 0.89 12.22
C GLY A 146 24.30 -0.61 12.22
N LYS A 147 24.26 -1.25 13.40
CA LYS A 147 24.48 -2.70 13.47
C LYS A 147 23.31 -3.59 13.91
N ILE A 148 22.18 -3.03 14.32
CA ILE A 148 21.08 -3.84 14.85
C ILE A 148 19.88 -3.82 13.90
N TYR A 149 19.42 -5.01 13.52
CA TYR A 149 18.34 -5.15 12.54
C TYR A 149 16.96 -5.28 13.16
N GLY A 150 16.90 -5.29 14.47
CA GLY A 150 15.65 -5.53 15.16
C GLY A 150 15.86 -5.77 16.63
N VAL A 151 14.76 -5.59 17.36
CA VAL A 151 14.65 -6.00 18.76
C VAL A 151 13.27 -6.64 18.93
N SER A 152 13.21 -7.77 19.64
CA SER A 152 11.93 -8.37 20.05
C SER A 152 11.71 -8.12 21.53
N GLU A 153 10.55 -7.59 21.89
CA GLU A 153 10.28 -7.17 23.27
C GLU A 153 9.19 -8.01 23.95
N GLU A 154 9.57 -8.64 25.08
CA GLU A 154 8.78 -9.67 25.76
C GLU A 154 7.61 -9.17 26.66
N THR A 155 7.81 -8.05 27.35
CA THR A 155 6.84 -7.63 28.37
C THR A 155 6.21 -6.25 28.19
N THR A 156 5.11 -6.07 28.91
CA THR A 156 4.26 -4.90 28.81
C THR A 156 5.02 -3.62 29.11
N THR A 157 5.87 -3.70 30.14
CA THR A 157 6.67 -2.55 30.59
C THR A 157 7.71 -2.18 29.54
N GLY A 158 8.35 -3.19 28.97
CA GLY A 158 9.33 -2.99 27.90
C GLY A 158 8.71 -2.46 26.63
N VAL A 159 7.55 -3.01 26.27
CA VAL A 159 6.80 -2.52 25.12
C VAL A 159 6.32 -1.08 25.34
N LYS A 160 5.83 -0.77 26.55
CA LYS A 160 5.47 0.61 26.89
C LYS A 160 6.59 1.60 26.54
N ASN A 161 7.83 1.26 26.90
CA ASN A 161 8.99 2.08 26.50
C ASN A 161 9.15 2.20 24.99
N LEU A 162 8.95 1.11 24.26
CA LEU A 162 9.11 1.15 22.80
C LEU A 162 8.15 2.15 22.16
N TYR A 163 6.92 2.18 22.66
CA TYR A 163 5.92 3.12 22.16
C TYR A 163 6.23 4.56 22.60
N LYS A 164 6.78 4.73 23.82
CA LYS A 164 7.29 6.04 24.25
C LYS A 164 8.42 6.54 23.36
N ARG A 165 9.33 5.64 22.98
CA ARG A 165 10.44 6.02 22.09
C ARG A 165 9.96 6.38 20.70
N LEU A 166 9.16 5.50 20.08
CA LEU A 166 8.59 5.75 18.74
C LEU A 166 7.87 7.11 18.66
N GLN A 167 7.16 7.42 19.74
CA GLN A 167 6.42 8.67 19.93
C GLN A 167 7.34 9.89 19.99
N ARG A 168 8.51 9.68 20.58
CA ARG A 168 9.52 10.72 20.80
C ARG A 168 10.50 10.86 19.62
N GLY A 169 10.33 10.00 18.61
CA GLY A 169 11.18 10.05 17.42
C GLY A 169 12.55 9.44 17.68
N LYS A 170 12.63 8.57 18.69
CA LYS A 170 13.89 7.97 19.11
C LYS A 170 13.95 6.44 18.85
N LEU A 171 12.96 5.88 18.18
CA LEU A 171 13.05 4.46 17.80
C LEU A 171 13.82 4.41 16.49
N THR A 172 15.00 3.79 16.51
CA THR A 172 15.86 3.68 15.32
C THR A 172 15.86 2.24 14.77
N ILE A 173 15.74 1.25 15.65
CA ILE A 173 15.75 -0.15 15.23
C ILE A 173 14.32 -0.69 15.23
N PRO A 174 13.95 -1.49 14.20
CA PRO A 174 12.58 -2.03 14.18
C PRO A 174 12.33 -2.90 15.38
N ALA A 175 11.13 -2.79 15.94
CA ALA A 175 10.73 -3.51 17.15
C ALA A 175 9.49 -4.36 16.87
N MET A 176 9.54 -5.62 17.28
CA MET A 176 8.37 -6.49 17.25
C MET A 176 7.88 -6.60 18.67
N ASN A 177 6.64 -6.18 18.89
CA ASN A 177 5.94 -6.31 20.17
C ASN A 177 5.48 -7.74 20.39
N VAL A 178 6.23 -8.48 21.20
CA VAL A 178 5.90 -9.87 21.49
C VAL A 178 4.84 -9.99 22.62
N ASN A 179 4.98 -9.17 23.68
CA ASN A 179 3.97 -9.15 24.76
C ASN A 179 2.56 -9.12 24.20
N ASP A 180 2.33 -8.34 23.14
CA ASP A 180 0.96 -8.16 22.65
C ASP A 180 0.50 -9.14 21.56
N SER A 181 1.31 -10.15 21.27
CA SER A 181 0.77 -11.37 20.66
C SER A 181 -0.32 -11.87 21.59
N VAL A 182 -1.42 -12.38 21.04
CA VAL A 182 -2.49 -12.95 21.90
C VAL A 182 -1.99 -14.16 22.68
N THR A 183 -1.17 -14.98 22.03
CA THR A 183 -0.71 -16.25 22.63
C THR A 183 0.38 -16.00 23.69
N LYS A 184 0.77 -14.74 23.87
CA LYS A 184 1.62 -14.33 24.99
C LYS A 184 0.75 -13.63 26.06
N SER A 185 0.31 -12.41 25.77
CA SER A 185 -0.45 -11.56 26.71
C SER A 185 -1.68 -12.24 27.40
N LYS A 186 -2.46 -13.01 26.65
CA LYS A 186 -3.65 -13.64 27.20
C LYS A 186 -3.37 -15.05 27.79
N PHE A 187 -2.10 -15.44 27.82
CA PHE A 187 -1.67 -16.74 28.29
C PHE A 187 -0.62 -16.65 29.41
N ASP A 188 0.57 -16.21 29.04
CA ASP A 188 1.67 -15.98 29.97
C ASP A 188 1.27 -14.99 31.08
N ASN A 189 0.81 -13.81 30.68
CA ASN A 189 0.53 -12.74 31.63
C ASN A 189 -0.58 -13.17 32.57
N LEU A 190 -1.52 -13.96 32.03
CA LEU A 190 -2.75 -14.35 32.71
C LEU A 190 -2.58 -15.67 33.45
N TYR A 191 -2.45 -16.76 32.70
CA TYR A 191 -2.38 -18.11 33.30
C TYR A 191 -1.05 -18.37 34.00
N GLY A 192 0.03 -17.79 33.49
CA GLY A 192 1.35 -17.89 34.09
C GLY A 192 1.32 -17.36 35.51
N CYS A 193 0.84 -16.13 35.67
CA CYS A 193 0.73 -15.49 36.97
C CYS A 193 -0.29 -16.17 37.85
N ARG A 194 -1.33 -16.76 37.27
CA ARG A 194 -2.32 -17.48 38.08
C ARG A 194 -1.69 -18.64 38.88
N GLU A 195 -0.62 -19.23 38.37
CA GLU A 195 0.09 -20.31 39.08
C GLU A 195 1.38 -19.86 39.80
N SER A 196 2.18 -19.02 39.13
CA SER A 196 3.49 -18.58 39.64
C SER A 196 3.46 -17.50 40.78
N LEU A 197 2.35 -16.78 40.95
CA LEU A 197 2.24 -15.80 42.06
C LEU A 197 2.15 -16.46 43.42
N VAL A 198 1.17 -17.36 43.60
CA VAL A 198 0.99 -18.04 44.88
C VAL A 198 2.19 -18.97 45.17
N ASP A 199 2.79 -19.49 44.11
CA ASP A 199 4.05 -20.24 44.16
C ASP A 199 5.15 -19.42 44.86
N GLY A 200 5.31 -18.16 44.43
CA GLY A 200 6.31 -17.26 45.02
C GLY A 200 6.02 -16.93 46.48
N ILE A 201 4.76 -16.56 46.75
CA ILE A 201 4.28 -16.26 48.10
C ILE A 201 4.48 -17.45 49.06
N LYS A 202 4.05 -18.64 48.63
CA LYS A 202 4.09 -19.82 49.51
C LYS A 202 5.48 -20.38 49.73
N ARG A 203 6.28 -20.41 48.67
CA ARG A 203 7.66 -20.83 48.83
C ARG A 203 8.34 -19.87 49.78
N ALA A 204 7.98 -18.60 49.68
CA ALA A 204 8.54 -17.56 50.54
C ALA A 204 8.12 -17.68 52.00
N THR A 205 6.81 -17.78 52.23
CA THR A 205 6.22 -17.62 53.57
C THR A 205 5.45 -18.84 54.11
N ASP A 206 5.09 -19.77 53.23
CA ASP A 206 4.30 -20.94 53.61
C ASP A 206 2.91 -20.51 54.13
N VAL A 207 2.49 -19.28 53.82
CA VAL A 207 1.28 -18.69 54.40
C VAL A 207 -0.01 -19.23 53.78
N MET A 208 -1.03 -19.35 54.62
CA MET A 208 -2.34 -19.76 54.12
C MET A 208 -2.99 -18.61 53.35
N ILE A 209 -3.55 -18.93 52.19
CA ILE A 209 -4.24 -17.96 51.37
C ILE A 209 -5.69 -17.93 51.77
N ALA A 210 -6.30 -19.11 51.82
CA ALA A 210 -7.67 -19.25 52.30
C ALA A 210 -7.96 -18.42 53.54
N GLY A 211 -9.05 -17.65 53.49
CA GLY A 211 -9.47 -16.89 54.64
C GLY A 211 -8.90 -15.49 54.72
N LYS A 212 -7.88 -15.17 53.93
CA LYS A 212 -7.18 -13.89 54.05
C LYS A 212 -7.84 -12.85 53.16
N THR A 213 -7.57 -11.58 53.47
CA THR A 213 -7.96 -10.46 52.64
C THR A 213 -6.71 -10.09 51.83
N ALA A 214 -6.84 -10.12 50.50
CA ALA A 214 -5.73 -9.76 49.62
C ALA A 214 -6.09 -8.57 48.73
N CYS A 215 -5.22 -7.57 48.71
CA CYS A 215 -5.40 -6.39 47.87
C CYS A 215 -4.56 -6.59 46.62
N VAL A 216 -5.23 -6.81 45.50
CA VAL A 216 -4.52 -6.83 44.23
C VAL A 216 -4.59 -5.45 43.58
N CYS A 217 -3.43 -4.84 43.33
CA CYS A 217 -3.37 -3.51 42.77
C CYS A 217 -3.14 -3.58 41.27
N GLY A 218 -4.16 -3.19 40.52
CA GLY A 218 -4.17 -3.40 39.09
C GLY A 218 -4.88 -4.69 38.70
N TYR A 219 -5.53 -4.62 37.55
CA TYR A 219 -6.42 -5.66 37.06
C TYR A 219 -6.28 -5.66 35.56
N GLY A 220 -5.05 -5.75 35.10
CA GLY A 220 -4.75 -6.02 33.69
C GLY A 220 -4.61 -7.53 33.54
N ASP A 221 -3.87 -7.98 32.53
CA ASP A 221 -3.71 -9.43 32.33
C ASP A 221 -3.04 -10.10 33.54
N VAL A 222 -1.99 -9.47 34.09
CA VAL A 222 -1.33 -9.99 35.30
C VAL A 222 -2.25 -9.90 36.56
N GLY A 223 -2.88 -8.74 36.76
CA GLY A 223 -3.83 -8.57 37.85
C GLY A 223 -4.99 -9.56 37.80
N LYS A 224 -5.50 -9.83 36.60
CA LYS A 224 -6.58 -10.82 36.44
C LYS A 224 -6.16 -12.21 36.95
N GLY A 225 -4.93 -12.60 36.59
CA GLY A 225 -4.38 -13.90 36.95
C GLY A 225 -4.14 -14.05 38.42
N CYS A 226 -3.51 -13.04 39.02
CA CYS A 226 -3.23 -13.06 40.48
C CYS A 226 -4.49 -13.12 41.32
N ALA A 227 -5.48 -12.29 40.98
CA ALA A 227 -6.74 -12.27 41.73
C ALA A 227 -7.41 -13.63 41.66
N ALA A 228 -7.53 -14.16 40.45
CA ALA A 228 -8.05 -15.52 40.21
C ALA A 228 -7.34 -16.57 41.08
N ALA A 229 -6.02 -16.48 41.18
CA ALA A 229 -5.22 -17.49 41.91
C ALA A 229 -5.55 -17.44 43.40
N LEU A 230 -5.54 -16.22 43.92
CA LEU A 230 -5.81 -15.98 45.35
C LEU A 230 -7.21 -16.38 45.73
N ARG A 231 -8.16 -15.92 44.93
CA ARG A 231 -9.57 -16.32 45.08
C ARG A 231 -9.78 -17.86 44.99
N GLY A 232 -9.03 -18.52 44.11
CA GLY A 232 -9.13 -19.98 43.97
C GLY A 232 -8.81 -20.73 45.25
N PHE A 233 -8.00 -20.11 46.09
CA PHE A 233 -7.62 -20.68 47.38
C PHE A 233 -8.41 -20.14 48.56
N GLY A 234 -9.46 -19.38 48.31
CA GLY A 234 -10.34 -18.90 49.38
C GLY A 234 -9.95 -17.56 49.96
N ALA A 235 -9.05 -16.84 49.29
CA ALA A 235 -8.79 -15.43 49.65
C ALA A 235 -9.98 -14.57 49.24
N ARG A 236 -10.23 -13.54 50.02
CA ARG A 236 -11.17 -12.51 49.62
C ARG A 236 -10.30 -11.45 49.03
N VAL A 237 -10.47 -11.26 47.73
CA VAL A 237 -9.62 -10.37 46.97
C VAL A 237 -10.34 -9.06 46.74
N VAL A 238 -9.64 -7.94 46.97
CA VAL A 238 -10.14 -6.61 46.60
C VAL A 238 -9.15 -6.04 45.59
N VAL A 239 -9.66 -5.25 44.67
CA VAL A 239 -8.86 -4.81 43.52
C VAL A 239 -8.81 -3.28 43.48
N THR A 240 -7.66 -2.75 43.07
CA THR A 240 -7.54 -1.31 42.79
C THR A 240 -7.31 -1.13 41.30
N GLU A 241 -7.89 -0.07 40.73
CA GLU A 241 -7.72 0.24 39.30
C GLU A 241 -7.92 1.72 39.05
N VAL A 242 -7.18 2.22 38.05
CA VAL A 242 -7.35 3.58 37.52
C VAL A 242 -8.19 3.60 36.24
N ASP A 243 -8.34 2.43 35.61
CA ASP A 243 -9.06 2.28 34.37
C ASP A 243 -10.47 1.77 34.67
N PRO A 244 -11.52 2.56 34.30
CA PRO A 244 -12.92 2.19 34.54
C PRO A 244 -13.37 0.90 33.84
N ILE A 245 -12.79 0.58 32.69
CA ILE A 245 -13.12 -0.69 31.99
C ILE A 245 -12.62 -1.92 32.79
N ASN A 246 -11.31 -1.93 33.10
CA ASN A 246 -10.72 -2.96 33.96
C ASN A 246 -11.39 -3.06 35.34
N ALA A 247 -11.77 -1.90 35.89
CA ALA A 247 -12.50 -1.83 37.13
C ALA A 247 -13.90 -2.50 37.01
N LEU A 248 -14.61 -2.24 35.92
CA LEU A 248 -15.94 -2.83 35.73
C LEU A 248 -15.78 -4.35 35.55
N GLN A 249 -14.75 -4.78 34.82
CA GLN A 249 -14.44 -6.25 34.72
C GLN A 249 -14.26 -6.88 36.11
N ALA A 250 -13.43 -6.26 36.96
CA ALA A 250 -13.19 -6.83 38.30
C ALA A 250 -14.47 -6.84 39.15
N ALA A 251 -15.24 -5.75 39.08
CA ALA A 251 -16.50 -5.66 39.80
C ALA A 251 -17.44 -6.78 39.31
N MET A 252 -17.48 -6.98 37.99
CA MET A 252 -18.39 -7.95 37.39
C MET A 252 -17.99 -9.41 37.63
N GLU A 253 -16.74 -9.62 38.03
CA GLU A 253 -16.23 -10.94 38.44
C GLU A 253 -16.39 -11.25 39.93
N GLY A 254 -16.93 -10.33 40.73
CA GLY A 254 -17.19 -10.65 42.15
C GLY A 254 -16.23 -9.97 43.09
N TYR A 255 -15.37 -9.09 42.58
CA TYR A 255 -14.38 -8.43 43.44
C TYR A 255 -14.74 -7.01 43.82
N GLN A 256 -14.52 -6.65 45.09
CA GLN A 256 -14.62 -5.24 45.51
C GLN A 256 -13.55 -4.42 44.82
N VAL A 257 -13.92 -3.32 44.20
CA VAL A 257 -12.94 -2.41 43.65
C VAL A 257 -12.92 -1.22 44.58
N LEU A 258 -11.74 -0.97 45.17
CA LEU A 258 -11.57 0.10 46.15
C LEU A 258 -10.18 0.71 46.02
N LEU A 259 -9.89 1.64 46.93
CA LEU A 259 -8.60 2.31 46.96
C LEU A 259 -7.72 1.56 47.93
N VAL A 260 -6.41 1.52 47.71
CA VAL A 260 -5.50 0.88 48.66
C VAL A 260 -5.79 1.32 50.11
N GLU A 261 -6.06 2.62 50.28
CA GLU A 261 -6.30 3.20 51.60
C GLU A 261 -7.56 2.63 52.29
N ASP A 262 -8.50 2.10 51.49
CA ASP A 262 -9.74 1.53 52.05
C ASP A 262 -9.50 0.16 52.72
N VAL A 263 -8.47 -0.56 52.28
CA VAL A 263 -8.18 -1.89 52.81
C VAL A 263 -6.78 -1.97 53.47
N VAL A 264 -5.99 -0.89 53.41
CA VAL A 264 -4.59 -0.98 53.87
C VAL A 264 -4.42 -1.46 55.34
N GLU A 265 -5.40 -1.19 56.20
CA GLU A 265 -5.30 -1.56 57.62
C GLU A 265 -5.69 -3.02 57.92
N GLU A 266 -6.43 -3.65 57.00
CA GLU A 266 -6.98 -5.02 57.21
C GLU A 266 -6.43 -6.11 56.28
N ALA A 267 -5.85 -5.71 55.15
CA ALA A 267 -5.32 -6.68 54.17
C ALA A 267 -4.11 -7.44 54.75
N HIS A 268 -4.13 -8.77 54.61
CA HIS A 268 -2.98 -9.62 55.02
C HIS A 268 -1.91 -9.73 53.90
N ILE A 269 -2.35 -9.43 52.67
CA ILE A 269 -1.56 -9.62 51.46
C ILE A 269 -1.84 -8.48 50.47
N PHE A 270 -0.78 -7.84 50.01
CA PHE A 270 -0.81 -6.81 48.97
C PHE A 270 -0.03 -7.32 47.76
N VAL A 271 -0.65 -7.35 46.58
CA VAL A 271 0.06 -7.67 45.35
C VAL A 271 -0.06 -6.50 44.38
N THR A 272 1.08 -6.06 43.84
CA THR A 272 1.13 -4.94 42.88
C THR A 272 1.43 -5.47 41.47
N THR A 273 0.52 -5.18 40.56
CA THR A 273 0.58 -5.78 39.21
C THR A 273 0.46 -4.70 38.12
N THR A 274 0.84 -3.45 38.45
CA THR A 274 0.42 -2.31 37.62
C THR A 274 1.34 -1.98 36.46
N GLY A 275 2.64 -2.21 36.64
CA GLY A 275 3.65 -1.66 35.73
C GLY A 275 3.86 -0.16 35.94
N ASN A 276 3.55 0.30 37.15
CA ASN A 276 3.59 1.73 37.49
C ASN A 276 4.32 1.94 38.83
N ASP A 277 4.80 3.15 39.10
CA ASP A 277 5.50 3.40 40.35
C ASP A 277 4.64 3.94 41.48
N ASP A 278 5.10 3.70 42.70
CA ASP A 278 4.52 4.28 43.89
C ASP A 278 3.05 3.94 44.06
N ILE A 279 2.78 2.63 44.10
CA ILE A 279 1.46 2.10 44.36
C ILE A 279 1.33 1.90 45.86
N ILE A 280 2.33 1.25 46.46
CA ILE A 280 2.40 0.94 47.89
C ILE A 280 3.53 1.82 48.43
N THR A 281 3.15 2.84 49.19
CA THR A 281 4.04 3.94 49.52
C THR A 281 4.23 4.15 51.03
N SER A 282 5.06 5.15 51.35
CA SER A 282 5.25 5.64 52.71
C SER A 282 3.98 5.98 53.49
N GLU A 283 2.89 6.30 52.80
CA GLU A 283 1.60 6.52 53.48
C GLU A 283 0.84 5.24 53.82
N HIS A 284 1.23 4.12 53.20
CA HIS A 284 0.52 2.84 53.42
C HIS A 284 1.19 1.97 54.48
N PHE A 285 2.52 1.92 54.40
CA PHE A 285 3.31 1.01 55.22
C PHE A 285 3.07 1.08 56.72
N PRO A 286 3.01 2.31 57.29
CA PRO A 286 2.81 2.39 58.74
C PRO A 286 1.40 2.03 59.19
N ARG A 287 0.49 1.80 58.24
CA ARG A 287 -0.89 1.53 58.56
C ARG A 287 -1.21 0.04 58.55
N MET A 288 -0.28 -0.77 58.05
CA MET A 288 -0.53 -2.19 57.79
C MET A 288 -0.58 -3.04 59.06
N ARG A 289 -1.43 -4.05 59.02
CA ARG A 289 -1.51 -5.00 60.11
C ARG A 289 -0.21 -5.80 60.27
N ASP A 290 -0.06 -6.39 61.44
CA ASP A 290 1.16 -7.08 61.79
C ASP A 290 1.33 -8.28 60.85
N ASP A 291 2.56 -8.42 60.33
CA ASP A 291 2.98 -9.46 59.39
C ASP A 291 2.26 -9.46 58.05
N ALA A 292 1.69 -8.32 57.67
CA ALA A 292 1.21 -8.08 56.32
C ALA A 292 2.28 -8.47 55.30
N ILE A 293 1.89 -9.26 54.31
CA ILE A 293 2.78 -9.68 53.25
C ILE A 293 2.64 -8.76 52.06
N VAL A 294 3.73 -8.10 51.68
CA VAL A 294 3.76 -7.18 50.56
C VAL A 294 4.67 -7.72 49.45
N CYS A 295 4.15 -7.77 48.23
CA CYS A 295 4.97 -8.17 47.09
C CYS A 295 4.54 -7.54 45.78
N ASN A 296 5.44 -7.62 44.81
CA ASN A 296 5.25 -7.11 43.47
C ASN A 296 5.53 -8.20 42.44
N ILE A 297 4.70 -8.24 41.40
CA ILE A 297 4.90 -9.14 40.28
C ILE A 297 4.96 -8.31 38.98
N GLY A 298 4.98 -6.99 39.10
CA GLY A 298 5.23 -6.09 37.97
C GLY A 298 6.72 -6.06 37.63
N HIS A 299 7.06 -5.54 36.45
CA HIS A 299 8.43 -5.66 35.98
C HIS A 299 9.47 -5.06 36.95
N PHE A 300 9.34 -3.77 37.28
CA PHE A 300 10.26 -3.13 38.24
C PHE A 300 9.71 -3.08 39.66
N ASP A 301 10.64 -3.12 40.62
CA ASP A 301 10.33 -3.10 42.05
C ASP A 301 9.72 -1.79 42.62
N THR A 302 9.82 -0.68 41.87
CA THR A 302 9.42 0.64 42.39
C THR A 302 7.88 0.89 42.42
N GLU A 303 7.10 -0.16 42.23
CA GLU A 303 5.66 -0.13 42.58
C GLU A 303 5.55 -0.02 44.11
N ILE A 304 6.52 -0.63 44.81
CA ILE A 304 6.66 -0.53 46.26
C ILE A 304 7.80 0.42 46.61
N GLN A 305 7.56 1.34 47.54
CA GLN A 305 8.60 2.21 48.04
C GLN A 305 9.47 1.44 49.03
N VAL A 306 10.34 0.59 48.50
CA VAL A 306 11.18 -0.26 49.34
C VAL A 306 12.30 0.53 50.02
N ALA A 307 12.90 1.47 49.29
CA ALA A 307 13.92 2.37 49.87
C ALA A 307 13.40 3.08 51.13
N TRP A 308 12.16 3.56 51.08
CA TRP A 308 11.55 4.23 52.25
C TRP A 308 11.40 3.23 53.38
N LEU A 309 10.81 2.06 53.07
CA LEU A 309 10.69 0.96 54.01
C LEU A 309 12.02 0.66 54.73
N LYS A 310 13.10 0.57 53.95
CA LYS A 310 14.42 0.24 54.48
C LYS A 310 14.96 1.37 55.32
N ALA A 311 14.78 2.60 54.82
CA ALA A 311 15.21 3.80 55.55
C ALA A 311 14.48 4.01 56.89
N ASN A 312 13.22 3.57 56.98
CA ASN A 312 12.36 3.92 58.13
C ASN A 312 11.96 2.77 59.06
N ALA A 313 12.29 1.53 58.69
CA ALA A 313 12.10 0.39 59.58
C ALA A 313 13.05 0.52 60.78
N LYS A 314 12.55 0.17 61.97
CA LYS A 314 13.38 0.07 63.17
C LYS A 314 14.29 -1.17 63.08
N GLU A 315 13.70 -2.30 62.66
CA GLU A 315 14.40 -3.57 62.51
C GLU A 315 14.13 -4.21 61.15
N ARG A 316 15.14 -4.87 60.60
CA ARG A 316 14.98 -5.75 59.44
C ARG A 316 15.63 -7.09 59.77
N VAL A 317 14.93 -8.18 59.43
CA VAL A 317 15.41 -9.53 59.67
C VAL A 317 15.26 -10.36 58.38
N GLU A 318 16.27 -11.18 58.07
CA GLU A 318 16.17 -12.12 56.95
C GLU A 318 15.67 -13.45 57.49
N VAL A 319 14.40 -13.74 57.19
CA VAL A 319 13.83 -15.01 57.56
C VAL A 319 14.61 -16.05 56.75
N LYS A 320 14.61 -15.86 55.43
CA LYS A 320 15.50 -16.57 54.51
C LYS A 320 15.74 -15.66 53.30
N PRO A 321 16.67 -16.04 52.40
CA PRO A 321 16.90 -15.19 51.22
C PRO A 321 15.61 -14.75 50.49
N GLN A 322 15.52 -13.45 50.21
CA GLN A 322 14.40 -12.84 49.47
C GLN A 322 13.09 -12.77 50.30
N VAL A 323 13.20 -13.00 51.62
CA VAL A 323 12.09 -12.83 52.55
C VAL A 323 12.58 -11.98 53.74
N ASP A 324 12.29 -10.69 53.68
CA ASP A 324 12.75 -9.76 54.70
C ASP A 324 11.57 -9.25 55.53
N ARG A 325 11.70 -9.40 56.86
CA ARG A 325 10.67 -9.04 57.83
C ARG A 325 11.06 -7.75 58.56
N TYR A 326 10.31 -6.68 58.28
CA TYR A 326 10.61 -5.37 58.85
C TYR A 326 9.76 -5.14 60.09
N THR A 327 10.39 -4.59 61.14
CA THR A 327 9.67 -4.03 62.29
C THR A 327 9.59 -2.52 62.14
N MET A 328 8.36 -2.02 62.14
CA MET A 328 8.11 -0.59 61.99
C MET A 328 8.17 0.19 63.29
N ALA A 329 8.19 1.52 63.17
CA ALA A 329 8.19 2.42 64.33
C ALA A 329 7.07 2.01 65.30
N ASN A 330 5.94 1.56 64.75
CA ASN A 330 4.77 1.19 65.56
C ASN A 330 4.92 -0.14 66.33
N GLY A 331 6.01 -0.86 66.10
CA GLY A 331 6.23 -2.19 66.69
C GLY A 331 5.72 -3.34 65.85
N ARG A 332 4.86 -3.06 64.85
CA ARG A 332 4.30 -4.09 63.99
C ARG A 332 5.25 -4.41 62.84
N HIS A 333 5.04 -5.57 62.22
CA HIS A 333 5.93 -6.06 61.15
C HIS A 333 5.32 -6.04 59.75
N ILE A 334 6.19 -5.89 58.75
CA ILE A 334 5.82 -6.02 57.34
C ILE A 334 6.75 -7.05 56.73
N ILE A 335 6.18 -8.06 56.06
CA ILE A 335 6.96 -9.07 55.32
C ILE A 335 7.00 -8.67 53.85
N LEU A 336 8.19 -8.24 53.40
CA LEU A 336 8.45 -7.86 51.99
C LEU A 336 9.15 -9.00 51.25
N LEU A 337 8.68 -9.26 50.03
CA LEU A 337 9.17 -10.39 49.26
C LEU A 337 10.11 -9.92 48.13
N ALA A 338 11.30 -10.53 48.08
CA ALA A 338 12.26 -10.33 46.98
C ALA A 338 12.71 -8.88 46.82
N GLU A 339 12.64 -8.13 47.92
CA GLU A 339 12.92 -6.69 47.90
C GLU A 339 12.11 -5.92 46.84
N GLY A 340 10.86 -6.34 46.61
CA GLY A 340 9.99 -5.72 45.60
C GLY A 340 10.18 -6.22 44.18
N ARG A 341 11.19 -7.06 43.95
CA ARG A 341 11.42 -7.65 42.64
C ARG A 341 10.31 -8.65 42.34
N LEU A 342 10.09 -8.90 41.04
CA LEU A 342 9.10 -9.86 40.58
C LEU A 342 9.13 -11.04 41.55
N VAL A 343 8.02 -11.26 42.26
CA VAL A 343 7.98 -12.27 43.31
C VAL A 343 7.93 -13.71 42.75
N ASN A 344 7.28 -13.89 41.61
CA ASN A 344 7.20 -15.23 41.01
C ASN A 344 8.57 -15.74 40.60
N LEU A 345 9.39 -14.86 40.00
CA LEU A 345 10.73 -15.24 39.61
C LEU A 345 11.73 -15.11 40.76
N GLY A 346 11.45 -14.18 41.67
CA GLY A 346 12.31 -13.90 42.82
C GLY A 346 12.26 -14.94 43.93
N CYS A 347 11.05 -15.41 44.24
CA CYS A 347 10.87 -16.39 45.34
C CYS A 347 10.47 -17.79 44.89
N ALA A 348 10.35 -17.97 43.58
CA ALA A 348 9.99 -19.27 43.00
C ALA A 348 10.72 -19.42 41.67
N SER A 349 10.10 -20.12 40.71
CA SER A 349 10.75 -20.44 39.43
C SER A 349 10.13 -19.71 38.22
N GLY A 350 9.27 -18.74 38.47
CA GLY A 350 8.56 -18.09 37.38
C GLY A 350 7.47 -18.99 36.82
N HIS A 351 6.96 -18.62 35.64
CA HIS A 351 5.84 -19.34 35.08
C HIS A 351 6.33 -20.72 34.72
N PRO A 352 5.42 -21.69 34.76
CA PRO A 352 5.77 -23.01 34.29
C PRO A 352 6.20 -23.02 32.82
N SER A 353 6.95 -24.05 32.44
CA SER A 353 7.44 -24.27 31.08
C SER A 353 6.35 -24.20 30.03
N PHE A 354 5.22 -24.87 30.27
CA PHE A 354 4.21 -25.02 29.20
C PHE A 354 3.72 -23.67 28.66
N VAL A 355 3.44 -22.74 29.58
CA VAL A 355 3.05 -21.39 29.17
C VAL A 355 4.21 -20.60 28.57
N MET A 356 5.40 -20.72 29.14
CA MET A 356 6.59 -20.08 28.57
C MET A 356 6.94 -20.53 27.14
N SER A 357 6.41 -21.69 26.76
CA SER A 357 6.55 -22.20 25.40
C SER A 357 5.72 -21.36 24.43
N ASN A 358 4.55 -20.88 24.86
CA ASN A 358 3.71 -19.98 24.03
C ASN A 358 4.49 -18.67 23.76
N SER A 359 4.98 -18.07 24.84
CA SER A 359 5.70 -16.79 24.79
C SER A 359 6.98 -16.85 23.92
N PHE A 360 7.70 -17.95 24.04
CA PHE A 360 9.02 -18.07 23.49
C PHE A 360 9.01 -18.56 22.05
N CYS A 361 7.94 -19.27 21.68
CA CYS A 361 7.60 -19.48 20.27
C CYS A 361 7.42 -18.13 19.58
N ASN A 362 6.53 -17.29 20.11
CA ASN A 362 6.41 -15.88 19.63
C ASN A 362 7.77 -15.18 19.45
N GLN A 363 8.66 -15.36 20.43
CA GLN A 363 10.00 -14.74 20.38
C GLN A 363 10.87 -15.34 19.27
N VAL A 364 10.69 -16.62 18.99
CA VAL A 364 11.46 -17.28 17.92
C VAL A 364 10.95 -16.85 16.55
N LEU A 365 9.62 -16.83 16.39
CA LEU A 365 8.99 -16.41 15.14
C LEU A 365 9.13 -14.91 14.87
N ALA A 366 9.28 -14.12 15.94
CA ALA A 366 9.55 -12.68 15.82
C ALA A 366 11.00 -12.39 15.36
N GLN A 367 11.94 -13.10 15.96
CA GLN A 367 13.36 -13.03 15.56
C GLN A 367 13.59 -13.51 14.11
N ILE A 368 12.91 -14.60 13.76
CA ILE A 368 12.94 -15.12 12.38
C ILE A 368 12.36 -14.09 11.42
N GLU A 369 11.20 -13.54 11.76
CA GLU A 369 10.53 -12.54 10.92
C GLU A 369 11.40 -11.29 10.68
N LEU A 370 12.00 -10.77 11.75
CA LEU A 370 12.86 -9.58 11.68
C LEU A 370 14.16 -9.86 10.90
N TRP A 371 14.78 -10.99 11.20
CA TRP A 371 16.10 -11.31 10.67
C TRP A 371 16.06 -11.78 9.22
N THR A 372 15.09 -12.62 8.87
CA THR A 372 14.95 -13.09 7.50
C THR A 372 14.60 -11.95 6.53
N ASN A 373 13.91 -10.92 7.03
CA ASN A 373 13.56 -9.74 6.23
C ASN A 373 14.56 -8.60 6.44
N ARG A 374 15.80 -8.98 6.71
CA ARG A 374 16.87 -8.07 7.05
C ARG A 374 17.48 -7.49 5.78
N ASP A 375 17.15 -8.08 4.64
CA ASP A 375 17.55 -7.57 3.31
C ASP A 375 16.36 -7.67 2.34
N THR A 376 15.17 -7.46 2.87
CA THR A 376 13.93 -7.48 2.10
C THR A 376 13.32 -6.08 2.17
N GLY A 377 13.83 -5.28 3.11
CA GLY A 377 13.36 -3.91 3.33
C GLY A 377 11.96 -3.82 3.94
N LYS A 378 11.55 -4.82 4.72
CA LYS A 378 10.18 -4.89 5.24
C LYS A 378 10.08 -4.17 6.58
N TYR A 379 11.14 -4.26 7.37
CA TYR A 379 11.27 -3.54 8.63
C TYR A 379 12.45 -2.57 8.52
N PRO A 380 12.17 -1.32 8.07
CA PRO A 380 13.21 -0.31 7.93
C PRO A 380 13.98 -0.02 9.23
N ARG A 381 15.30 0.07 9.12
CA ARG A 381 16.12 0.59 10.21
C ARG A 381 16.29 2.09 10.00
N ALA A 385 11.59 3.68 11.44
CA ALA A 385 11.63 2.57 12.40
C ALA A 385 10.35 2.48 13.26
N GLN A 386 9.61 1.37 13.11
CA GLN A 386 8.30 1.22 13.73
C GLN A 386 8.25 0.05 14.75
N VAL A 387 7.17 -0.03 15.53
CA VAL A 387 6.88 -1.23 16.32
C VAL A 387 5.84 -2.05 15.54
N TYR A 388 6.01 -3.37 15.54
CA TYR A 388 5.19 -4.28 14.75
C TYR A 388 4.60 -5.35 15.63
N PHE A 389 3.62 -6.05 15.10
CA PHE A 389 3.10 -7.27 15.70
C PHE A 389 3.47 -8.48 14.83
N LEU A 390 3.67 -9.64 15.46
CA LEU A 390 3.63 -10.92 14.74
C LEU A 390 2.30 -11.02 13.99
N PRO A 391 2.33 -11.56 12.76
CA PRO A 391 1.09 -11.75 12.01
C PRO A 391 0.17 -12.74 12.71
N LYS A 392 -1.14 -12.53 12.58
CA LYS A 392 -2.11 -13.34 13.32
C LYS A 392 -1.97 -14.81 12.94
N LYS A 393 -1.62 -15.07 11.68
CA LYS A 393 -1.35 -16.44 11.23
C LYS A 393 -0.35 -17.14 12.16
N LEU A 394 0.73 -16.44 12.52
CA LEU A 394 1.75 -16.99 13.41
C LEU A 394 1.33 -17.04 14.87
N ASP A 395 0.48 -16.10 15.26
CA ASP A 395 -0.17 -16.12 16.59
C ASP A 395 -0.93 -17.47 16.70
N GLU A 396 -1.79 -17.77 15.72
CA GLU A 396 -2.60 -18.98 15.75
C GLU A 396 -1.74 -20.26 15.73
N LYS A 397 -0.68 -20.25 14.92
CA LYS A 397 0.28 -21.33 14.83
C LYS A 397 0.85 -21.72 16.19
N VAL A 398 1.24 -20.70 16.96
CA VAL A 398 1.79 -20.88 18.30
C VAL A 398 0.81 -21.67 19.15
N ALA A 399 -0.44 -21.21 19.19
CA ALA A 399 -1.52 -21.88 19.92
C ALA A 399 -1.74 -23.31 19.41
N ALA A 400 -1.81 -23.45 18.09
CA ALA A 400 -2.03 -24.75 17.45
C ALA A 400 -0.95 -25.77 17.87
N LEU A 401 0.28 -25.31 18.13
CA LEU A 401 1.38 -26.21 18.47
C LEU A 401 1.26 -26.80 19.86
N HIS A 402 0.42 -26.19 20.70
CA HIS A 402 0.29 -26.57 22.11
C HIS A 402 -0.97 -27.38 22.45
N LEU A 403 -1.85 -27.58 21.48
CA LEU A 403 -3.09 -28.33 21.68
C LEU A 403 -2.86 -29.83 21.89
N GLY A 404 -1.96 -30.40 21.08
CA GLY A 404 -1.62 -31.84 21.09
C GLY A 404 -1.27 -32.39 22.46
N LYS A 405 -0.35 -31.73 23.17
CA LYS A 405 0.08 -32.11 24.53
C LYS A 405 -1.13 -32.24 25.50
N LEU A 406 -2.13 -31.39 25.31
CA LEU A 406 -3.29 -31.36 26.20
C LEU A 406 -4.40 -32.27 25.69
N GLY A 407 -4.23 -32.78 24.47
CA GLY A 407 -5.22 -33.65 23.84
C GLY A 407 -6.45 -32.92 23.31
N ALA A 408 -6.35 -31.61 23.16
CA ALA A 408 -7.44 -30.80 22.61
C ALA A 408 -7.54 -31.06 21.11
N LYS A 409 -8.78 -31.11 20.62
CA LYS A 409 -9.05 -31.34 19.21
C LYS A 409 -9.80 -30.16 18.61
N LEU A 410 -9.34 -29.75 17.44
CA LEU A 410 -9.84 -28.59 16.76
C LEU A 410 -10.83 -29.03 15.69
N THR A 411 -11.99 -28.39 15.67
CA THR A 411 -12.96 -28.61 14.59
C THR A 411 -12.37 -27.99 13.32
N LYS A 412 -12.68 -28.58 12.17
CA LYS A 412 -12.23 -28.06 10.87
C LYS A 412 -13.43 -27.42 10.21
N LEU A 413 -13.29 -26.16 9.80
CA LEU A 413 -14.32 -25.50 9.00
C LEU A 413 -14.48 -26.15 7.63
N THR A 414 -15.74 -26.37 7.23
CA THR A 414 -16.08 -26.61 5.84
C THR A 414 -15.85 -25.33 5.04
N PRO A 415 -15.81 -25.45 3.70
CA PRO A 415 -15.75 -24.24 2.86
C PRO A 415 -16.97 -23.31 3.02
N LYS A 416 -18.17 -23.89 3.03
CA LYS A 416 -19.39 -23.13 3.29
C LYS A 416 -19.29 -22.32 4.58
N GLN A 417 -18.77 -22.96 5.62
CA GLN A 417 -18.66 -22.34 6.95
C GLN A 417 -17.62 -21.21 6.98
N ALA A 418 -16.44 -21.49 6.45
CA ALA A 418 -15.38 -20.46 6.31
C ALA A 418 -15.83 -19.25 5.47
N GLU A 419 -16.58 -19.50 4.40
CA GLU A 419 -17.13 -18.44 3.56
C GLU A 419 -18.12 -17.61 4.39
N TYR A 420 -18.95 -18.31 5.14
CA TYR A 420 -20.02 -17.66 5.89
C TYR A 420 -19.50 -16.76 6.97
N ILE A 421 -18.41 -17.15 7.65
CA ILE A 421 -17.83 -16.30 8.71
C ILE A 421 -16.66 -15.43 8.23
N ASN A 422 -16.39 -15.47 6.93
CA ASN A 422 -15.46 -14.54 6.28
C ASN A 422 -14.00 -14.74 6.70
N CYS A 423 -13.55 -16.00 6.66
CA CYS A 423 -12.13 -16.30 6.83
C CYS A 423 -11.73 -17.51 5.99
N PRO A 424 -10.43 -17.73 5.77
CA PRO A 424 -9.98 -18.95 5.09
C PRO A 424 -10.29 -20.19 5.94
N VAL A 425 -10.43 -21.35 5.30
CA VAL A 425 -10.65 -22.61 6.03
C VAL A 425 -9.55 -22.83 7.07
N ASP A 426 -8.32 -22.45 6.74
CA ASP A 426 -7.22 -22.56 7.71
C ASP A 426 -6.90 -21.24 8.47
N GLY A 427 -7.84 -20.29 8.48
CA GLY A 427 -7.64 -19.00 9.13
C GLY A 427 -6.61 -18.09 8.48
N PRO A 428 -6.21 -16.98 9.15
CA PRO A 428 -6.67 -16.42 10.42
C PRO A 428 -8.19 -16.44 10.58
N PHE A 429 -8.64 -16.74 11.79
CA PHE A 429 -10.06 -17.00 12.07
C PHE A 429 -10.81 -15.77 12.57
N LYS A 430 -10.06 -14.76 13.02
CA LYS A 430 -10.62 -13.55 13.63
C LYS A 430 -10.09 -12.29 12.97
N PRO A 431 -10.85 -11.19 13.02
CA PRO A 431 -10.33 -9.93 12.51
C PRO A 431 -9.20 -9.38 13.38
N ASP A 432 -8.39 -8.48 12.84
CA ASP A 432 -7.18 -8.00 13.53
C ASP A 432 -7.46 -7.34 14.88
N HIS A 433 -8.65 -6.75 15.03
CA HIS A 433 -9.03 -6.10 16.29
C HIS A 433 -9.71 -6.97 17.36
N TYR A 434 -9.83 -8.29 17.10
CA TYR A 434 -10.48 -9.20 18.04
C TYR A 434 -9.73 -9.27 19.34
N ARG A 435 -10.44 -9.33 20.47
CA ARG A 435 -9.82 -9.21 21.74
C ARG A 435 -9.70 -10.55 22.48
N TYR A 436 -10.33 -11.62 21.97
CA TYR A 436 -10.26 -12.95 22.56
C TYR A 436 -10.71 -12.89 24.03
N TYR B 3 -48.96 1.72 14.93
CA TYR B 3 -48.23 0.62 15.62
C TYR B 3 -48.99 -0.71 15.58
N LYS B 4 -48.34 -1.77 16.05
CA LYS B 4 -48.99 -3.09 16.19
C LYS B 4 -48.27 -3.95 17.24
N VAL B 5 -48.98 -4.29 18.31
CA VAL B 5 -48.47 -5.13 19.39
C VAL B 5 -49.55 -6.13 19.81
N ARG B 6 -49.18 -7.14 20.59
CA ARG B 6 -50.08 -8.23 20.97
C ARG B 6 -51.32 -7.75 21.70
N ASP B 7 -51.09 -6.97 22.75
CA ASP B 7 -52.13 -6.54 23.69
C ASP B 7 -51.70 -5.23 24.30
N ILE B 8 -52.36 -4.14 23.92
CA ILE B 8 -52.05 -2.80 24.42
C ILE B 8 -52.39 -2.63 25.90
N SER B 9 -53.28 -3.49 26.42
CA SER B 9 -53.69 -3.45 27.83
C SER B 9 -52.52 -3.70 28.78
N LEU B 10 -51.56 -4.49 28.31
CA LEU B 10 -50.37 -4.87 29.11
C LEU B 10 -49.40 -3.71 29.35
N ALA B 11 -49.64 -2.57 28.71
CA ALA B 11 -48.79 -1.37 28.85
C ALA B 11 -48.55 -0.96 30.29
N GLU B 12 -49.58 -1.09 31.12
CA GLU B 12 -49.49 -0.72 32.53
C GLU B 12 -48.42 -1.54 33.27
N TRP B 13 -48.55 -2.87 33.17
CA TRP B 13 -47.55 -3.83 33.68
C TRP B 13 -46.16 -3.52 33.10
N GLY B 14 -46.12 -3.28 31.80
CA GLY B 14 -44.89 -2.88 31.10
C GLY B 14 -44.22 -1.65 31.70
N ARG B 15 -45.03 -0.64 32.02
CA ARG B 15 -44.54 0.60 32.60
C ARG B 15 -43.95 0.42 34.03
N ARG B 16 -44.61 -0.40 34.84
CA ARG B 16 -44.14 -0.73 36.21
C ARG B 16 -42.75 -1.35 36.22
N GLU B 17 -42.45 -2.18 35.22
CA GLU B 17 -41.17 -2.86 35.14
C GLU B 17 -40.09 -2.00 34.47
N LEU B 18 -40.51 -1.09 33.60
CA LEU B 18 -39.57 -0.13 33.00
C LEU B 18 -38.95 0.78 34.06
N GLU B 19 -39.70 1.03 35.15
CA GLU B 19 -39.20 1.80 36.30
C GLU B 19 -38.01 1.10 36.96
N LEU B 20 -38.21 -0.17 37.32
CA LEU B 20 -37.12 -1.04 37.82
C LEU B 20 -35.99 -1.22 36.80
N ALA B 21 -36.33 -1.35 35.52
CA ALA B 21 -35.32 -1.41 34.45
C ALA B 21 -34.51 -0.10 34.36
N GLU B 22 -35.17 1.04 34.54
CA GLU B 22 -34.47 2.33 34.50
C GLU B 22 -33.44 2.44 35.64
N ASN B 23 -33.86 2.11 36.86
CA ASN B 23 -32.95 2.10 38.03
C ASN B 23 -31.71 1.22 37.85
N GLU B 24 -31.89 0.15 37.08
CA GLU B 24 -30.83 -0.82 36.80
C GLU B 24 -29.98 -0.43 35.58
N MET B 25 -30.27 0.72 34.98
CA MET B 25 -29.52 1.18 33.81
C MET B 25 -29.00 2.62 34.02
N PRO B 26 -28.08 2.80 34.98
CA PRO B 26 -27.63 4.14 35.35
C PRO B 26 -26.92 4.87 34.21
N GLY B 27 -26.31 4.10 33.31
CA GLY B 27 -25.64 4.66 32.13
C GLY B 27 -26.61 5.37 31.20
N LEU B 28 -27.63 4.65 30.75
CA LEU B 28 -28.67 5.22 29.86
C LEU B 28 -29.35 6.44 30.48
N MET B 29 -29.57 6.40 31.79
CA MET B 29 -30.31 7.46 32.46
C MET B 29 -29.43 8.73 32.62
N GLU B 30 -28.11 8.53 32.73
CA GLU B 30 -27.16 9.63 32.88
C GLU B 30 -26.95 10.35 31.54
N LEU B 31 -26.93 9.58 30.46
CA LEU B 31 -26.90 10.14 29.11
C LEU B 31 -28.18 10.94 28.85
N ARG B 32 -29.31 10.44 29.35
CA ARG B 32 -30.59 11.17 29.32
C ARG B 32 -30.52 12.51 30.07
N ARG B 33 -29.87 12.53 31.23
CA ARG B 33 -29.63 13.80 31.96
C ARG B 33 -28.64 14.69 31.24
N GLU B 34 -27.50 14.11 30.85
CA GLU B 34 -26.41 14.88 30.24
C GLU B 34 -26.82 15.49 28.89
N TYR B 35 -27.31 14.64 27.98
CA TYR B 35 -27.60 15.05 26.61
C TYR B 35 -29.07 15.40 26.35
N GLY B 36 -29.92 15.23 27.35
CA GLY B 36 -31.34 15.57 27.19
C GLY B 36 -31.59 17.01 26.79
N PRO B 37 -31.05 17.98 27.57
CA PRO B 37 -31.18 19.41 27.30
C PRO B 37 -30.69 19.89 25.92
N SER B 38 -29.49 19.48 25.51
CA SER B 38 -28.88 19.96 24.27
C SER B 38 -29.47 19.34 23.01
N LYS B 39 -30.19 18.22 23.15
CA LYS B 39 -30.86 17.54 22.04
C LYS B 39 -29.93 17.27 20.84
N PRO B 40 -28.92 16.39 21.03
CA PRO B 40 -27.93 16.12 19.97
C PRO B 40 -28.51 15.41 18.74
N LEU B 41 -29.61 14.67 18.92
CA LEU B 41 -30.27 13.97 17.82
C LEU B 41 -31.52 14.71 17.32
N LYS B 42 -31.51 16.04 17.45
CA LYS B 42 -32.57 16.90 16.95
C LYS B 42 -32.89 16.55 15.50
N GLY B 43 -34.09 16.02 15.27
CA GLY B 43 -34.55 15.70 13.91
C GLY B 43 -34.02 14.41 13.34
N ALA B 44 -33.32 13.61 14.14
CA ALA B 44 -32.86 12.29 13.71
C ALA B 44 -34.08 11.44 13.39
N LYS B 45 -33.95 10.55 12.41
CA LYS B 45 -35.06 9.71 11.97
C LYS B 45 -34.61 8.25 11.96
N ILE B 46 -34.55 7.67 13.16
CA ILE B 46 -33.93 6.36 13.40
C ILE B 46 -34.90 5.19 13.22
N ALA B 47 -34.62 4.34 12.25
CA ALA B 47 -35.31 3.07 12.11
C ALA B 47 -34.52 2.04 12.91
N GLY B 48 -35.15 1.47 13.94
CA GLY B 48 -34.49 0.51 14.81
C GLY B 48 -34.92 -0.92 14.55
N CYS B 49 -33.95 -1.83 14.45
CA CYS B 49 -34.22 -3.26 14.32
C CYS B 49 -33.42 -4.04 15.37
N LEU B 50 -34.01 -4.19 16.54
CA LEU B 50 -33.30 -4.69 17.72
C LEU B 50 -34.32 -5.24 18.71
N HIS B 51 -33.98 -6.34 19.38
CA HIS B 51 -34.92 -7.09 20.24
C HIS B 51 -35.81 -6.17 21.09
N MET B 52 -37.13 -6.28 20.94
CA MET B 52 -38.06 -5.37 21.62
C MET B 52 -38.32 -5.84 23.05
N THR B 53 -37.31 -5.68 23.88
CA THR B 53 -37.36 -6.03 25.28
C THR B 53 -37.67 -4.79 26.15
N MET B 54 -37.77 -4.99 27.47
CA MET B 54 -37.86 -3.89 28.44
C MET B 54 -36.63 -2.98 28.40
N GLN B 55 -35.47 -3.57 28.11
CA GLN B 55 -34.21 -2.83 28.07
C GLN B 55 -34.13 -1.94 26.81
N THR B 56 -34.55 -2.50 25.68
CA THR B 56 -34.66 -1.73 24.44
C THR B 56 -35.65 -0.58 24.62
N ALA B 57 -36.69 -0.81 25.43
CA ALA B 57 -37.66 0.23 25.77
C ALA B 57 -36.96 1.46 26.38
N VAL B 58 -36.00 1.22 27.27
CA VAL B 58 -35.24 2.31 27.89
C VAL B 58 -34.34 3.01 26.85
N LEU B 59 -33.76 2.24 25.92
CA LEU B 59 -32.96 2.81 24.82
C LEU B 59 -33.80 3.72 23.94
N ILE B 60 -34.91 3.19 23.45
CA ILE B 60 -35.86 3.92 22.62
C ILE B 60 -36.24 5.28 23.26
N GLU B 61 -36.58 5.25 24.54
CA GLU B 61 -36.97 6.47 25.27
C GLU B 61 -35.80 7.43 25.51
N THR B 62 -34.56 6.92 25.51
CA THR B 62 -33.38 7.78 25.54
C THR B 62 -33.18 8.54 24.23
N LEU B 63 -33.24 7.80 23.12
CA LEU B 63 -33.05 8.39 21.79
C LEU B 63 -34.09 9.49 21.50
N VAL B 64 -35.33 9.29 21.96
CA VAL B 64 -36.38 10.30 21.85
C VAL B 64 -36.10 11.50 22.78
N GLU B 65 -35.56 11.22 23.96
CA GLU B 65 -35.17 12.26 24.90
C GLU B 65 -34.06 13.13 24.33
N LEU B 66 -33.18 12.53 23.53
CA LEU B 66 -32.06 13.25 22.92
C LEU B 66 -32.44 13.94 21.60
N GLY B 67 -33.72 13.87 21.23
CA GLY B 67 -34.25 14.66 20.11
C GLY B 67 -34.72 13.85 18.90
N ALA B 68 -34.34 12.58 18.87
CA ALA B 68 -34.59 11.72 17.71
C ALA B 68 -36.06 11.35 17.52
N GLU B 69 -36.48 11.29 16.25
CA GLU B 69 -37.67 10.55 15.88
C GLU B 69 -37.20 9.11 15.78
N VAL B 70 -38.07 8.17 16.11
CA VAL B 70 -37.70 6.77 16.06
C VAL B 70 -38.90 5.89 15.76
N ARG B 71 -38.66 4.83 14.98
CA ARG B 71 -39.65 3.79 14.71
C ARG B 71 -38.97 2.45 14.89
N TRP B 72 -39.66 1.49 15.48
CA TRP B 72 -39.01 0.25 15.94
C TRP B 72 -39.67 -1.08 15.53
N ALA B 73 -38.83 -2.08 15.32
CA ALA B 73 -39.24 -3.45 15.08
C ALA B 73 -38.28 -4.34 15.87
N SER B 74 -38.73 -5.54 16.21
CA SER B 74 -37.84 -6.54 16.79
C SER B 74 -36.85 -7.01 15.73
N CYS B 75 -35.77 -7.65 16.14
CA CYS B 75 -34.88 -8.28 15.17
C CYS B 75 -35.00 -9.81 15.20
N ASN B 76 -35.78 -10.34 16.16
CA ASN B 76 -36.12 -11.76 16.23
C ASN B 76 -37.63 -12.00 16.49
N ILE B 77 -38.17 -13.06 15.87
CA ILE B 77 -39.59 -13.42 15.95
C ILE B 77 -40.08 -13.89 17.34
N PHE B 78 -39.15 -14.15 18.27
CA PHE B 78 -39.50 -14.60 19.63
C PHE B 78 -39.00 -13.69 20.76
N SER B 79 -38.19 -12.67 20.44
CA SER B 79 -37.51 -11.90 21.51
C SER B 79 -38.37 -10.79 22.13
N THR B 80 -39.34 -10.26 21.40
CA THR B 80 -40.21 -9.19 21.92
C THR B 80 -40.90 -9.59 23.22
N GLN B 81 -40.88 -8.66 24.17
CA GLN B 81 -41.59 -8.81 25.43
C GLN B 81 -42.87 -7.99 25.30
N ASP B 82 -44.00 -8.69 25.16
CA ASP B 82 -45.27 -8.05 24.79
C ASP B 82 -45.59 -6.81 25.66
N HIS B 83 -45.13 -6.80 26.91
CA HIS B 83 -45.36 -5.67 27.83
C HIS B 83 -44.50 -4.41 27.53
N ALA B 84 -43.23 -4.61 27.21
CA ALA B 84 -42.34 -3.49 26.83
C ALA B 84 -42.82 -2.83 25.53
N ALA B 85 -43.25 -3.64 24.57
CA ALA B 85 -43.78 -3.14 23.31
C ALA B 85 -45.04 -2.31 23.53
N ALA B 86 -45.95 -2.82 24.37
CA ALA B 86 -47.19 -2.11 24.72
C ALA B 86 -46.92 -0.81 25.51
N ALA B 87 -45.87 -0.80 26.32
CA ALA B 87 -45.48 0.40 27.08
C ALA B 87 -44.98 1.50 26.13
N ILE B 88 -44.18 1.09 25.15
CA ILE B 88 -43.70 1.98 24.08
C ILE B 88 -44.86 2.49 23.21
N ALA B 89 -45.82 1.62 22.92
CA ALA B 89 -46.96 1.96 22.04
C ALA B 89 -47.92 2.94 22.69
N LYS B 90 -48.23 2.71 23.97
CA LYS B 90 -49.10 3.61 24.75
C LYS B 90 -48.51 5.03 24.77
N ARG B 91 -47.19 5.10 24.88
CA ARG B 91 -46.43 6.36 24.87
C ARG B 91 -46.49 7.09 23.53
N GLY B 92 -46.61 6.34 22.43
CA GLY B 92 -46.76 6.92 21.09
C GLY B 92 -45.58 6.75 20.15
N ILE B 93 -44.56 5.98 20.54
CA ILE B 93 -43.43 5.69 19.65
C ILE B 93 -43.80 4.54 18.75
N PRO B 94 -43.85 4.77 17.42
CA PRO B 94 -44.23 3.67 16.51
C PRO B 94 -43.38 2.41 16.70
N VAL B 95 -44.02 1.33 17.14
CA VAL B 95 -43.35 0.04 17.33
C VAL B 95 -44.22 -1.07 16.71
N PHE B 96 -43.56 -2.01 16.04
CA PHE B 96 -44.24 -3.15 15.41
C PHE B 96 -43.56 -4.43 15.87
N ALA B 97 -44.04 -4.97 16.98
CA ALA B 97 -43.46 -6.21 17.51
C ALA B 97 -44.36 -6.94 18.51
N TRP B 98 -44.32 -8.27 18.41
CA TRP B 98 -44.97 -9.17 19.36
C TRP B 98 -44.23 -10.51 19.37
N LYS B 99 -44.34 -11.24 20.48
CA LYS B 99 -43.73 -12.57 20.58
C LYS B 99 -44.50 -13.55 19.70
N GLY B 100 -43.80 -14.23 18.79
CA GLY B 100 -44.42 -15.21 17.89
C GLY B 100 -44.84 -14.66 16.54
N GLU B 101 -43.98 -13.85 15.93
CA GLU B 101 -44.15 -13.36 14.57
C GLU B 101 -43.75 -14.44 13.58
N THR B 102 -44.41 -14.48 12.42
CA THR B 102 -43.96 -15.31 11.30
C THR B 102 -42.87 -14.52 10.57
N GLU B 103 -42.12 -15.20 9.70
CA GLU B 103 -41.08 -14.54 8.90
C GLU B 103 -41.69 -13.47 8.01
N GLU B 104 -42.95 -13.67 7.63
CA GLU B 104 -43.68 -12.73 6.81
C GLU B 104 -44.06 -11.50 7.62
N GLU B 105 -44.68 -11.71 8.77
CA GLU B 105 -45.00 -10.63 9.73
C GLU B 105 -43.75 -9.89 10.19
N TYR B 106 -42.66 -10.63 10.41
CA TYR B 106 -41.39 -10.05 10.84
C TYR B 106 -40.88 -8.99 9.85
N MET B 107 -40.75 -9.38 8.58
CA MET B 107 -40.25 -8.47 7.55
C MET B 107 -41.29 -7.38 7.23
N TRP B 108 -42.56 -7.64 7.55
CA TRP B 108 -43.62 -6.64 7.46
C TRP B 108 -43.36 -5.54 8.48
N CYS B 109 -43.10 -5.94 9.72
CA CYS B 109 -42.79 -5.01 10.80
C CYS B 109 -41.58 -4.12 10.48
N MET B 110 -40.52 -4.74 9.94
CA MET B 110 -39.30 -4.02 9.56
C MET B 110 -39.54 -3.02 8.43
N LYS B 111 -40.48 -3.35 7.53
CA LYS B 111 -40.85 -2.45 6.45
C LYS B 111 -41.64 -1.24 6.97
N GLN B 112 -42.35 -1.42 8.09
CA GLN B 112 -43.14 -0.34 8.67
C GLN B 112 -42.27 0.77 9.26
N THR B 113 -41.04 0.43 9.63
CA THR B 113 -40.11 1.37 10.26
C THR B 113 -39.32 2.23 9.26
N LEU B 114 -39.47 1.96 7.97
CA LEU B 114 -38.72 2.69 6.93
C LEU B 114 -39.56 3.77 6.22
N LYS B 115 -40.63 4.21 6.88
CA LYS B 115 -41.49 5.27 6.38
C LYS B 115 -42.25 5.94 7.52
N GLY B 116 -42.93 7.04 7.21
CA GLY B 116 -43.83 7.69 8.16
C GLY B 116 -43.16 8.52 9.25
N PHE B 117 -42.09 9.22 8.91
CA PHE B 117 -41.39 10.11 9.85
C PHE B 117 -41.88 11.57 9.74
N GLY B 121 -40.30 11.86 4.63
CA GLY B 121 -40.98 10.81 5.39
C GLY B 121 -40.17 9.55 5.72
N TYR B 122 -38.98 9.43 5.13
CA TYR B 122 -38.14 8.25 5.34
C TYR B 122 -37.29 8.39 6.59
N PRO B 123 -36.68 7.28 7.03
CA PRO B 123 -35.63 7.41 8.02
C PRO B 123 -34.39 8.07 7.42
N ASN B 124 -33.52 8.53 8.30
CA ASN B 124 -32.19 9.01 7.91
C ASN B 124 -31.05 8.36 8.72
N MET B 125 -31.41 7.44 9.64
CA MET B 125 -30.46 6.70 10.45
C MET B 125 -30.94 5.25 10.64
N LEU B 126 -30.01 4.31 10.79
CA LEU B 126 -30.36 2.91 11.07
C LEU B 126 -29.77 2.45 12.39
N LEU B 127 -30.57 1.73 13.18
CA LEU B 127 -30.10 1.07 14.40
C LEU B 127 -30.48 -0.42 14.33
N ASP B 128 -29.47 -1.28 14.26
CA ASP B 128 -29.70 -2.68 13.85
C ASP B 128 -28.96 -3.69 14.73
N ASP B 129 -29.58 -4.87 14.87
CA ASP B 129 -29.01 -5.99 15.62
C ASP B 129 -29.12 -7.26 14.78
N GLY B 130 -28.08 -7.55 14.01
CA GLY B 130 -28.05 -8.73 13.19
C GLY B 130 -27.92 -8.48 11.70
N GLY B 131 -28.12 -7.24 11.26
CA GLY B 131 -27.84 -6.87 9.87
C GLY B 131 -28.98 -7.04 8.88
N ASP B 132 -30.14 -7.52 9.33
CA ASP B 132 -31.31 -7.67 8.46
C ASP B 132 -31.81 -6.31 7.91
N LEU B 133 -31.88 -5.31 8.79
CA LEU B 133 -32.28 -3.96 8.37
C LEU B 133 -31.25 -3.37 7.41
N THR B 134 -29.97 -3.45 7.80
CA THR B 134 -28.87 -2.92 6.98
C THR B 134 -28.90 -3.47 5.57
N ASN B 135 -28.86 -4.79 5.45
CA ASN B 135 -28.93 -5.47 4.15
C ASN B 135 -30.18 -5.05 3.39
N TYR B 136 -31.32 -4.98 4.08
CA TYR B 136 -32.60 -4.65 3.45
C TYR B 136 -32.62 -3.22 2.91
N VAL B 137 -32.28 -2.25 3.76
CA VAL B 137 -32.23 -0.83 3.35
C VAL B 137 -31.29 -0.64 2.16
N LEU B 138 -30.16 -1.34 2.19
CA LEU B 138 -29.15 -1.24 1.14
C LEU B 138 -29.54 -2.02 -0.12
N ASP B 139 -30.07 -3.23 0.05
CA ASP B 139 -30.34 -4.12 -1.08
C ASP B 139 -31.80 -4.14 -1.60
N GLU B 140 -32.71 -3.38 -0.98
CA GLU B 140 -34.13 -3.47 -1.36
C GLU B 140 -34.93 -2.15 -1.33
N CYS B 141 -34.24 -1.00 -1.31
CA CYS B 141 -34.94 0.29 -1.24
C CYS B 141 -34.32 1.33 -2.19
N GLU B 143 -35.69 4.85 -2.27
CA GLU B 143 -34.24 4.69 -2.24
C GLU B 143 -33.59 5.40 -1.06
N LEU B 144 -32.74 4.67 -0.34
CA LEU B 144 -32.15 5.12 0.93
C LEU B 144 -30.60 5.09 0.92
N ASP B 145 -30.01 5.32 -0.25
CA ASP B 145 -28.53 5.42 -0.40
C ASP B 145 -28.06 6.85 -0.69
N GLY B 146 -29.01 7.78 -0.80
CA GLY B 146 -28.70 9.19 -0.62
C GLY B 146 -29.24 9.71 0.71
N LYS B 147 -30.04 8.89 1.39
CA LYS B 147 -30.90 9.38 2.47
C LYS B 147 -30.48 8.97 3.89
N ILE B 148 -29.67 7.90 4.01
CA ILE B 148 -29.28 7.35 5.33
C ILE B 148 -27.84 7.75 5.70
N TYR B 149 -27.66 8.48 6.81
CA TYR B 149 -26.34 9.03 7.16
C TYR B 149 -25.44 8.10 7.98
N GLY B 150 -26.02 7.03 8.54
CA GLY B 150 -25.24 6.10 9.35
C GLY B 150 -26.07 4.96 9.93
N VAL B 151 -25.40 3.85 10.19
CA VAL B 151 -26.02 2.70 10.87
C VAL B 151 -25.19 2.31 12.08
N SER B 152 -25.87 1.95 13.18
CA SER B 152 -25.25 1.41 14.39
C SER B 152 -25.61 -0.07 14.56
N GLU B 153 -24.59 -0.91 14.63
CA GLU B 153 -24.79 -2.35 14.55
C GLU B 153 -24.32 -3.00 15.86
N GLU B 154 -25.22 -3.76 16.49
CA GLU B 154 -25.04 -4.13 17.88
C GLU B 154 -24.38 -5.49 18.12
N THR B 155 -24.54 -6.46 17.21
CA THR B 155 -24.06 -7.85 17.47
C THR B 155 -22.99 -8.36 16.49
N THR B 156 -22.27 -9.41 16.91
CA THR B 156 -21.11 -9.93 16.17
C THR B 156 -21.46 -10.34 14.73
N THR B 157 -22.58 -11.03 14.56
CA THR B 157 -23.00 -11.52 13.23
C THR B 157 -23.36 -10.38 12.26
N GLY B 158 -24.01 -9.34 12.78
CA GLY B 158 -24.25 -8.11 12.01
C GLY B 158 -22.98 -7.39 11.62
N VAL B 159 -22.02 -7.33 12.55
CA VAL B 159 -20.74 -6.69 12.28
C VAL B 159 -19.91 -7.51 11.29
N LYS B 160 -19.92 -8.84 11.43
CA LYS B 160 -19.41 -9.73 10.39
C LYS B 160 -20.01 -9.34 9.03
N ASN B 161 -21.35 -9.30 8.97
CA ASN B 161 -22.06 -8.82 7.78
C ASN B 161 -21.46 -7.51 7.24
N LEU B 162 -21.33 -6.52 8.11
CA LEU B 162 -20.76 -5.22 7.74
C LEU B 162 -19.37 -5.33 7.10
N TYR B 163 -18.54 -6.23 7.62
CA TYR B 163 -17.17 -6.36 7.09
C TYR B 163 -17.10 -7.11 5.76
N LYS B 164 -18.01 -8.07 5.57
CA LYS B 164 -18.17 -8.73 4.26
C LYS B 164 -18.55 -7.72 3.16
N ARG B 165 -19.28 -6.67 3.54
CA ARG B 165 -19.68 -5.63 2.61
C ARG B 165 -18.53 -4.66 2.29
N LEU B 166 -17.76 -4.29 3.32
CA LEU B 166 -16.59 -3.43 3.15
C LEU B 166 -15.54 -4.11 2.27
N GLN B 167 -15.30 -5.39 2.51
CA GLN B 167 -14.35 -6.19 1.72
C GLN B 167 -14.76 -6.27 0.25
N ARG B 168 -16.06 -6.47 0.02
CA ARG B 168 -16.62 -6.62 -1.31
C ARG B 168 -16.69 -5.32 -2.11
N GLY B 169 -16.75 -4.19 -1.40
CA GLY B 169 -16.91 -2.88 -2.03
C GLY B 169 -18.35 -2.40 -2.05
N LYS B 170 -19.19 -2.99 -1.20
CA LYS B 170 -20.63 -2.67 -1.21
C LYS B 170 -21.10 -1.86 0.01
N LEU B 171 -20.17 -1.39 0.84
CA LEU B 171 -20.55 -0.56 2.00
C LEU B 171 -20.68 0.89 1.53
N THR B 172 -21.91 1.39 1.54
CA THR B 172 -22.24 2.70 0.95
C THR B 172 -22.47 3.80 2.01
N ILE B 173 -22.60 3.41 3.27
CA ILE B 173 -22.81 4.36 4.37
C ILE B 173 -21.86 4.04 5.53
N PRO B 174 -21.43 5.06 6.29
CA PRO B 174 -20.53 4.78 7.41
C PRO B 174 -21.23 3.90 8.44
N ALA B 175 -20.46 3.00 9.05
CA ALA B 175 -21.01 2.00 9.95
C ALA B 175 -20.27 2.07 11.29
N MET B 176 -21.02 2.20 12.37
CA MET B 176 -20.42 2.11 13.69
C MET B 176 -20.49 0.70 14.27
N ASN B 177 -19.32 0.14 14.58
CA ASN B 177 -19.20 -1.19 15.11
C ASN B 177 -19.34 -1.12 16.65
N VAL B 178 -20.58 -1.20 17.12
CA VAL B 178 -20.89 -1.13 18.55
C VAL B 178 -20.52 -2.43 19.28
N ASN B 179 -20.76 -3.58 18.64
CA ASN B 179 -20.41 -4.87 19.25
C ASN B 179 -18.95 -4.86 19.76
N ASP B 180 -18.05 -4.26 18.99
CA ASP B 180 -16.63 -4.34 19.30
C ASP B 180 -16.14 -3.21 20.18
N SER B 181 -17.06 -2.44 20.78
CA SER B 181 -16.67 -1.60 21.90
C SER B 181 -16.29 -2.58 22.98
N VAL B 182 -15.23 -2.29 23.73
CA VAL B 182 -14.86 -3.18 24.84
C VAL B 182 -16.04 -3.34 25.78
N THR B 183 -16.71 -2.23 26.08
CA THR B 183 -17.85 -2.21 27.00
C THR B 183 -19.13 -2.91 26.48
N LYS B 184 -19.11 -3.40 25.24
CA LYS B 184 -20.19 -4.21 24.69
C LYS B 184 -19.66 -5.65 24.62
N SER B 185 -18.70 -5.86 23.72
CA SER B 185 -18.06 -7.17 23.46
C SER B 185 -17.65 -7.99 24.72
N LYS B 186 -16.96 -7.35 25.67
CA LYS B 186 -16.43 -8.05 26.82
C LYS B 186 -17.32 -7.94 28.06
N PHE B 187 -18.57 -7.53 27.88
CA PHE B 187 -19.51 -7.42 28.98
C PHE B 187 -20.83 -8.06 28.62
N ASP B 188 -21.49 -7.51 27.59
CA ASP B 188 -22.78 -8.02 27.11
C ASP B 188 -22.59 -9.48 26.69
N ASN B 189 -21.75 -9.66 25.67
CA ASN B 189 -21.52 -10.98 25.07
C ASN B 189 -21.08 -11.99 26.12
N LEU B 190 -20.19 -11.57 27.02
CA LEU B 190 -19.61 -12.42 28.07
C LEU B 190 -20.50 -12.57 29.32
N TYR B 191 -20.62 -11.52 30.13
CA TYR B 191 -21.36 -11.58 31.39
C TYR B 191 -22.88 -11.68 31.23
N GLY B 192 -23.40 -11.12 30.14
CA GLY B 192 -24.81 -11.21 29.79
C GLY B 192 -25.21 -12.68 29.58
N CYS B 193 -24.54 -13.35 28.65
CA CYS B 193 -24.82 -14.76 28.39
C CYS B 193 -24.56 -15.68 29.56
N ARG B 194 -23.56 -15.32 30.36
CA ARG B 194 -23.29 -16.04 31.59
C ARG B 194 -24.52 -16.10 32.55
N GLU B 195 -25.39 -15.10 32.51
CA GLU B 195 -26.64 -15.17 33.28
C GLU B 195 -27.89 -15.58 32.47
N SER B 196 -27.99 -15.12 31.22
CA SER B 196 -29.24 -15.28 30.46
C SER B 196 -29.39 -16.63 29.74
N LEU B 197 -28.29 -17.36 29.50
CA LEU B 197 -28.39 -18.73 28.95
C LEU B 197 -29.12 -19.68 29.87
N VAL B 198 -28.66 -19.80 31.11
CA VAL B 198 -29.20 -20.82 32.01
C VAL B 198 -30.62 -20.45 32.35
N ASP B 199 -30.89 -19.15 32.45
CA ASP B 199 -32.23 -18.63 32.63
C ASP B 199 -33.23 -19.18 31.57
N GLY B 200 -32.88 -19.07 30.30
CA GLY B 200 -33.72 -19.59 29.22
C GLY B 200 -33.87 -21.11 29.29
N ILE B 201 -32.74 -21.81 29.52
CA ILE B 201 -32.74 -23.27 29.62
C ILE B 201 -33.69 -23.71 30.76
N LYS B 202 -33.67 -22.97 31.86
CA LYS B 202 -34.37 -23.34 33.08
C LYS B 202 -35.83 -22.96 33.03
N ARG B 203 -36.13 -21.82 32.43
CA ARG B 203 -37.53 -21.43 32.29
C ARG B 203 -38.22 -22.37 31.31
N ALA B 204 -37.47 -22.84 30.32
CA ALA B 204 -37.99 -23.77 29.32
C ALA B 204 -38.24 -25.17 29.91
N THR B 205 -37.21 -25.72 30.58
CA THR B 205 -37.18 -27.15 30.91
C THR B 205 -37.04 -27.49 32.40
N ASP B 206 -36.68 -26.49 33.21
CA ASP B 206 -36.39 -26.69 34.63
C ASP B 206 -35.40 -27.84 34.85
N VAL B 207 -34.51 -28.06 33.88
CA VAL B 207 -33.54 -29.15 33.99
C VAL B 207 -32.48 -28.80 35.04
N MET B 208 -31.95 -29.84 35.67
CA MET B 208 -30.86 -29.70 36.62
C MET B 208 -29.59 -29.64 35.82
N ILE B 209 -28.80 -28.60 36.04
CA ILE B 209 -27.54 -28.43 35.37
C ILE B 209 -26.46 -29.28 36.07
N ALA B 210 -26.45 -29.25 37.40
CA ALA B 210 -25.47 -30.03 38.18
C ALA B 210 -25.46 -31.48 37.72
N GLY B 211 -24.25 -32.01 37.49
CA GLY B 211 -24.06 -33.42 37.10
C GLY B 211 -24.05 -33.67 35.60
N LYS B 212 -24.59 -32.76 34.80
CA LYS B 212 -24.83 -33.05 33.40
C LYS B 212 -23.57 -32.77 32.59
N THR B 213 -23.52 -33.34 31.37
CA THR B 213 -22.46 -33.11 30.41
C THR B 213 -23.06 -32.13 29.43
N ALA B 214 -22.43 -30.98 29.25
CA ALA B 214 -22.95 -29.98 28.32
C ALA B 214 -21.93 -29.77 27.22
N CYS B 215 -22.41 -29.67 25.99
CA CYS B 215 -21.53 -29.39 24.86
C CYS B 215 -21.77 -27.95 24.40
N VAL B 216 -20.75 -27.10 24.57
CA VAL B 216 -20.82 -25.68 24.16
C VAL B 216 -19.98 -25.53 22.92
N CYS B 217 -20.65 -25.19 21.83
CA CYS B 217 -19.97 -25.07 20.54
C CYS B 217 -19.56 -23.62 20.38
N GLY B 218 -18.25 -23.42 20.15
CA GLY B 218 -17.69 -22.08 20.09
C GLY B 218 -17.15 -21.66 21.45
N TYR B 219 -16.05 -20.91 21.44
CA TYR B 219 -15.48 -20.38 22.66
C TYR B 219 -14.97 -18.93 22.47
N GLY B 220 -15.79 -18.11 21.82
CA GLY B 220 -15.61 -16.65 21.80
C GLY B 220 -16.25 -16.06 23.04
N ASP B 221 -16.71 -14.82 22.96
CA ASP B 221 -17.22 -14.15 24.16
C ASP B 221 -18.50 -14.84 24.65
N VAL B 222 -19.39 -15.20 23.73
CA VAL B 222 -20.63 -15.88 24.07
C VAL B 222 -20.35 -17.26 24.67
N GLY B 223 -19.53 -18.06 23.99
CA GLY B 223 -19.15 -19.39 24.47
C GLY B 223 -18.49 -19.37 25.83
N LYS B 224 -17.61 -18.39 26.04
CA LYS B 224 -16.95 -18.15 27.32
C LYS B 224 -17.96 -17.97 28.44
N GLY B 225 -18.96 -17.14 28.18
CA GLY B 225 -19.98 -16.89 29.22
C GLY B 225 -20.82 -18.10 29.50
N CYS B 226 -21.32 -18.71 28.42
CA CYS B 226 -22.18 -19.91 28.53
C CYS B 226 -21.48 -21.06 29.20
N ALA B 227 -20.20 -21.27 28.87
CA ALA B 227 -19.39 -22.31 29.56
C ALA B 227 -19.22 -22.01 31.05
N ALA B 228 -18.90 -20.77 31.38
CA ALA B 228 -18.74 -20.38 32.79
C ALA B 228 -20.05 -20.57 33.55
N ALA B 229 -21.18 -20.23 32.93
CA ALA B 229 -22.48 -20.40 33.62
C ALA B 229 -22.76 -21.87 33.92
N LEU B 230 -22.63 -22.73 32.90
CA LEU B 230 -22.94 -24.16 33.06
C LEU B 230 -22.03 -24.83 34.09
N ARG B 231 -20.73 -24.57 33.98
CA ARG B 231 -19.78 -25.11 34.92
C ARG B 231 -20.08 -24.61 36.33
N GLY B 232 -20.54 -23.35 36.43
CA GLY B 232 -20.83 -22.76 37.73
C GLY B 232 -21.89 -23.52 38.51
N PHE B 233 -22.77 -24.21 37.80
CA PHE B 233 -23.85 -24.94 38.44
C PHE B 233 -23.53 -26.43 38.56
N GLY B 234 -22.31 -26.81 38.17
CA GLY B 234 -21.83 -28.19 38.35
C GLY B 234 -21.94 -29.04 37.09
N ALA B 235 -22.18 -28.42 35.93
CA ALA B 235 -22.14 -29.19 34.71
C ALA B 235 -20.68 -29.53 34.40
N ARG B 236 -20.44 -30.68 33.76
CA ARG B 236 -19.17 -30.89 33.08
C ARG B 236 -19.30 -30.41 31.63
N VAL B 237 -18.57 -29.33 31.33
CA VAL B 237 -18.68 -28.66 30.06
C VAL B 237 -17.55 -29.08 29.13
N VAL B 238 -17.93 -29.52 27.93
CA VAL B 238 -16.96 -29.73 26.86
C VAL B 238 -17.21 -28.67 25.80
N VAL B 239 -16.13 -28.27 25.13
CA VAL B 239 -16.16 -27.15 24.21
C VAL B 239 -15.63 -27.55 22.85
N THR B 240 -16.26 -27.04 21.80
CA THR B 240 -15.75 -27.20 20.43
C THR B 240 -15.29 -25.86 19.90
N GLU B 241 -14.31 -25.91 19.01
CA GLU B 241 -13.72 -24.72 18.43
C GLU B 241 -13.03 -25.01 17.10
N VAL B 242 -13.00 -24.04 16.22
CA VAL B 242 -12.18 -24.10 15.01
C VAL B 242 -10.88 -23.29 15.15
N ASP B 243 -10.83 -22.37 16.11
CA ASP B 243 -9.70 -21.45 16.30
C ASP B 243 -8.74 -21.98 17.36
N PRO B 244 -7.46 -22.23 16.99
CA PRO B 244 -6.48 -22.73 17.96
C PRO B 244 -6.29 -21.91 19.23
N ILE B 245 -6.45 -20.59 19.12
CA ILE B 245 -6.30 -19.66 20.25
C ILE B 245 -7.45 -19.77 21.21
N ASN B 246 -8.65 -19.58 20.69
CA ASN B 246 -9.84 -19.82 21.50
C ASN B 246 -9.86 -21.22 22.08
N ALA B 247 -9.51 -22.22 21.26
CA ALA B 247 -9.46 -23.60 21.79
C ALA B 247 -8.48 -23.74 22.97
N LEU B 248 -7.28 -23.17 22.84
CA LEU B 248 -6.28 -23.24 23.92
C LEU B 248 -6.70 -22.49 25.19
N GLN B 249 -7.39 -21.35 25.02
CA GLN B 249 -8.04 -20.64 26.15
C GLN B 249 -8.99 -21.56 26.91
N ALA B 250 -9.79 -22.33 26.15
CA ALA B 250 -10.72 -23.26 26.76
C ALA B 250 -9.97 -24.38 27.51
N ALA B 251 -8.89 -24.88 26.92
CA ALA B 251 -8.15 -25.98 27.58
C ALA B 251 -7.51 -25.50 28.86
N MET B 252 -6.91 -24.31 28.83
CA MET B 252 -6.24 -23.72 30.00
C MET B 252 -7.19 -23.25 31.09
N GLU B 253 -8.49 -23.21 30.78
CA GLU B 253 -9.53 -22.96 31.79
C GLU B 253 -10.15 -24.25 32.31
N GLY B 254 -9.64 -25.39 31.87
CA GLY B 254 -10.04 -26.68 32.43
C GLY B 254 -11.14 -27.43 31.70
N TYR B 255 -11.50 -26.98 30.50
CA TYR B 255 -12.55 -27.61 29.69
C TYR B 255 -11.91 -28.56 28.74
N GLN B 256 -12.58 -29.68 28.45
CA GLN B 256 -12.12 -30.55 27.39
C GLN B 256 -12.43 -29.86 26.09
N VAL B 257 -11.50 -29.93 25.16
CA VAL B 257 -11.81 -29.44 23.81
C VAL B 257 -11.77 -30.63 22.85
N LEU B 258 -12.92 -30.88 22.23
CA LEU B 258 -13.16 -32.09 21.46
C LEU B 258 -14.10 -31.72 20.31
N LEU B 259 -14.44 -32.70 19.47
CA LEU B 259 -15.36 -32.49 18.36
C LEU B 259 -16.77 -32.86 18.79
N VAL B 260 -17.77 -32.22 18.21
CA VAL B 260 -19.17 -32.56 18.58
C VAL B 260 -19.44 -34.09 18.52
N GLU B 261 -18.85 -34.77 17.53
CA GLU B 261 -18.96 -36.24 17.36
C GLU B 261 -18.43 -37.05 18.54
N ASP B 262 -17.47 -36.46 19.24
CA ASP B 262 -16.84 -37.09 20.39
C ASP B 262 -17.76 -37.19 21.62
N VAL B 263 -18.78 -36.35 21.71
CA VAL B 263 -19.64 -36.32 22.88
C VAL B 263 -21.13 -36.35 22.52
N VAL B 264 -21.44 -36.47 21.23
CA VAL B 264 -22.84 -36.33 20.81
C VAL B 264 -23.78 -37.37 21.48
N GLU B 265 -23.29 -38.58 21.73
CA GLU B 265 -24.09 -39.66 22.28
C GLU B 265 -24.32 -39.53 23.79
N GLU B 266 -23.47 -38.78 24.49
CA GLU B 266 -23.48 -38.74 25.97
C GLU B 266 -23.96 -37.39 26.55
N ALA B 267 -23.82 -36.32 25.77
CA ALA B 267 -24.15 -34.99 26.29
C ALA B 267 -25.67 -34.85 26.55
N HIS B 268 -25.98 -34.23 27.69
CA HIS B 268 -27.36 -33.94 28.06
C HIS B 268 -27.84 -32.64 27.48
N ILE B 269 -26.91 -31.74 27.20
CA ILE B 269 -27.27 -30.40 26.75
C ILE B 269 -26.30 -29.98 25.66
N PHE B 270 -26.86 -29.45 24.58
CA PHE B 270 -26.13 -28.88 23.47
C PHE B 270 -26.46 -27.41 23.33
N VAL B 271 -25.43 -26.56 23.41
CA VAL B 271 -25.59 -25.09 23.29
C VAL B 271 -24.74 -24.59 22.13
N THR B 272 -25.39 -23.95 21.18
CA THR B 272 -24.70 -23.40 20.02
C THR B 272 -24.38 -21.89 20.23
N THR B 273 -23.11 -21.50 20.04
CA THR B 273 -22.62 -20.15 20.34
C THR B 273 -21.70 -19.58 19.23
N THR B 274 -21.69 -20.16 18.02
CA THR B 274 -20.61 -19.82 17.08
C THR B 274 -20.88 -18.59 16.21
N GLY B 275 -22.15 -18.36 15.88
CA GLY B 275 -22.49 -17.42 14.80
C GLY B 275 -22.19 -18.01 13.43
N ASN B 276 -22.13 -19.34 13.37
CA ASN B 276 -21.79 -20.08 12.17
C ASN B 276 -22.93 -21.06 11.98
N ASP B 277 -23.29 -21.38 10.74
CA ASP B 277 -24.34 -22.37 10.50
C ASP B 277 -23.87 -23.82 10.52
N ASP B 278 -24.82 -24.73 10.70
CA ASP B 278 -24.63 -26.19 10.54
C ASP B 278 -23.66 -26.77 11.54
N ILE B 279 -23.86 -26.38 12.79
CA ILE B 279 -23.03 -26.80 13.91
C ILE B 279 -23.55 -28.15 14.44
N ILE B 280 -24.87 -28.21 14.63
CA ILE B 280 -25.60 -29.42 15.05
C ILE B 280 -26.54 -29.85 13.94
N THR B 281 -26.27 -31.03 13.39
CA THR B 281 -26.81 -31.43 12.12
C THR B 281 -27.46 -32.82 12.14
N SER B 282 -28.01 -33.19 10.96
CA SER B 282 -28.51 -34.52 10.67
C SER B 282 -27.57 -35.67 11.03
N GLU B 283 -26.26 -35.38 11.07
CA GLU B 283 -25.26 -36.36 11.55
C GLU B 283 -25.30 -36.55 13.07
N HIS B 284 -25.83 -35.55 13.79
CA HIS B 284 -25.81 -35.52 15.26
C HIS B 284 -27.12 -35.93 15.95
N PHE B 285 -28.23 -35.33 15.49
CA PHE B 285 -29.58 -35.64 16.00
C PHE B 285 -29.91 -37.12 16.28
N PRO B 286 -29.67 -38.02 15.30
CA PRO B 286 -30.03 -39.43 15.54
C PRO B 286 -29.11 -40.18 16.51
N ARG B 287 -28.01 -39.56 16.93
CA ARG B 287 -27.11 -40.15 17.91
C ARG B 287 -27.33 -39.65 19.34
N MET B 288 -28.18 -38.64 19.50
CA MET B 288 -28.32 -37.97 20.79
C MET B 288 -29.05 -38.82 21.78
N ARG B 289 -28.68 -38.67 23.05
CA ARG B 289 -29.33 -39.44 24.11
C ARG B 289 -30.80 -39.02 24.27
N ASP B 290 -31.56 -39.84 25.00
CA ASP B 290 -32.97 -39.54 25.26
C ASP B 290 -33.12 -38.21 26.00
N ASP B 291 -33.96 -37.32 25.47
CA ASP B 291 -34.25 -36.02 26.10
C ASP B 291 -33.04 -35.07 26.23
N ALA B 292 -32.08 -35.26 25.34
CA ALA B 292 -31.03 -34.29 25.14
C ALA B 292 -31.66 -32.94 24.71
N ILE B 293 -31.36 -31.91 25.48
CA ILE B 293 -31.85 -30.56 25.24
C ILE B 293 -30.92 -29.85 24.25
N VAL B 294 -31.49 -29.33 23.16
CA VAL B 294 -30.73 -28.62 22.11
C VAL B 294 -31.15 -27.17 21.97
N CYS B 295 -30.19 -26.26 22.09
CA CYS B 295 -30.50 -24.84 21.94
C CYS B 295 -29.36 -24.03 21.31
N ASN B 296 -29.71 -22.82 20.89
CA ASN B 296 -28.79 -21.91 20.27
C ASN B 296 -28.93 -20.55 20.90
N ILE B 297 -27.81 -19.88 21.10
CA ILE B 297 -27.76 -18.53 21.63
C ILE B 297 -27.11 -17.53 20.62
N GLY B 298 -26.57 -18.04 19.51
CA GLY B 298 -26.07 -17.18 18.44
C GLY B 298 -27.21 -16.53 17.68
N HIS B 299 -26.91 -15.51 16.88
CA HIS B 299 -27.98 -14.66 16.33
C HIS B 299 -28.98 -15.38 15.41
N PHE B 300 -28.52 -16.28 14.54
CA PHE B 300 -29.43 -17.00 13.63
C PHE B 300 -29.63 -18.45 14.05
N ASP B 301 -30.86 -18.94 13.94
CA ASP B 301 -31.19 -20.35 14.26
C ASP B 301 -30.54 -21.45 13.43
N THR B 302 -29.96 -21.09 12.29
CA THR B 302 -29.38 -22.07 11.35
C THR B 302 -28.09 -22.76 11.83
N GLU B 303 -27.64 -22.43 13.04
CA GLU B 303 -26.57 -23.19 13.69
C GLU B 303 -27.05 -24.63 13.94
N ILE B 304 -28.36 -24.77 14.16
CA ILE B 304 -29.01 -26.07 14.32
C ILE B 304 -29.83 -26.34 13.07
N GLN B 305 -29.77 -27.57 12.58
CA GLN B 305 -30.56 -27.99 11.42
C GLN B 305 -31.96 -28.34 11.91
N VAL B 306 -32.77 -27.30 12.15
CA VAL B 306 -34.12 -27.47 12.69
C VAL B 306 -35.07 -27.94 11.60
N ALA B 307 -34.88 -27.42 10.40
CA ALA B 307 -35.65 -27.84 9.22
C ALA B 307 -35.55 -29.35 9.03
N TRP B 308 -34.32 -29.88 9.19
CA TRP B 308 -34.08 -31.32 9.15
C TRP B 308 -34.79 -32.06 10.29
N LEU B 309 -34.61 -31.57 11.51
CA LEU B 309 -35.25 -32.17 12.70
C LEU B 309 -36.76 -32.29 12.48
N LYS B 310 -37.38 -31.22 12.05
CA LYS B 310 -38.82 -31.18 11.81
C LYS B 310 -39.23 -32.13 10.69
N ALA B 311 -38.42 -32.18 9.63
CA ALA B 311 -38.72 -33.01 8.47
C ALA B 311 -38.55 -34.50 8.76
N ASN B 312 -37.62 -34.84 9.66
CA ASN B 312 -37.27 -36.25 9.91
C ASN B 312 -37.75 -36.88 11.24
N ALA B 313 -38.26 -36.04 12.15
CA ALA B 313 -38.86 -36.53 13.41
C ALA B 313 -40.21 -37.21 13.17
N LYS B 314 -40.51 -38.23 13.97
CA LYS B 314 -41.76 -38.98 13.83
C LYS B 314 -42.91 -38.40 14.67
N GLU B 315 -42.58 -37.61 15.69
CA GLU B 315 -43.58 -36.95 16.51
C GLU B 315 -43.05 -35.62 17.04
N ARG B 316 -43.90 -34.61 17.10
CA ARG B 316 -43.55 -33.35 17.76
C ARG B 316 -44.64 -32.98 18.74
N VAL B 317 -44.25 -32.63 19.97
CA VAL B 317 -45.17 -32.16 20.99
C VAL B 317 -44.71 -30.81 21.50
N GLU B 318 -45.62 -29.84 21.52
CA GLU B 318 -45.35 -28.60 22.23
C GLU B 318 -45.52 -28.90 23.72
N VAL B 319 -44.42 -28.97 24.45
CA VAL B 319 -44.49 -29.14 25.89
C VAL B 319 -45.15 -27.88 26.43
N LYS B 320 -44.58 -26.74 26.04
CA LYS B 320 -45.19 -25.42 26.27
C LYS B 320 -44.59 -24.46 25.24
N PRO B 321 -45.12 -23.23 25.16
CA PRO B 321 -44.56 -22.30 24.18
C PRO B 321 -43.04 -22.22 24.24
N GLN B 322 -42.41 -22.34 23.07
CA GLN B 322 -40.96 -22.30 22.87
C GLN B 322 -40.19 -23.50 23.44
N VAL B 323 -40.91 -24.61 23.66
CA VAL B 323 -40.30 -25.90 23.99
C VAL B 323 -40.99 -27.03 23.18
N ASP B 324 -40.29 -27.53 22.17
CA ASP B 324 -40.79 -28.61 21.32
C ASP B 324 -40.06 -29.92 21.64
N ARG B 325 -40.81 -30.95 21.99
CA ARG B 325 -40.27 -32.27 22.23
C ARG B 325 -40.50 -33.15 21.01
N TYR B 326 -39.43 -33.49 20.31
CA TYR B 326 -39.48 -34.35 19.12
C TYR B 326 -39.14 -35.81 19.45
N THR B 327 -39.88 -36.74 18.84
CA THR B 327 -39.57 -38.17 18.92
C THR B 327 -38.96 -38.61 17.60
N MET B 328 -37.75 -39.16 17.68
CA MET B 328 -37.00 -39.57 16.50
C MET B 328 -37.37 -41.00 16.04
N ALA B 329 -36.97 -41.33 14.81
CA ALA B 329 -37.18 -42.67 14.25
C ALA B 329 -36.63 -43.79 15.15
N ASN B 330 -35.59 -43.49 15.93
CA ASN B 330 -35.04 -44.41 16.94
C ASN B 330 -35.85 -44.54 18.23
N GLY B 331 -36.92 -43.75 18.39
CA GLY B 331 -37.78 -43.85 19.58
C GLY B 331 -37.39 -42.97 20.76
N ARG B 332 -36.20 -42.37 20.69
CA ARG B 332 -35.74 -41.46 21.73
C ARG B 332 -36.17 -40.03 21.42
N HIS B 333 -36.00 -39.16 22.39
CA HIS B 333 -36.52 -37.82 22.29
C HIS B 333 -35.42 -36.75 22.19
N ILE B 334 -35.78 -35.66 21.49
CA ILE B 334 -35.00 -34.44 21.44
C ILE B 334 -35.89 -33.30 21.94
N ILE B 335 -35.42 -32.54 22.93
CA ILE B 335 -36.09 -31.30 23.34
C ILE B 335 -35.38 -30.11 22.66
N LEU B 336 -36.08 -29.42 21.76
CA LEU B 336 -35.53 -28.23 21.09
C LEU B 336 -36.12 -26.95 21.70
N LEU B 337 -35.25 -26.01 22.02
CA LEU B 337 -35.68 -24.77 22.65
C LEU B 337 -35.82 -23.62 21.66
N ALA B 338 -36.97 -22.94 21.73
CA ALA B 338 -37.27 -21.76 20.91
C ALA B 338 -37.13 -21.97 19.39
N GLU B 339 -37.42 -23.20 18.92
CA GLU B 339 -37.21 -23.57 17.50
C GLU B 339 -35.81 -23.22 16.98
N GLY B 340 -34.81 -23.26 17.85
CA GLY B 340 -33.43 -22.89 17.48
C GLY B 340 -33.12 -21.40 17.57
N ARG B 341 -34.10 -20.56 17.89
CA ARG B 341 -33.84 -19.13 18.01
C ARG B 341 -33.11 -18.79 19.34
N LEU B 342 -32.46 -17.62 19.39
CA LEU B 342 -31.74 -17.13 20.59
C LEU B 342 -32.46 -17.52 21.89
N VAL B 343 -31.97 -18.54 22.60
CA VAL B 343 -32.71 -19.13 23.73
C VAL B 343 -32.91 -18.17 24.90
N ASN B 344 -31.91 -17.33 25.16
CA ASN B 344 -31.99 -16.37 26.27
C ASN B 344 -33.13 -15.37 26.09
N LEU B 345 -33.35 -14.93 24.86
CA LEU B 345 -34.43 -13.98 24.56
C LEU B 345 -35.74 -14.69 24.26
N GLY B 346 -35.64 -15.90 23.69
CA GLY B 346 -36.81 -16.67 23.26
C GLY B 346 -37.52 -17.47 24.35
N CYS B 347 -36.75 -17.99 25.31
CA CYS B 347 -37.32 -18.74 26.43
C CYS B 347 -37.22 -18.00 27.76
N ALA B 348 -36.62 -16.82 27.76
CA ALA B 348 -36.47 -16.01 28.97
C ALA B 348 -36.52 -14.53 28.57
N SER B 349 -35.85 -13.64 29.30
CA SER B 349 -35.98 -12.19 29.08
C SER B 349 -34.72 -11.54 28.57
N GLY B 350 -33.83 -12.34 27.99
CA GLY B 350 -32.52 -11.88 27.57
C GLY B 350 -31.63 -11.47 28.73
N HIS B 351 -30.59 -10.71 28.39
CA HIS B 351 -29.67 -10.17 29.37
C HIS B 351 -30.37 -9.21 30.33
N PRO B 352 -29.98 -9.24 31.61
CA PRO B 352 -30.49 -8.25 32.56
C PRO B 352 -30.21 -6.81 32.12
N SER B 353 -30.97 -5.88 32.67
CA SER B 353 -30.88 -4.47 32.33
C SER B 353 -29.48 -3.87 32.54
N PHE B 354 -28.84 -4.21 33.65
CA PHE B 354 -27.58 -3.55 33.96
C PHE B 354 -26.51 -3.72 32.88
N VAL B 355 -26.40 -4.92 32.31
CA VAL B 355 -25.41 -5.16 31.24
C VAL B 355 -25.84 -4.54 29.90
N MET B 356 -27.13 -4.53 29.61
CA MET B 356 -27.67 -3.85 28.43
C MET B 356 -27.49 -2.32 28.49
N SER B 357 -27.37 -1.77 29.70
CA SER B 357 -27.08 -0.33 29.85
C SER B 357 -25.72 0.03 29.21
N ASN B 358 -24.72 -0.83 29.41
CA ASN B 358 -23.43 -0.70 28.70
C ASN B 358 -23.65 -0.73 27.18
N SER B 359 -24.24 -1.84 26.71
CA SER B 359 -24.51 -2.03 25.29
C SER B 359 -25.21 -0.83 24.69
N PHE B 360 -26.31 -0.42 25.31
CA PHE B 360 -27.16 0.63 24.72
C PHE B 360 -26.59 2.03 24.87
N CYS B 361 -25.69 2.24 25.83
CA CYS B 361 -24.97 3.51 25.96
C CYS B 361 -24.08 3.73 24.75
N ASN B 362 -23.35 2.69 24.35
CA ASN B 362 -22.54 2.70 23.12
C ASN B 362 -23.41 3.01 21.89
N GLN B 363 -24.60 2.40 21.84
CA GLN B 363 -25.61 2.66 20.80
C GLN B 363 -26.09 4.11 20.75
N VAL B 364 -26.34 4.70 21.92
CA VAL B 364 -26.72 6.12 21.98
C VAL B 364 -25.54 6.99 21.56
N LEU B 365 -24.35 6.69 22.10
CA LEU B 365 -23.15 7.45 21.74
C LEU B 365 -22.86 7.35 20.24
N ALA B 366 -23.08 6.14 19.69
CA ALA B 366 -22.86 5.88 18.28
C ALA B 366 -23.75 6.76 17.42
N GLN B 367 -25.04 6.79 17.75
CA GLN B 367 -26.02 7.56 16.98
C GLN B 367 -25.70 9.05 17.01
N ILE B 368 -25.29 9.55 18.17
CA ILE B 368 -24.86 10.94 18.35
C ILE B 368 -23.63 11.24 17.48
N GLU B 369 -22.66 10.34 17.49
CA GLU B 369 -21.45 10.48 16.69
C GLU B 369 -21.74 10.60 15.19
N LEU B 370 -22.60 9.73 14.68
CA LEU B 370 -22.89 9.67 13.25
C LEU B 370 -23.88 10.76 12.82
N TRP B 371 -24.90 11.02 13.66
CA TRP B 371 -25.94 11.97 13.29
C TRP B 371 -25.47 13.42 13.43
N THR B 372 -24.85 13.77 14.55
CA THR B 372 -24.39 15.16 14.77
C THR B 372 -23.30 15.53 13.77
N ASN B 373 -22.44 14.59 13.42
CA ASN B 373 -21.35 14.83 12.47
C ASN B 373 -21.70 14.42 11.04
N ARG B 374 -22.84 14.87 10.54
CA ARG B 374 -23.37 14.39 9.28
C ARG B 374 -22.87 15.23 8.09
N ASP B 375 -22.61 16.51 8.35
CA ASP B 375 -22.07 17.44 7.35
C ASP B 375 -20.73 17.89 7.89
N THR B 376 -19.79 16.96 7.82
CA THR B 376 -18.53 17.02 8.55
C THR B 376 -17.46 16.37 7.69
N GLY B 377 -17.85 15.31 6.99
CA GLY B 377 -16.94 14.50 6.21
C GLY B 377 -16.10 13.57 7.07
N LYS B 378 -16.26 13.60 8.40
CA LYS B 378 -15.56 12.65 9.28
C LYS B 378 -16.04 11.22 9.04
N TYR B 379 -17.28 11.09 8.58
CA TYR B 379 -17.87 9.78 8.31
C TYR B 379 -18.39 9.75 6.88
N PRO B 380 -17.46 9.73 5.88
CA PRO B 380 -17.69 9.75 4.44
C PRO B 380 -18.72 8.76 3.87
N ARG B 381 -19.45 9.26 2.88
CA ARG B 381 -20.54 8.56 2.24
C ARG B 381 -20.09 7.88 0.95
N GLY B 382 -20.72 6.74 0.63
CA GLY B 382 -20.56 6.11 -0.67
C GLY B 382 -19.27 5.31 -0.82
N ALA B 383 -18.65 5.40 -2.00
CA ALA B 383 -17.44 4.62 -2.34
C ALA B 383 -16.53 4.37 -1.14
N LYS B 384 -16.14 5.46 -0.46
CA LYS B 384 -15.14 5.43 0.61
C LYS B 384 -15.73 5.20 2.02
N ALA B 385 -16.94 4.65 2.12
CA ALA B 385 -17.55 4.36 3.44
C ALA B 385 -16.81 3.23 4.12
N GLN B 386 -16.57 3.37 5.42
CA GLN B 386 -15.84 2.35 6.15
C GLN B 386 -16.42 2.17 7.55
N VAL B 387 -16.06 1.07 8.17
CA VAL B 387 -16.56 0.70 9.50
C VAL B 387 -15.68 1.35 10.56
N TYR B 388 -16.30 1.92 11.60
CA TYR B 388 -15.56 2.57 12.69
C TYR B 388 -15.95 2.00 14.04
N PHE B 389 -15.09 2.20 15.02
CA PHE B 389 -15.39 1.88 16.42
C PHE B 389 -15.66 3.20 17.13
N LEU B 390 -16.27 3.14 18.31
CA LEU B 390 -16.35 4.31 19.19
C LEU B 390 -14.93 4.64 19.70
N PRO B 391 -14.59 5.93 19.80
CA PRO B 391 -13.29 6.27 20.40
C PRO B 391 -13.17 5.73 21.85
N LYS B 392 -11.97 5.33 22.21
CA LYS B 392 -11.69 4.66 23.47
C LYS B 392 -12.04 5.51 24.68
N LYS B 393 -12.04 6.81 24.51
CA LYS B 393 -12.45 7.72 25.58
C LYS B 393 -13.90 7.49 25.96
N LEU B 394 -14.73 7.32 24.92
CA LEU B 394 -16.17 7.09 25.12
C LEU B 394 -16.48 5.70 25.68
N ASP B 395 -15.73 4.70 25.20
CA ASP B 395 -15.76 3.34 25.79
C ASP B 395 -15.51 3.44 27.30
N GLU B 396 -14.53 4.23 27.71
CA GLU B 396 -14.21 4.38 29.15
C GLU B 396 -15.33 5.10 29.88
N LYS B 397 -15.82 6.19 29.28
CA LYS B 397 -16.98 6.92 29.81
C LYS B 397 -18.11 5.97 30.18
N VAL B 398 -18.51 5.10 29.25
CA VAL B 398 -19.60 4.14 29.53
C VAL B 398 -19.31 3.25 30.77
N ALA B 399 -18.10 2.70 30.88
CA ALA B 399 -17.79 1.88 32.06
C ALA B 399 -17.87 2.76 33.29
N ALA B 400 -17.36 3.99 33.20
CA ALA B 400 -17.33 4.83 34.40
C ALA B 400 -18.74 5.10 34.90
N LEU B 401 -19.71 5.16 33.97
CA LEU B 401 -21.12 5.41 34.33
C LEU B 401 -21.79 4.26 35.09
N HIS B 402 -21.15 3.09 35.10
CA HIS B 402 -21.75 1.91 35.69
C HIS B 402 -21.03 1.46 36.96
N LEU B 403 -19.91 2.10 37.31
CA LEU B 403 -19.20 1.76 38.55
C LEU B 403 -19.94 2.17 39.80
N GLY B 404 -20.61 3.33 39.77
CA GLY B 404 -21.23 3.87 40.97
C GLY B 404 -22.25 2.96 41.62
N LYS B 405 -23.18 2.44 40.81
CA LYS B 405 -24.24 1.56 41.30
C LYS B 405 -23.66 0.38 42.05
N LEU B 406 -22.48 -0.09 41.62
CA LEU B 406 -21.81 -1.24 42.25
C LEU B 406 -20.89 -0.88 43.42
N GLY B 407 -20.70 0.42 43.65
CA GLY B 407 -19.78 0.92 44.66
C GLY B 407 -18.30 0.74 44.35
N ALA B 408 -17.98 0.56 43.07
CA ALA B 408 -16.56 0.42 42.65
C ALA B 408 -15.85 1.78 42.67
N LYS B 409 -14.72 1.86 43.39
CA LYS B 409 -13.97 3.09 43.51
C LYS B 409 -12.71 3.08 42.66
N LEU B 410 -12.54 4.14 41.88
CA LEU B 410 -11.48 4.25 40.93
C LEU B 410 -10.32 5.08 41.51
N THR B 411 -9.10 4.61 41.28
CA THR B 411 -7.91 5.32 41.71
C THR B 411 -7.57 6.37 40.67
N LYS B 412 -7.08 7.51 41.13
CA LYS B 412 -6.73 8.62 40.24
C LYS B 412 -5.21 8.61 40.07
N LEU B 413 -4.76 8.56 38.82
CA LEU B 413 -3.33 8.68 38.53
C LEU B 413 -2.85 10.05 38.98
N THR B 414 -1.61 10.09 39.49
CA THR B 414 -0.91 11.35 39.71
C THR B 414 -0.28 11.74 38.36
N PRO B 415 0.14 13.01 38.21
CA PRO B 415 0.77 13.43 36.95
C PRO B 415 2.00 12.58 36.59
N LYS B 416 2.85 12.31 37.58
CA LYS B 416 4.02 11.43 37.38
C LYS B 416 3.63 10.01 36.98
N GLN B 417 2.58 9.47 37.59
CA GLN B 417 2.12 8.13 37.21
C GLN B 417 1.59 8.06 35.77
N ALA B 418 0.81 9.07 35.38
CA ALA B 418 0.26 9.12 34.02
C ALA B 418 1.41 9.25 33.03
N GLU B 419 2.36 10.13 33.35
CA GLU B 419 3.55 10.29 32.54
C GLU B 419 4.32 8.95 32.42
N TYR B 420 4.60 8.33 33.56
CA TYR B 420 5.34 7.05 33.59
C TYR B 420 4.67 5.96 32.75
N ILE B 421 3.34 5.88 32.83
CA ILE B 421 2.56 4.92 32.04
C ILE B 421 2.34 5.37 30.60
N ASN B 422 2.55 6.65 30.31
CA ASN B 422 2.39 7.20 28.97
C ASN B 422 0.92 7.38 28.55
N CYS B 423 0.11 7.96 29.43
CA CYS B 423 -1.28 8.34 29.10
C CYS B 423 -1.68 9.64 29.82
N PRO B 424 -2.84 10.22 29.46
CA PRO B 424 -3.40 11.33 30.26
C PRO B 424 -3.91 10.86 31.63
N VAL B 425 -3.98 11.80 32.59
CA VAL B 425 -4.56 11.51 33.92
C VAL B 425 -6.02 11.07 33.80
N ASP B 426 -6.77 11.66 32.88
CA ASP B 426 -8.18 11.33 32.66
C ASP B 426 -8.39 10.31 31.53
N GLY B 427 -7.31 9.71 31.03
CA GLY B 427 -7.40 8.63 30.03
C GLY B 427 -7.56 9.21 28.64
N PRO B 428 -7.71 8.34 27.63
CA PRO B 428 -7.69 6.88 27.65
C PRO B 428 -6.42 6.24 28.24
N PHE B 429 -6.59 5.12 28.96
CA PHE B 429 -5.48 4.50 29.68
C PHE B 429 -4.68 3.42 28.93
N LYS B 430 -5.27 2.85 27.87
CA LYS B 430 -4.67 1.76 27.11
C LYS B 430 -4.49 2.16 25.66
N PRO B 431 -3.50 1.56 24.96
CA PRO B 431 -3.28 1.80 23.54
C PRO B 431 -4.40 1.10 22.78
N ASP B 432 -4.60 1.49 21.54
CA ASP B 432 -5.79 1.02 20.82
C ASP B 432 -5.83 -0.46 20.56
N HIS B 433 -4.66 -1.11 20.55
CA HIS B 433 -4.59 -2.58 20.38
C HIS B 433 -4.91 -3.38 21.67
N TYR B 434 -5.09 -2.71 22.80
CA TYR B 434 -5.31 -3.45 24.08
C TYR B 434 -6.59 -4.33 24.09
N ARG B 435 -6.45 -5.53 24.65
CA ARG B 435 -7.49 -6.55 24.51
C ARG B 435 -8.32 -6.74 25.76
N TYR B 436 -7.91 -6.09 26.86
CA TYR B 436 -8.62 -6.22 28.16
C TYR B 436 -8.88 -7.68 28.55
N SER C 1 50.97 1.76 -6.41
CA SER C 1 50.45 2.43 -7.67
C SER C 1 49.15 3.14 -7.39
N MET C 2 49.26 4.45 -7.31
CA MET C 2 48.20 5.25 -6.81
C MET C 2 47.55 5.96 -7.99
N TYR C 3 48.39 6.38 -9.22
CA TYR C 3 47.67 6.69 -10.45
C TYR C 3 48.48 6.17 -11.63
N LYS C 4 47.81 6.02 -12.77
CA LYS C 4 48.51 5.74 -14.00
C LYS C 4 47.82 6.42 -15.18
N VAL C 5 48.50 7.41 -15.75
CA VAL C 5 47.96 8.19 -16.85
C VAL C 5 49.07 8.34 -17.89
N ARG C 6 48.72 8.78 -19.07
CA ARG C 6 49.69 8.91 -20.15
C ARG C 6 50.84 9.88 -19.81
N ASP C 7 50.50 11.08 -19.36
CA ASP C 7 51.47 12.17 -19.20
C ASP C 7 50.95 13.18 -18.17
N ILE C 8 51.53 13.18 -16.97
CA ILE C 8 51.11 14.05 -15.86
C ILE C 8 51.33 15.54 -16.19
N SER C 9 52.24 15.81 -17.13
CA SER C 9 52.50 17.17 -17.57
C SER C 9 51.35 17.82 -18.35
N LEU C 10 50.37 17.01 -18.77
CA LEU C 10 49.15 17.52 -19.40
C LEU C 10 48.17 18.15 -18.40
N ALA C 11 48.47 18.01 -17.11
CA ALA C 11 47.58 18.42 -16.00
C ALA C 11 47.19 19.88 -16.10
N GLU C 12 48.14 20.76 -16.42
CA GLU C 12 47.79 22.20 -16.45
C GLU C 12 46.82 22.53 -17.59
N TRP C 13 47.05 21.94 -18.74
CA TRP C 13 46.15 22.09 -19.87
C TRP C 13 44.76 21.57 -19.51
N GLY C 14 44.71 20.38 -18.91
CA GLY C 14 43.46 19.88 -18.39
C GLY C 14 42.74 20.86 -17.47
N ARG C 15 43.49 21.48 -16.55
CA ARG C 15 42.90 22.38 -15.56
C ARG C 15 42.36 23.66 -16.24
N ARG C 16 42.99 24.14 -17.31
CA ARG C 16 42.45 25.26 -18.10
C ARG C 16 41.10 24.90 -18.68
N GLU C 17 41.03 23.73 -19.33
CA GLU C 17 39.78 23.27 -19.95
C GLU C 17 38.69 22.95 -18.92
N LEU C 18 39.09 22.45 -17.76
CA LEU C 18 38.14 22.16 -16.66
C LEU C 18 37.36 23.42 -16.20
N GLU C 19 37.99 24.60 -16.30
CA GLU C 19 37.33 25.87 -15.99
C GLU C 19 36.19 26.14 -16.93
N LEU C 20 36.46 26.03 -18.22
CA LEU C 20 35.42 26.13 -19.25
C LEU C 20 34.33 25.09 -19.01
N ALA C 21 34.70 23.84 -18.74
CA ALA C 21 33.69 22.76 -18.56
C ALA C 21 32.83 23.03 -17.35
N GLU C 22 33.43 23.49 -16.25
CA GLU C 22 32.61 23.74 -15.04
C GLU C 22 31.54 24.81 -15.32
N ASN C 23 31.89 25.85 -16.08
CA ASN C 23 30.95 26.92 -16.44
C ASN C 23 29.78 26.42 -17.31
N GLU C 24 30.05 25.38 -18.08
CA GLU C 24 29.06 24.71 -18.92
C GLU C 24 28.28 23.62 -18.21
N MET C 25 28.58 23.39 -16.93
CA MET C 25 27.88 22.38 -16.17
C MET C 25 27.21 22.96 -14.94
N PRO C 26 26.23 23.86 -15.17
CA PRO C 26 25.70 24.55 -14.03
C PRO C 26 25.04 23.65 -13.02
N GLY C 27 24.41 22.56 -13.48
CA GLY C 27 23.74 21.69 -12.52
C GLY C 27 24.70 20.99 -11.58
N LEU C 28 25.79 20.47 -12.13
CA LEU C 28 26.79 19.78 -11.27
C LEU C 28 27.41 20.74 -10.24
N MET C 29 27.75 21.95 -10.71
CA MET C 29 28.28 22.98 -9.84
C MET C 29 27.27 23.42 -8.76
N GLU C 30 26.00 23.44 -9.09
CA GLU C 30 24.97 23.80 -8.11
C GLU C 30 24.78 22.69 -7.06
N LEU C 31 24.86 21.43 -7.47
CA LEU C 31 24.84 20.31 -6.49
C LEU C 31 26.02 20.39 -5.53
N ARG C 32 27.19 20.73 -6.08
CA ARG C 32 28.35 21.06 -5.24
C ARG C 32 28.07 22.13 -4.16
N ARG C 33 27.33 23.17 -4.51
CA ARG C 33 26.97 24.21 -3.55
C ARG C 33 25.89 23.77 -2.60
N GLU C 34 24.87 23.09 -3.12
CA GLU C 34 23.76 22.69 -2.31
C GLU C 34 24.15 21.60 -1.31
N TYR C 35 24.90 20.59 -1.76
CA TYR C 35 25.20 19.38 -0.94
C TYR C 35 26.59 19.31 -0.29
N GLY C 36 27.53 20.10 -0.81
CA GLY C 36 28.90 20.06 -0.30
C GLY C 36 29.03 20.22 1.22
N PRO C 37 28.47 21.30 1.77
CA PRO C 37 28.61 21.50 3.24
C PRO C 37 28.11 20.33 4.08
N SER C 38 27.05 19.66 3.66
CA SER C 38 26.50 18.53 4.48
C SER C 38 27.17 17.19 4.21
N LYS C 39 28.01 17.12 3.18
CA LYS C 39 28.84 15.95 2.90
C LYS C 39 28.07 14.61 2.91
N PRO C 40 27.05 14.49 2.03
CA PRO C 40 26.15 13.33 2.00
C PRO C 40 26.86 12.01 1.64
N LEU C 41 28.01 12.11 0.97
CA LEU C 41 28.84 10.96 0.62
C LEU C 41 30.08 10.71 1.49
N LYS C 42 30.19 11.41 2.63
CA LYS C 42 31.18 11.05 3.66
C LYS C 42 31.07 9.56 4.00
N GLY C 43 32.19 8.85 3.88
CA GLY C 43 32.22 7.40 4.12
C GLY C 43 32.09 6.53 2.87
N ALA C 44 31.53 7.10 1.81
CA ALA C 44 31.39 6.42 0.52
C ALA C 44 32.76 6.22 -0.08
N LYS C 45 32.98 5.03 -0.61
CA LYS C 45 34.21 4.64 -1.26
C LYS C 45 33.77 4.14 -2.66
N ILE C 46 33.89 5.02 -3.65
CA ILE C 46 33.31 4.84 -5.00
C ILE C 46 34.39 4.43 -5.99
N ALA C 47 34.24 3.22 -6.56
CA ALA C 47 35.03 2.80 -7.69
C ALA C 47 34.20 3.16 -8.92
N GLY C 48 34.79 3.97 -9.79
CA GLY C 48 34.10 4.41 -11.01
C GLY C 48 34.73 3.83 -12.24
N CYS C 49 33.89 3.46 -13.23
CA CYS C 49 34.33 2.95 -14.52
C CYS C 49 33.48 3.64 -15.59
N LEU C 50 33.99 4.75 -16.06
CA LEU C 50 33.26 5.66 -16.90
C LEU C 50 34.28 6.50 -17.63
N HIS C 51 34.09 6.61 -18.94
CA HIS C 51 34.92 7.43 -19.87
C HIS C 51 35.57 8.61 -19.18
N MET C 52 36.90 8.57 -19.12
CA MET C 52 37.70 9.56 -18.39
C MET C 52 37.90 10.80 -19.22
N THR C 53 36.86 11.62 -19.27
CA THR C 53 36.85 12.82 -20.10
C THR C 53 36.82 14.04 -19.17
N MET C 54 36.87 15.22 -19.75
CA MET C 54 36.81 16.49 -19.02
C MET C 54 35.51 16.59 -18.21
N GLN C 55 34.42 16.11 -18.81
CA GLN C 55 33.12 16.06 -18.14
C GLN C 55 33.11 15.14 -16.92
N THR C 56 33.72 13.98 -17.06
CA THR C 56 33.77 13.03 -15.97
C THR C 56 34.66 13.58 -14.83
N ALA C 57 35.67 14.36 -15.18
CA ALA C 57 36.48 15.08 -14.20
C ALA C 57 35.63 15.99 -13.32
N VAL C 58 34.69 16.75 -13.93
CA VAL C 58 33.79 17.59 -13.12
C VAL C 58 32.90 16.76 -12.19
N LEU C 59 32.39 15.65 -12.71
CA LEU C 59 31.69 14.64 -11.89
C LEU C 59 32.52 14.15 -10.72
N ILE C 60 33.74 13.68 -11.01
CA ILE C 60 34.64 13.13 -10.00
C ILE C 60 34.88 14.16 -8.85
N GLU C 61 35.24 15.38 -9.21
CA GLU C 61 35.50 16.38 -8.19
C GLU C 61 34.22 16.78 -7.42
N THR C 62 33.03 16.58 -8.02
CA THR C 62 31.74 16.79 -7.33
C THR C 62 31.51 15.74 -6.28
N LEU C 63 31.76 14.49 -6.63
CA LEU C 63 31.69 13.40 -5.68
C LEU C 63 32.64 13.61 -4.49
N VAL C 64 33.88 14.01 -4.78
CA VAL C 64 34.88 14.28 -3.75
C VAL C 64 34.46 15.49 -2.87
N GLU C 65 34.00 16.57 -3.50
CA GLU C 65 33.44 17.70 -2.72
C GLU C 65 32.25 17.31 -1.80
N LEU C 66 31.49 16.29 -2.18
CA LEU C 66 30.38 15.79 -1.34
C LEU C 66 30.82 14.79 -0.29
N GLY C 67 32.11 14.48 -0.25
CA GLY C 67 32.71 13.68 0.82
C GLY C 67 33.29 12.34 0.41
N ALA C 68 33.15 11.95 -0.84
CA ALA C 68 33.44 10.59 -1.25
C ALA C 68 34.93 10.39 -1.45
N GLU C 69 35.40 9.19 -1.13
CA GLU C 69 36.66 8.70 -1.67
C GLU C 69 36.35 8.13 -3.05
N VAL C 70 37.21 8.40 -4.02
CA VAL C 70 36.96 7.97 -5.40
C VAL C 70 38.25 7.45 -6.03
N ARG C 71 38.12 6.30 -6.71
CA ARG C 71 39.17 5.79 -7.59
C ARG C 71 38.49 5.48 -8.89
N TRP C 72 39.14 5.84 -10.00
CA TRP C 72 38.50 5.86 -11.29
C TRP C 72 39.29 5.15 -12.39
N ALA C 73 38.57 4.61 -13.38
CA ALA C 73 39.13 4.04 -14.58
C ALA C 73 38.13 4.31 -15.72
N SER C 74 38.59 4.36 -16.97
CA SER C 74 37.64 4.52 -18.10
C SER C 74 36.93 3.21 -18.41
N CYS C 75 35.73 3.30 -18.99
CA CYS C 75 35.00 2.12 -19.47
C CYS C 75 35.18 1.85 -20.97
N ASN C 76 36.15 2.54 -21.58
CA ASN C 76 36.52 2.27 -22.95
C ASN C 76 37.98 2.58 -23.17
N ILE C 77 38.66 1.72 -23.93
CA ILE C 77 40.09 1.85 -24.23
C ILE C 77 40.50 3.09 -25.05
N PHE C 78 39.55 3.76 -25.70
CA PHE C 78 39.89 4.94 -26.50
C PHE C 78 39.19 6.23 -26.05
N SER C 79 38.42 6.19 -24.97
CA SER C 79 37.60 7.34 -24.65
C SER C 79 38.29 8.35 -23.71
N THR C 80 39.38 7.95 -23.05
CA THR C 80 40.07 8.84 -22.12
C THR C 80 40.61 10.04 -22.84
N GLN C 81 40.43 11.18 -22.18
CA GLN C 81 41.04 12.42 -22.53
C GLN C 81 42.21 12.60 -21.58
N ASP C 82 43.41 12.50 -22.14
CA ASP C 82 44.63 12.34 -21.33
C ASP C 82 44.88 13.57 -20.40
N HIS C 83 44.54 14.77 -20.88
CA HIS C 83 44.66 15.98 -20.06
C HIS C 83 43.68 16.05 -18.88
N ALA C 84 42.48 15.51 -19.07
CA ALA C 84 41.50 15.37 -17.98
C ALA C 84 41.99 14.37 -16.93
N ALA C 85 42.48 13.22 -17.37
CA ALA C 85 42.99 12.21 -16.45
C ALA C 85 44.16 12.80 -15.64
N ALA C 86 45.02 13.51 -16.35
CA ALA C 86 46.18 14.17 -15.73
C ALA C 86 45.78 15.21 -14.68
N ALA C 87 44.79 16.07 -15.01
CA ALA C 87 44.27 17.05 -14.07
C ALA C 87 43.73 16.41 -12.79
N ILE C 88 42.99 15.31 -12.92
CA ILE C 88 42.48 14.59 -11.75
C ILE C 88 43.61 13.95 -10.94
N ALA C 89 44.53 13.32 -11.66
CA ALA C 89 45.70 12.63 -11.09
C ALA C 89 46.61 13.61 -10.31
N LYS C 90 46.84 14.81 -10.86
CA LYS C 90 47.69 15.79 -10.21
C LYS C 90 47.07 16.29 -8.88
N ARG C 91 45.75 16.25 -8.79
CA ARG C 91 44.97 16.68 -7.61
C ARG C 91 45.06 15.62 -6.49
N GLY C 92 45.52 14.41 -6.83
CA GLY C 92 45.69 13.34 -5.88
C GLY C 92 44.55 12.34 -5.86
N ILE C 93 43.68 12.39 -6.86
CA ILE C 93 42.61 11.40 -7.02
C ILE C 93 43.14 10.22 -7.85
N PRO C 94 43.06 9.00 -7.32
CA PRO C 94 43.59 7.87 -8.06
C PRO C 94 42.81 7.58 -9.36
N VAL C 95 43.48 7.73 -10.49
CA VAL C 95 42.88 7.50 -11.84
C VAL C 95 43.87 6.67 -12.67
N PHE C 96 43.31 5.65 -13.31
CA PHE C 96 44.06 4.65 -14.04
C PHE C 96 43.39 4.62 -15.39
N ALA C 97 43.87 5.46 -16.30
CA ALA C 97 43.24 5.67 -17.58
C ALA C 97 44.15 6.44 -18.54
N TRP C 98 44.20 5.94 -19.76
CA TRP C 98 44.84 6.64 -20.86
C TRP C 98 44.15 6.24 -22.16
N LYS C 99 44.23 7.10 -23.15
CA LYS C 99 43.69 6.83 -24.46
C LYS C 99 44.56 5.82 -25.14
N GLY C 100 43.95 4.80 -25.73
CA GLY C 100 44.72 3.75 -26.39
C GLY C 100 45.22 2.65 -25.48
N GLU C 101 44.42 2.26 -24.50
CA GLU C 101 44.69 1.08 -23.72
C GLU C 101 44.57 -0.21 -24.54
N THR C 102 45.37 -1.22 -24.16
CA THR C 102 45.11 -2.60 -24.57
C THR C 102 44.02 -3.15 -23.66
N GLU C 103 43.36 -4.23 -24.09
CA GLU C 103 42.30 -4.83 -23.29
C GLU C 103 42.85 -5.33 -21.97
N GLU C 104 44.09 -5.82 -22.00
CA GLU C 104 44.78 -6.25 -20.82
C GLU C 104 45.01 -5.07 -19.82
N GLU C 105 45.58 -3.98 -20.32
CA GLU C 105 45.70 -2.70 -19.58
C GLU C 105 44.37 -2.18 -19.03
N TYR C 106 43.30 -2.30 -19.82
CA TYR C 106 41.93 -1.90 -19.41
C TYR C 106 41.48 -2.61 -18.14
N MET C 107 41.73 -3.91 -18.10
CA MET C 107 41.34 -4.73 -16.97
C MET C 107 42.23 -4.45 -15.75
N TRP C 108 43.50 -4.16 -15.99
CA TRP C 108 44.42 -3.81 -14.94
C TRP C 108 43.93 -2.49 -14.30
N CYS C 109 43.62 -1.51 -15.15
CA CYS C 109 43.10 -0.21 -14.68
C CYS C 109 41.86 -0.41 -13.82
N MET C 110 40.90 -1.20 -14.28
CA MET C 110 39.69 -1.41 -13.50
C MET C 110 40.01 -2.01 -12.15
N LYS C 111 40.86 -3.04 -12.13
CA LYS C 111 41.23 -3.70 -10.90
C LYS C 111 41.82 -2.73 -9.89
N GLN C 112 42.48 -1.69 -10.39
CA GLN C 112 43.14 -0.72 -9.54
C GLN C 112 42.15 0.10 -8.74
N THR C 113 40.89 0.16 -9.18
CA THR C 113 39.86 0.93 -8.49
C THR C 113 39.18 0.18 -7.34
N LEU C 114 39.47 -1.10 -7.22
CA LEU C 114 38.82 -1.96 -6.23
C LEU C 114 39.71 -2.23 -5.01
N LYS C 115 40.80 -1.50 -4.87
CA LYS C 115 41.67 -1.59 -3.72
C LYS C 115 42.23 -0.21 -3.41
N GLY C 116 42.84 -0.06 -2.24
CA GLY C 116 43.64 1.15 -1.97
C GLY C 116 42.87 2.32 -1.39
N PHE C 117 41.62 2.10 -1.00
CA PHE C 117 40.88 3.07 -0.19
C PHE C 117 41.40 3.12 1.26
N SER C 118 40.87 4.06 2.03
CA SER C 118 41.18 4.14 3.45
C SER C 118 40.63 2.93 4.20
N GLY C 119 41.17 2.72 5.40
CA GLY C 119 40.58 1.83 6.40
C GLY C 119 39.94 0.56 5.88
N ASP C 120 40.81 -0.38 5.48
CA ASP C 120 40.47 -1.72 4.95
C ASP C 120 40.71 -1.85 3.45
N GLY C 121 40.60 -0.72 2.73
CA GLY C 121 41.02 -0.67 1.34
C GLY C 121 39.95 -0.93 0.29
N TYR C 122 38.74 -1.23 0.73
CA TYR C 122 37.67 -1.73 -0.16
C TYR C 122 36.70 -0.66 -0.60
N PRO C 123 36.28 -0.63 -1.92
CA PRO C 123 35.19 0.24 -2.24
C PRO C 123 33.90 -0.23 -1.55
N ASN C 124 32.93 0.66 -1.44
CA ASN C 124 31.59 0.27 -1.01
C ASN C 124 30.45 0.74 -1.91
N MET C 125 30.80 1.31 -3.08
CA MET C 125 29.83 1.84 -4.07
C MET C 125 30.49 1.74 -5.43
N LEU C 126 29.72 1.43 -6.47
CA LEU C 126 30.24 1.41 -7.87
C LEU C 126 29.53 2.45 -8.68
N LEU C 127 30.24 3.02 -9.64
CA LEU C 127 29.64 3.93 -10.59
C LEU C 127 30.10 3.39 -11.93
N ASP C 128 29.15 2.94 -12.74
CA ASP C 128 29.48 2.14 -13.93
C ASP C 128 28.83 2.68 -15.17
N ASP C 129 29.53 2.57 -16.29
CA ASP C 129 29.00 2.97 -17.60
C ASP C 129 29.26 1.78 -18.52
N GLY C 130 28.24 0.94 -18.68
CA GLY C 130 28.27 -0.20 -19.59
C GLY C 130 28.21 -1.58 -18.94
N GLY C 131 28.39 -1.65 -17.63
CA GLY C 131 28.24 -2.91 -16.90
C GLY C 131 29.48 -3.77 -16.67
N ASP C 132 30.63 -3.35 -17.18
CA ASP C 132 31.84 -4.13 -17.08
C ASP C 132 32.34 -4.22 -15.66
N LEU C 133 32.31 -3.10 -14.93
CA LEU C 133 32.70 -3.07 -13.53
C LEU C 133 31.75 -3.89 -12.69
N THR C 134 30.46 -3.70 -12.90
CA THR C 134 29.44 -4.41 -12.16
C THR C 134 29.63 -5.91 -12.32
N ASN C 135 29.75 -6.37 -13.56
CA ASN C 135 29.99 -7.78 -13.85
C ASN C 135 31.28 -8.31 -13.20
N TYR C 136 32.39 -7.59 -13.32
CA TYR C 136 33.67 -8.03 -12.72
C TYR C 136 33.58 -8.17 -11.21
N VAL C 137 33.00 -7.16 -10.57
CA VAL C 137 32.79 -7.14 -9.12
C VAL C 137 31.85 -8.27 -8.71
N LEU C 138 30.70 -8.39 -9.38
CA LEU C 138 29.72 -9.41 -8.95
C LEU C 138 30.14 -10.84 -9.30
N ASP C 139 30.88 -11.02 -10.39
CA ASP C 139 31.23 -12.37 -10.87
C ASP C 139 32.64 -12.83 -10.52
N GLU C 140 33.59 -11.89 -10.41
CA GLU C 140 35.02 -12.23 -10.29
C GLU C 140 35.78 -11.81 -9.01
N CYS C 141 35.16 -11.07 -8.10
N CYS C 141 35.09 -11.06 -8.15
CA CYS C 141 35.83 -10.74 -6.83
CA CYS C 141 35.63 -10.61 -6.88
C CYS C 141 34.88 -10.81 -5.66
C CYS C 141 34.67 -11.01 -5.79
N GLU C 143 37.18 -10.71 -1.60
CA GLU C 143 35.95 -10.48 -2.27
C GLU C 143 35.11 -9.39 -1.65
N LEU C 144 34.22 -8.90 -2.49
CA LEU C 144 33.42 -7.72 -2.24
C LEU C 144 31.95 -8.10 -1.97
N ASP C 145 31.67 -9.38 -1.76
CA ASP C 145 30.29 -9.92 -1.81
C ASP C 145 29.17 -9.31 -0.92
N GLY C 146 29.51 -8.70 0.19
CA GLY C 146 28.51 -7.91 0.93
C GLY C 146 29.05 -6.55 1.28
N LYS C 147 30.09 -6.13 0.54
CA LYS C 147 30.79 -4.90 0.87
C LYS C 147 30.28 -3.73 0.03
N ILE C 148 29.51 -4.04 -1.01
CA ILE C 148 28.99 -3.03 -1.95
C ILE C 148 27.53 -2.65 -1.65
N TYR C 149 27.28 -1.36 -1.45
CA TYR C 149 25.96 -0.89 -1.07
C TYR C 149 25.12 -0.42 -2.28
N GLY C 150 25.76 -0.18 -3.39
CA GLY C 150 24.99 0.20 -4.57
C GLY C 150 25.83 0.37 -5.81
N VAL C 151 25.16 0.34 -6.95
CA VAL C 151 25.75 0.75 -8.23
C VAL C 151 24.77 1.67 -8.93
N SER C 152 25.34 2.66 -9.63
CA SER C 152 24.59 3.59 -10.45
CA SER C 152 24.54 3.52 -10.47
C SER C 152 25.09 3.33 -11.87
N GLU C 153 24.18 3.08 -12.81
CA GLU C 153 24.53 2.65 -14.14
C GLU C 153 24.13 3.68 -15.16
N GLU C 154 25.08 4.06 -16.01
CA GLU C 154 24.94 5.20 -16.91
C GLU C 154 24.17 4.94 -18.20
N THR C 155 24.37 3.77 -18.81
CA THR C 155 24.04 3.61 -20.23
C THR C 155 23.08 2.47 -20.51
N THR C 156 22.40 2.56 -21.65
CA THR C 156 21.34 1.61 -22.01
C THR C 156 21.81 0.13 -21.99
N THR C 157 22.97 -0.13 -22.53
CA THR C 157 23.53 -1.49 -22.58
C THR C 157 23.81 -2.01 -21.18
N GLY C 158 24.31 -1.15 -20.29
CA GLY C 158 24.55 -1.55 -18.89
C GLY C 158 23.26 -1.82 -18.15
N VAL C 159 22.27 -0.98 -18.37
CA VAL C 159 20.95 -1.15 -17.79
C VAL C 159 20.27 -2.45 -18.31
N LYS C 160 20.40 -2.75 -19.60
CA LYS C 160 19.90 -4.03 -20.14
C LYS C 160 20.56 -5.23 -19.43
N ASN C 161 21.87 -5.15 -19.28
CA ASN C 161 22.60 -6.16 -18.54
C ASN C 161 22.20 -6.27 -17.08
N LEU C 162 21.78 -5.16 -16.45
CA LEU C 162 21.24 -5.21 -15.06
C LEU C 162 19.94 -5.96 -15.00
N TYR C 163 19.07 -5.72 -15.96
CA TYR C 163 17.79 -6.39 -15.98
C TYR C 163 17.98 -7.88 -16.30
N LYS C 164 18.94 -8.23 -17.17
CA LYS C 164 19.28 -9.64 -17.42
C LYS C 164 19.80 -10.33 -16.18
N ARG C 165 20.70 -9.65 -15.49
CA ARG C 165 21.26 -10.14 -14.24
C ARG C 165 20.13 -10.34 -13.22
N LEU C 166 19.30 -9.33 -13.04
CA LEU C 166 18.15 -9.41 -12.12
C LEU C 166 17.27 -10.65 -12.38
N GLN C 167 16.88 -10.81 -13.65
CA GLN C 167 15.99 -11.88 -14.12
C GLN C 167 16.61 -13.29 -13.98
N ARG C 168 17.94 -13.34 -14.04
CA ARG C 168 18.71 -14.57 -13.86
C ARG C 168 18.93 -14.86 -12.37
N GLY C 169 18.40 -13.99 -11.52
CA GLY C 169 18.55 -14.10 -10.09
C GLY C 169 19.95 -13.79 -9.61
N LYS C 170 20.69 -12.98 -10.37
CA LYS C 170 22.12 -12.73 -10.10
C LYS C 170 22.47 -11.27 -9.73
N LEU C 171 21.47 -10.46 -9.39
CA LEU C 171 21.71 -9.10 -8.88
C LEU C 171 21.67 -9.17 -7.37
N THR C 172 22.78 -8.77 -6.75
CA THR C 172 22.94 -8.87 -5.30
C THR C 172 23.13 -7.49 -4.64
N ILE C 173 23.11 -6.42 -5.44
CA ILE C 173 23.22 -5.06 -4.95
C ILE C 173 22.16 -4.21 -5.58
N PRO C 174 21.65 -3.20 -4.86
CA PRO C 174 20.68 -2.33 -5.47
C PRO C 174 21.33 -1.55 -6.60
N ALA C 175 20.59 -1.38 -7.68
CA ALA C 175 21.10 -0.70 -8.87
C ALA C 175 20.22 0.51 -9.17
N MET C 176 20.83 1.68 -9.35
CA MET C 176 20.05 2.82 -9.77
C MET C 176 20.23 2.92 -11.30
N ASN C 177 19.12 2.83 -12.01
CA ASN C 177 19.06 3.01 -13.45
C ASN C 177 19.04 4.52 -13.84
N VAL C 178 20.23 5.06 -14.06
CA VAL C 178 20.43 6.48 -14.38
C VAL C 178 20.15 6.70 -15.85
N ASN C 179 20.46 5.74 -16.71
CA ASN C 179 20.14 5.93 -18.15
C ASN C 179 18.67 6.31 -18.36
N ASP C 180 17.77 5.67 -17.63
CA ASP C 180 16.36 5.84 -17.92
C ASP C 180 15.73 6.95 -17.08
N SER C 181 16.55 7.81 -16.46
CA SER C 181 16.02 9.09 -15.99
C SER C 181 15.61 9.78 -17.22
N VAL C 182 14.51 10.53 -17.20
CA VAL C 182 14.12 11.27 -18.39
C VAL C 182 15.18 12.28 -18.74
N THR C 183 15.78 12.95 -17.75
CA THR C 183 16.82 13.94 -18.05
C THR C 183 18.16 13.35 -18.52
N LYS C 184 18.23 12.02 -18.59
CA LYS C 184 19.38 11.34 -19.14
C LYS C 184 19.04 10.85 -20.53
N SER C 185 18.22 9.81 -20.64
CA SER C 185 17.91 9.15 -21.92
C SER C 185 17.37 10.10 -22.98
N LYS C 186 16.52 11.03 -22.60
CA LYS C 186 15.95 11.95 -23.57
C LYS C 186 16.80 13.22 -23.89
N PHE C 187 17.97 13.34 -23.29
CA PHE C 187 18.88 14.47 -23.52
C PHE C 187 20.26 14.03 -23.97
N ASP C 188 21.00 13.34 -23.11
CA ASP C 188 22.29 12.74 -23.44
C ASP C 188 22.18 11.85 -24.66
N ASN C 189 21.35 10.81 -24.57
CA ASN C 189 21.33 9.81 -25.64
C ASN C 189 20.96 10.46 -26.98
N LEU C 190 19.99 11.38 -26.92
CA LEU C 190 19.44 12.06 -28.08
C LEU C 190 20.26 13.28 -28.52
N TYR C 191 20.21 14.36 -27.74
CA TYR C 191 20.91 15.60 -28.11
C TYR C 191 22.43 15.52 -28.06
N GLY C 192 22.97 14.74 -27.13
CA GLY C 192 24.41 14.53 -27.07
C GLY C 192 24.94 13.90 -28.35
N CYS C 193 24.31 12.78 -28.73
CA CYS C 193 24.67 12.15 -30.01
C CYS C 193 24.43 13.00 -31.22
N ARG C 194 23.36 13.80 -31.24
CA ARG C 194 23.09 14.73 -32.35
C ARG C 194 24.29 15.67 -32.56
N GLU C 195 25.01 15.99 -31.51
CA GLU C 195 26.21 16.77 -31.71
C GLU C 195 27.51 15.98 -31.81
N SER C 196 27.64 14.91 -31.06
CA SER C 196 28.95 14.28 -30.96
C SER C 196 29.29 13.24 -32.06
N LEU C 197 28.28 12.66 -32.72
CA LEU C 197 28.51 11.69 -33.77
C LEU C 197 29.25 12.35 -34.91
N VAL C 198 28.78 13.51 -35.31
CA VAL C 198 29.31 14.14 -36.52
C VAL C 198 30.67 14.74 -36.23
N ASP C 199 30.84 15.23 -35.01
CA ASP C 199 32.14 15.64 -34.52
C ASP C 199 33.20 14.49 -34.64
N GLY C 200 32.85 13.29 -34.18
CA GLY C 200 33.65 12.09 -34.33
C GLY C 200 33.98 11.84 -35.79
N ILE C 201 32.93 11.79 -36.62
CA ILE C 201 33.15 11.47 -38.04
C ILE C 201 34.10 12.48 -38.71
N LYS C 202 33.84 13.74 -38.44
CA LYS C 202 34.56 14.86 -39.07
C LYS C 202 35.98 15.00 -38.58
N ARG C 203 36.21 14.82 -37.29
CA ARG C 203 37.57 14.88 -36.79
C ARG C 203 38.41 13.73 -37.39
N ALA C 204 37.79 12.56 -37.56
CA ALA C 204 38.45 11.38 -38.13
C ALA C 204 38.73 11.55 -39.66
N THR C 205 37.75 12.05 -40.40
CA THR C 205 37.80 11.92 -41.84
C THR C 205 37.69 13.23 -42.60
N ASP C 206 37.15 14.26 -41.95
CA ASP C 206 36.75 15.53 -42.63
C ASP C 206 35.83 15.33 -43.86
N VAL C 207 35.04 14.27 -43.83
CA VAL C 207 34.17 13.94 -44.91
C VAL C 207 33.04 14.94 -44.96
N MET C 208 32.60 15.26 -46.17
CA MET C 208 31.38 16.06 -46.32
C MET C 208 30.19 15.18 -46.09
N ILE C 209 29.30 15.64 -45.25
CA ILE C 209 28.06 14.95 -44.98
C ILE C 209 27.02 15.29 -46.03
N ALA C 210 26.90 16.57 -46.44
CA ALA C 210 25.93 16.97 -47.40
C ALA C 210 26.01 16.10 -48.67
N GLY C 211 24.86 15.65 -49.13
CA GLY C 211 24.79 14.87 -50.36
C GLY C 211 25.02 13.38 -50.21
N LYS C 212 25.53 12.94 -49.08
CA LYS C 212 25.87 11.54 -48.92
C LYS C 212 24.62 10.76 -48.55
N THR C 213 24.69 9.45 -48.78
CA THR C 213 23.72 8.50 -48.25
C THR C 213 24.26 7.84 -46.99
N ALA C 214 23.50 7.95 -45.91
CA ALA C 214 23.95 7.36 -44.64
C ALA C 214 22.98 6.34 -44.16
N CYS C 215 23.49 5.23 -43.68
CA CYS C 215 22.67 4.21 -43.12
C CYS C 215 22.82 4.25 -41.58
N VAL C 216 21.75 4.57 -40.87
CA VAL C 216 21.73 4.59 -39.39
C VAL C 216 20.99 3.36 -38.95
N CYS C 217 21.69 2.43 -38.26
CA CYS C 217 21.15 1.17 -37.80
C CYS C 217 20.64 1.41 -36.40
N GLY C 218 19.34 1.29 -36.22
CA GLY C 218 18.71 1.52 -34.95
C GLY C 218 18.11 2.91 -34.96
N TYR C 219 16.95 3.04 -34.34
CA TYR C 219 16.23 4.33 -34.19
C TYR C 219 15.68 4.46 -32.77
N GLY C 220 16.49 4.13 -31.76
CA GLY C 220 16.22 4.48 -30.38
C GLY C 220 16.66 5.92 -30.14
N ASP C 221 16.97 6.25 -28.88
CA ASP C 221 17.34 7.64 -28.61
C ASP C 221 18.62 8.04 -29.33
N VAL C 222 19.60 7.14 -29.32
CA VAL C 222 20.85 7.39 -30.02
C VAL C 222 20.63 7.50 -31.52
N GLY C 223 19.92 6.57 -32.15
CA GLY C 223 19.82 6.68 -33.62
C GLY C 223 18.96 7.88 -34.04
N LYS C 224 17.97 8.21 -33.21
CA LYS C 224 17.18 9.46 -33.41
C LYS C 224 18.07 10.68 -33.49
N GLY C 225 19.01 10.78 -32.57
CA GLY C 225 19.94 11.92 -32.56
C GLY C 225 20.88 11.86 -33.74
N CYS C 226 21.43 10.68 -33.99
CA CYS C 226 22.38 10.50 -35.12
C CYS C 226 21.76 10.79 -36.45
N ALA C 227 20.58 10.20 -36.70
CA ALA C 227 19.82 10.48 -37.92
C ALA C 227 19.58 12.02 -38.07
N ALA C 228 19.16 12.64 -36.98
CA ALA C 228 18.86 14.08 -36.98
C ALA C 228 20.12 14.89 -37.38
N ALA C 229 21.25 14.49 -36.84
CA ALA C 229 22.51 15.21 -37.03
C ALA C 229 22.91 15.18 -38.53
N LEU C 230 22.82 13.98 -39.11
CA LEU C 230 23.30 13.78 -40.48
C LEU C 230 22.36 14.46 -41.44
N ARG C 231 21.07 14.31 -41.19
CA ARG C 231 20.03 14.97 -42.00
C ARG C 231 20.19 16.50 -42.02
N GLY C 232 20.53 17.05 -40.84
CA GLY C 232 20.78 18.50 -40.64
C GLY C 232 21.87 19.06 -41.50
N PHE C 233 22.84 18.23 -41.85
CA PHE C 233 23.90 18.65 -42.75
C PHE C 233 23.65 18.25 -44.18
N GLY C 234 22.50 17.69 -44.50
CA GLY C 234 22.16 17.44 -45.88
C GLY C 234 22.47 16.03 -46.38
N ALA C 235 22.74 15.09 -45.49
CA ALA C 235 22.78 13.69 -45.86
C ALA C 235 21.38 13.17 -46.12
N ARG C 236 21.28 12.16 -46.97
CA ARG C 236 20.04 11.39 -47.09
C ARG C 236 20.18 10.17 -46.20
N VAL C 237 19.41 10.15 -45.13
CA VAL C 237 19.52 9.15 -44.14
C VAL C 237 18.48 8.03 -44.34
N VAL C 238 18.96 6.79 -44.31
CA VAL C 238 18.12 5.61 -44.24
C VAL C 238 18.32 5.00 -42.86
N VAL C 239 17.27 4.38 -42.38
CA VAL C 239 17.24 3.83 -41.05
C VAL C 239 16.89 2.35 -41.12
N THR C 240 17.50 1.55 -40.25
CA THR C 240 17.09 0.19 -40.07
C THR C 240 16.55 0.03 -38.64
N GLU C 241 15.60 -0.88 -38.48
CA GLU C 241 15.03 -1.18 -37.18
C GLU C 241 14.41 -2.56 -37.13
N VAL C 242 14.36 -3.09 -35.93
CA VAL C 242 13.60 -4.32 -35.65
C VAL C 242 12.26 -4.06 -34.95
N ASP C 243 12.11 -2.90 -34.33
CA ASP C 243 10.89 -2.56 -33.58
C ASP C 243 9.96 -1.77 -34.49
N PRO C 244 8.72 -2.29 -34.70
CA PRO C 244 7.84 -1.54 -35.61
C PRO C 244 7.45 -0.15 -35.11
N ILE C 245 7.47 0.06 -33.80
CA ILE C 245 7.14 1.40 -33.27
C ILE C 245 8.23 2.40 -33.62
N ASN C 246 9.47 2.07 -33.27
CA ASN C 246 10.64 2.87 -33.69
C ASN C 246 10.72 3.05 -35.23
N ALA C 247 10.38 2.01 -36.00
CA ALA C 247 10.39 2.03 -37.47
C ALA C 247 9.35 3.03 -37.95
N LEU C 248 8.17 3.02 -37.34
CA LEU C 248 7.10 3.92 -37.79
C LEU C 248 7.46 5.40 -37.47
N GLN C 249 8.08 5.64 -36.32
CA GLN C 249 8.60 6.99 -35.97
C GLN C 249 9.54 7.50 -37.04
N ALA C 250 10.52 6.65 -37.41
CA ALA C 250 11.50 7.03 -38.40
C ALA C 250 10.80 7.37 -39.74
N ALA C 251 9.84 6.52 -40.15
CA ALA C 251 9.12 6.77 -41.40
C ALA C 251 8.32 8.09 -41.40
N MET C 252 7.66 8.38 -40.27
CA MET C 252 6.90 9.61 -40.04
C MET C 252 7.74 10.82 -39.92
N GLU C 253 9.03 10.63 -39.68
CA GLU C 253 9.98 11.74 -39.73
C GLU C 253 10.58 11.90 -41.07
N GLY C 254 10.20 11.07 -42.04
CA GLY C 254 10.67 11.23 -43.41
C GLY C 254 11.94 10.47 -43.80
N TYR C 255 12.34 9.51 -42.98
CA TYR C 255 13.39 8.58 -43.35
C TYR C 255 12.84 7.30 -43.99
N GLN C 256 13.53 6.83 -45.01
CA GLN C 256 13.27 5.51 -45.55
C GLN C 256 13.74 4.51 -44.52
N VAL C 257 12.94 3.47 -44.29
CA VAL C 257 13.26 2.43 -43.36
C VAL C 257 13.42 1.16 -44.18
N LEU C 258 14.62 0.59 -44.11
CA LEU C 258 14.96 -0.52 -44.97
C LEU C 258 15.88 -1.47 -44.27
N LEU C 259 16.30 -2.52 -44.97
CA LEU C 259 17.31 -3.43 -44.44
C LEU C 259 18.69 -2.95 -44.84
N VAL C 260 19.70 -3.22 -44.00
CA VAL C 260 21.10 -2.89 -44.38
C VAL C 260 21.41 -3.35 -45.82
N GLU C 261 20.92 -4.52 -46.18
CA GLU C 261 21.21 -5.10 -47.50
C GLU C 261 20.65 -4.32 -48.67
N ASP C 262 19.59 -3.58 -48.41
CA ASP C 262 19.00 -2.71 -49.40
C ASP C 262 19.84 -1.48 -49.77
N VAL C 263 20.67 -1.01 -48.86
CA VAL C 263 21.48 0.16 -49.08
C VAL C 263 22.98 -0.09 -49.06
N VAL C 264 23.36 -1.33 -48.76
CA VAL C 264 24.76 -1.65 -48.48
C VAL C 264 25.69 -1.28 -49.60
N GLU C 265 25.25 -1.45 -50.84
CA GLU C 265 26.08 -1.12 -51.99
C GLU C 265 26.27 0.38 -52.26
N GLU C 266 25.34 1.19 -51.79
CA GLU C 266 25.35 2.61 -52.14
C GLU C 266 25.70 3.58 -51.00
N ALA C 267 25.50 3.19 -49.74
CA ALA C 267 25.67 4.11 -48.65
C ALA C 267 27.14 4.54 -48.51
N HIS C 268 27.34 5.84 -48.29
CA HIS C 268 28.66 6.40 -48.09
C HIS C 268 29.13 6.22 -46.63
N ILE C 269 28.17 6.20 -45.71
CA ILE C 269 28.45 6.17 -44.27
C ILE C 269 27.50 5.19 -43.62
N PHE C 270 28.03 4.35 -42.73
CA PHE C 270 27.27 3.40 -41.88
C PHE C 270 27.50 3.76 -40.44
N VAL C 271 26.40 3.91 -39.66
CA VAL C 271 26.47 4.22 -38.24
C VAL C 271 25.60 3.22 -37.51
N THR C 272 26.21 2.45 -36.64
CA THR C 272 25.45 1.54 -35.79
C THR C 272 25.12 2.16 -34.44
N THR C 273 23.87 2.02 -34.00
CA THR C 273 23.34 2.64 -32.79
C THR C 273 22.48 1.72 -31.94
N THR C 274 22.61 0.40 -32.13
CA THR C 274 21.58 -0.52 -31.68
C THR C 274 21.76 -0.99 -30.25
N GLY C 275 23.01 -1.00 -29.74
CA GLY C 275 23.34 -1.77 -28.52
C GLY C 275 23.27 -3.29 -28.74
N ASN C 276 23.30 -3.76 -29.99
CA ASN C 276 23.19 -5.19 -30.32
C ASN C 276 24.44 -5.53 -31.12
N ASP C 277 24.72 -6.81 -31.31
CA ASP C 277 25.90 -7.27 -32.02
C ASP C 277 25.54 -7.71 -33.42
N ASP C 278 26.56 -7.74 -34.30
CA ASP C 278 26.46 -8.34 -35.64
C ASP C 278 25.44 -7.62 -36.53
N ILE C 279 25.56 -6.30 -36.52
CA ILE C 279 24.70 -5.44 -37.33
C ILE C 279 25.36 -5.24 -38.70
N ILE C 280 26.64 -4.95 -38.69
CA ILE C 280 27.44 -4.81 -39.93
C ILE C 280 28.41 -6.00 -39.95
N THR C 281 28.18 -6.93 -40.86
CA THR C 281 28.85 -8.21 -40.88
C THR C 281 29.68 -8.48 -42.12
N SER C 282 30.27 -9.69 -42.14
CA SER C 282 30.97 -10.26 -43.28
C SER C 282 30.12 -10.29 -44.55
N GLU C 283 28.80 -10.32 -44.40
CA GLU C 283 27.87 -10.26 -45.53
C GLU C 283 27.76 -8.88 -46.14
N HIS C 284 28.16 -7.86 -45.38
CA HIS C 284 28.05 -6.49 -45.84
C HIS C 284 29.30 -5.87 -46.36
N PHE C 285 30.39 -6.01 -45.61
CA PHE C 285 31.65 -5.30 -45.92
C PHE C 285 32.08 -5.50 -47.37
N PRO C 286 32.00 -6.78 -47.90
CA PRO C 286 32.44 -7.01 -49.29
C PRO C 286 31.59 -6.34 -50.36
N ARG C 287 30.41 -5.83 -50.02
CA ARG C 287 29.51 -5.15 -50.97
C ARG C 287 29.63 -3.60 -50.91
N MET C 288 30.36 -3.07 -49.96
CA MET C 288 30.35 -1.62 -49.70
C MET C 288 31.10 -0.87 -50.79
N ARG C 289 30.68 0.36 -51.04
CA ARG C 289 31.31 1.15 -52.05
C ARG C 289 32.71 1.57 -51.55
N ASP C 290 33.54 1.97 -52.48
CA ASP C 290 34.92 2.39 -52.15
C ASP C 290 34.93 3.59 -51.18
N ASP C 291 35.70 3.46 -50.10
CA ASP C 291 35.83 4.45 -49.05
C ASP C 291 34.53 4.72 -48.26
N ALA C 292 33.59 3.77 -48.28
CA ALA C 292 32.55 3.68 -47.29
C ALA C 292 33.15 3.85 -45.86
N ILE C 293 32.53 4.73 -45.06
CA ILE C 293 32.94 4.98 -43.70
C ILE C 293 32.05 4.14 -42.84
N VAL C 294 32.66 3.41 -41.95
CA VAL C 294 31.92 2.54 -41.09
C VAL C 294 32.27 2.92 -39.64
N CYS C 295 31.23 3.12 -38.80
CA CYS C 295 31.47 3.47 -37.40
C CYS C 295 30.32 3.03 -36.54
N ASN C 296 30.59 3.03 -35.25
CA ASN C 296 29.71 2.59 -34.23
C ASN C 296 29.67 3.65 -33.10
N ILE C 297 28.46 3.87 -32.52
CA ILE C 297 28.27 4.75 -31.41
C ILE C 297 27.56 4.01 -30.27
N GLY C 298 27.17 2.74 -30.47
CA GLY C 298 26.72 1.95 -29.37
C GLY C 298 27.83 1.54 -28.42
N HIS C 299 27.45 1.00 -27.27
CA HIS C 299 28.43 0.89 -26.22
C HIS C 299 29.64 -0.03 -26.55
N PHE C 300 29.39 -1.13 -27.23
CA PHE C 300 30.42 -2.11 -27.56
C PHE C 300 30.68 -2.17 -29.05
N ASP C 301 31.94 -2.39 -29.41
CA ASP C 301 32.39 -2.47 -30.82
C ASP C 301 31.83 -3.63 -31.67
N THR C 302 31.37 -4.68 -31.00
CA THR C 302 30.81 -5.85 -31.66
C THR C 302 29.49 -5.71 -32.45
N GLU C 303 28.88 -4.51 -32.44
CA GLU C 303 27.93 -4.14 -33.50
C GLU C 303 28.52 -4.37 -34.90
N ILE C 304 29.81 -4.09 -35.08
CA ILE C 304 30.48 -4.29 -36.38
C ILE C 304 31.39 -5.55 -36.24
N GLN C 305 31.46 -6.39 -37.26
CA GLN C 305 32.41 -7.54 -37.28
C GLN C 305 33.80 -7.06 -37.65
N VAL C 306 34.43 -6.39 -36.68
CA VAL C 306 35.75 -5.82 -36.85
C VAL C 306 36.83 -6.91 -36.98
N ALA C 307 36.77 -7.91 -36.12
CA ALA C 307 37.74 -9.03 -36.20
C ALA C 307 37.69 -9.66 -37.62
N TRP C 308 36.49 -9.89 -38.14
CA TRP C 308 36.30 -10.36 -39.53
C TRP C 308 37.01 -9.47 -40.55
N LEU C 309 36.74 -8.18 -40.49
CA LEU C 309 37.34 -7.20 -41.39
C LEU C 309 38.87 -7.28 -41.35
N LYS C 310 39.40 -7.30 -40.14
CA LYS C 310 40.83 -7.31 -39.95
C LYS C 310 41.47 -8.59 -40.50
N ALA C 311 40.78 -9.72 -40.28
CA ALA C 311 41.23 -11.03 -40.73
C ALA C 311 41.09 -11.21 -42.23
N ASN C 312 40.15 -10.50 -42.86
CA ASN C 312 39.86 -10.70 -44.28
C ASN C 312 40.31 -9.60 -45.21
N ALA C 313 40.67 -8.44 -44.69
CA ALA C 313 41.23 -7.36 -45.49
C ALA C 313 42.61 -7.76 -46.03
N LYS C 314 42.89 -7.32 -47.24
CA LYS C 314 44.19 -7.54 -47.87
C LYS C 314 45.22 -6.50 -47.42
N GLU C 315 44.76 -5.31 -47.03
CA GLU C 315 45.65 -4.26 -46.52
C GLU C 315 44.96 -3.48 -45.43
N ARG C 316 45.77 -2.91 -44.54
CA ARG C 316 45.28 -1.99 -43.51
C ARG C 316 46.30 -0.87 -43.35
N VAL C 317 45.82 0.37 -43.44
CA VAL C 317 46.63 1.54 -43.28
C VAL C 317 45.99 2.38 -42.18
N GLU C 318 46.74 2.61 -41.08
CA GLU C 318 46.33 3.65 -40.15
C GLU C 318 46.52 5.01 -40.84
N VAL C 319 45.44 5.69 -41.15
CA VAL C 319 45.52 7.02 -41.77
C VAL C 319 46.09 7.99 -40.73
N LYS C 320 45.55 7.87 -39.51
CA LYS C 320 46.02 8.56 -38.32
C LYS C 320 45.34 7.79 -37.21
N PRO C 321 45.75 8.04 -35.97
CA PRO C 321 45.20 7.21 -34.89
C PRO C 321 43.67 7.15 -34.89
N GLN C 322 43.15 5.92 -34.70
CA GLN C 322 41.71 5.58 -34.70
C GLN C 322 41.01 5.77 -36.06
N VAL C 323 41.78 5.93 -37.14
CA VAL C 323 41.24 5.96 -38.53
C VAL C 323 42.05 4.94 -39.35
N ASP C 324 41.44 3.80 -39.65
CA ASP C 324 42.07 2.70 -40.37
C ASP C 324 41.37 2.49 -41.68
N ARG C 325 42.12 2.51 -42.77
CA ARG C 325 41.59 2.26 -44.10
C ARG C 325 42.00 0.83 -44.58
N TYR C 326 41.00 0.00 -44.79
CA TYR C 326 41.20 -1.37 -45.22
C TYR C 326 40.98 -1.50 -46.73
N THR C 327 41.86 -2.23 -47.41
CA THR C 327 41.70 -2.62 -48.78
C THR C 327 41.20 -4.06 -48.77
N MET C 328 40.04 -4.28 -49.37
CA MET C 328 39.48 -5.60 -49.45
C MET C 328 39.99 -6.36 -50.69
N ALA C 329 39.63 -7.65 -50.78
CA ALA C 329 40.04 -8.48 -51.92
C ALA C 329 39.51 -7.95 -53.26
N ASN C 330 38.33 -7.31 -53.23
CA ASN C 330 37.72 -6.67 -54.41
C ASN C 330 38.45 -5.41 -54.83
N GLY C 331 39.40 -4.96 -54.01
CA GLY C 331 40.21 -3.80 -54.36
C GLY C 331 39.70 -2.50 -53.80
N ARG C 332 38.48 -2.48 -53.27
CA ARG C 332 37.90 -1.27 -52.75
C ARG C 332 38.26 -1.14 -51.24
N HIS C 333 38.01 0.04 -50.71
CA HIS C 333 38.42 0.38 -49.38
C HIS C 333 37.21 0.62 -48.49
N ILE C 334 37.41 0.29 -47.22
CA ILE C 334 36.57 0.61 -46.10
C ILE C 334 37.37 1.43 -45.06
N ILE C 335 36.78 2.53 -44.62
CA ILE C 335 37.33 3.34 -43.53
C ILE C 335 36.60 3.00 -42.23
N LEU C 336 37.31 2.35 -41.33
CA LEU C 336 36.77 2.04 -40.01
C LEU C 336 37.26 2.99 -38.96
N LEU C 337 36.32 3.51 -38.17
CA LEU C 337 36.62 4.52 -37.14
C LEU C 337 36.70 3.84 -35.75
N ALA C 338 37.76 4.18 -35.01
CA ALA C 338 38.02 3.78 -33.61
C ALA C 338 38.02 2.27 -33.38
N GLU C 339 38.47 1.53 -34.38
CA GLU C 339 38.34 0.06 -34.38
C GLU C 339 36.93 -0.42 -33.99
N GLY C 340 35.92 0.35 -34.42
CA GLY C 340 34.55 0.08 -34.07
C GLY C 340 34.11 0.48 -32.67
N ARG C 341 34.99 1.08 -31.87
CA ARG C 341 34.61 1.60 -30.55
C ARG C 341 33.84 2.95 -30.68
N LEU C 342 33.09 3.31 -29.64
CA LEU C 342 32.20 4.54 -29.65
C LEU C 342 32.90 5.70 -30.34
N VAL C 343 32.39 6.07 -31.49
CA VAL C 343 33.10 6.98 -32.37
C VAL C 343 33.17 8.41 -31.80
N ASN C 344 32.11 8.86 -31.12
CA ASN C 344 32.06 10.22 -30.58
C ASN C 344 33.20 10.42 -29.54
N LEU C 345 33.44 9.40 -28.74
CA LEU C 345 34.50 9.46 -27.74
C LEU C 345 35.85 9.00 -28.27
N GLY C 346 35.85 8.03 -29.16
CA GLY C 346 37.11 7.50 -29.68
C GLY C 346 37.83 8.42 -30.66
N CYS C 347 37.06 9.13 -31.49
CA CYS C 347 37.56 10.08 -32.54
C CYS C 347 37.37 11.58 -32.23
N ALA C 348 36.54 11.88 -31.25
CA ALA C 348 36.31 13.29 -30.86
C ALA C 348 36.29 13.36 -29.35
N SER C 349 35.43 14.20 -28.75
CA SER C 349 35.49 14.44 -27.30
C SER C 349 34.27 13.97 -26.52
N GLY C 350 33.45 13.14 -27.13
CA GLY C 350 32.20 12.75 -26.54
C GLY C 350 31.23 13.92 -26.57
N HIS C 351 30.14 13.74 -25.87
CA HIS C 351 29.11 14.75 -25.74
C HIS C 351 29.70 15.99 -25.04
N PRO C 352 29.20 17.17 -25.41
CA PRO C 352 29.55 18.44 -24.78
C PRO C 352 29.17 18.45 -23.31
N SER C 353 29.79 19.36 -22.55
CA SER C 353 29.66 19.41 -21.11
C SER C 353 28.25 19.70 -20.66
N PHE C 354 27.53 20.56 -21.36
CA PHE C 354 26.18 20.96 -20.90
C PHE C 354 25.23 19.79 -20.77
N VAL C 355 25.19 18.92 -21.76
CA VAL C 355 24.29 17.75 -21.69
C VAL C 355 24.83 16.71 -20.71
N MET C 356 26.16 16.60 -20.57
CA MET C 356 26.72 15.68 -19.56
C MET C 356 26.41 16.14 -18.15
N SER C 357 26.17 17.45 -17.97
CA SER C 357 25.73 17.95 -16.66
C SER C 357 24.42 17.33 -16.25
N ASN C 358 23.45 17.21 -17.16
CA ASN C 358 22.20 16.45 -16.87
C ASN C 358 22.49 15.03 -16.38
N SER C 359 23.24 14.28 -17.20
CA SER C 359 23.55 12.87 -16.91
C SER C 359 24.21 12.71 -15.56
N PHE C 360 25.22 13.55 -15.33
CA PHE C 360 26.05 13.42 -14.12
C PHE C 360 25.36 13.97 -12.89
N CYS C 361 24.47 14.94 -13.05
CA CYS C 361 23.59 15.32 -11.91
C CYS C 361 22.76 14.13 -11.45
N ASN C 362 22.24 13.39 -12.40
CA ASN C 362 21.53 12.12 -12.11
C ASN C 362 22.39 11.10 -11.40
N GLN C 363 23.65 10.98 -11.83
CA GLN C 363 24.61 10.07 -11.17
C GLN C 363 24.89 10.49 -9.75
N VAL C 364 25.13 11.79 -9.54
CA VAL C 364 25.38 12.29 -8.18
C VAL C 364 24.15 12.04 -7.30
N LEU C 365 22.99 12.37 -7.82
CA LEU C 365 21.77 12.14 -7.05
C LEU C 365 21.51 10.64 -6.76
N ALA C 366 21.86 9.75 -7.71
CA ALA C 366 21.77 8.29 -7.50
C ALA C 366 22.66 7.81 -6.36
N GLN C 367 23.92 8.25 -6.40
CA GLN C 367 24.93 7.90 -5.38
C GLN C 367 24.49 8.38 -4.01
N ILE C 368 24.02 9.62 -3.93
CA ILE C 368 23.47 10.15 -2.65
C ILE C 368 22.32 9.28 -2.16
N GLU C 369 21.38 9.04 -3.05
CA GLU C 369 20.21 8.21 -2.72
C GLU C 369 20.57 6.81 -2.15
N LEU C 370 21.48 6.11 -2.83
CA LEU C 370 21.92 4.78 -2.43
C LEU C 370 22.76 4.85 -1.18
N TRP C 371 23.74 5.75 -1.14
CA TRP C 371 24.63 5.80 0.05
C TRP C 371 23.92 6.29 1.31
N THR C 372 23.21 7.41 1.23
CA THR C 372 22.56 7.96 2.43
C THR C 372 21.50 7.01 2.97
N ASN C 373 21.08 6.01 2.17
CA ASN C 373 20.08 5.01 2.58
C ASN C 373 20.60 3.60 2.90
N ARG C 374 21.91 3.45 3.02
CA ARG C 374 22.53 2.14 3.25
C ARG C 374 22.01 1.35 4.44
N ASP C 375 21.59 2.08 5.47
CA ASP C 375 21.20 1.47 6.74
C ASP C 375 19.67 1.59 7.02
N THR C 376 18.90 1.98 6.01
CA THR C 376 17.45 2.13 6.14
C THR C 376 16.64 1.00 5.50
N GLY C 377 17.31 0.08 4.79
CA GLY C 377 16.65 -1.02 4.09
C GLY C 377 15.81 -0.65 2.89
N LYS C 378 15.85 0.62 2.47
CA LYS C 378 15.06 1.12 1.35
C LYS C 378 15.54 0.53 0.01
N TYR C 379 16.82 0.15 -0.01
CA TYR C 379 17.46 -0.43 -1.18
C TYR C 379 18.26 -1.67 -0.79
N PRO C 380 17.57 -2.79 -0.50
CA PRO C 380 18.18 -4.05 -0.02
C PRO C 380 19.30 -4.69 -0.85
N ARG C 381 20.31 -5.23 -0.16
CA ARG C 381 21.44 -5.89 -0.82
C ARG C 381 21.32 -7.44 -0.89
N GLY C 382 20.20 -7.99 -0.46
CA GLY C 382 20.03 -9.43 -0.54
C GLY C 382 19.90 -10.02 -1.95
N ALA C 383 19.47 -11.27 -1.96
CA ALA C 383 18.93 -11.90 -3.16
C ALA C 383 17.67 -11.17 -3.66
N LYS C 384 17.08 -10.31 -2.81
CA LYS C 384 15.95 -9.45 -3.19
C LYS C 384 16.38 -8.09 -3.81
N ALA C 385 17.66 -7.96 -4.17
CA ALA C 385 18.20 -6.71 -4.67
C ALA C 385 17.57 -6.38 -6.02
N GLN C 386 17.42 -5.09 -6.29
CA GLN C 386 16.59 -4.58 -7.39
C GLN C 386 17.18 -3.41 -8.18
N VAL C 387 16.53 -3.10 -9.30
CA VAL C 387 16.87 -1.92 -10.08
C VAL C 387 15.81 -0.84 -9.87
N TYR C 388 16.29 0.39 -9.67
CA TYR C 388 15.44 1.49 -9.24
C TYR C 388 15.58 2.67 -10.21
N PHE C 389 14.59 3.56 -10.27
CA PHE C 389 14.77 4.81 -11.00
C PHE C 389 14.81 5.92 -10.01
N LEU C 390 15.42 7.03 -10.40
CA LEU C 390 15.32 8.25 -9.59
C LEU C 390 13.88 8.76 -9.56
N PRO C 391 13.40 9.23 -8.38
CA PRO C 391 12.05 9.78 -8.27
C PRO C 391 11.85 10.92 -9.27
N LYS C 392 10.64 11.06 -9.80
CA LYS C 392 10.41 12.06 -10.82
C LYS C 392 10.72 13.48 -10.36
N LYS C 393 10.53 13.73 -9.07
CA LYS C 393 10.82 15.05 -8.51
C LYS C 393 12.28 15.43 -8.72
N LEU C 394 13.20 14.47 -8.60
CA LEU C 394 14.62 14.76 -8.79
C LEU C 394 15.03 14.92 -10.29
N ASP C 395 14.41 14.11 -11.15
CA ASP C 395 14.51 14.26 -12.61
C ASP C 395 14.16 15.72 -12.98
N GLU C 396 13.00 16.21 -12.54
CA GLU C 396 12.58 17.62 -12.75
C GLU C 396 13.59 18.61 -12.15
N LYS C 397 14.12 18.31 -10.96
CA LYS C 397 15.15 19.19 -10.35
C LYS C 397 16.35 19.36 -11.30
N VAL C 398 16.77 18.25 -11.90
CA VAL C 398 17.95 18.25 -12.72
C VAL C 398 17.69 19.16 -13.92
N ALA C 399 16.53 19.01 -14.57
CA ALA C 399 16.20 19.86 -15.72
C ALA C 399 16.17 21.36 -15.36
N ALA C 400 15.54 21.65 -14.24
CA ALA C 400 15.36 23.04 -13.79
C ALA C 400 16.70 23.71 -13.51
N LEU C 401 17.71 22.93 -13.09
CA LEU C 401 19.09 23.36 -12.82
C LEU C 401 19.79 23.84 -14.09
N HIS C 402 19.27 23.46 -15.25
CA HIS C 402 19.93 23.79 -16.50
C HIS C 402 19.18 24.82 -17.34
N LEU C 403 17.98 25.24 -16.90
CA LEU C 403 17.22 26.26 -17.62
C LEU C 403 17.83 27.66 -17.55
N GLY C 404 18.40 28.02 -16.40
CA GLY C 404 18.87 29.37 -16.24
C GLY C 404 19.97 29.79 -17.21
N LYS C 405 20.92 28.91 -17.42
CA LYS C 405 22.03 29.17 -18.35
C LYS C 405 21.51 29.54 -19.75
N LEU C 406 20.46 28.86 -20.14
CA LEU C 406 19.88 29.08 -21.46
C LEU C 406 18.93 30.30 -21.55
N GLY C 407 18.55 30.85 -20.40
CA GLY C 407 17.59 31.91 -20.33
C GLY C 407 16.13 31.48 -20.43
N ALA C 408 15.85 30.21 -20.19
CA ALA C 408 14.53 29.67 -20.34
C ALA C 408 13.75 29.99 -19.10
N LYS C 409 12.54 30.51 -19.22
CA LYS C 409 11.73 30.91 -18.05
C LYS C 409 10.51 30.01 -17.87
N LEU C 410 10.31 29.48 -16.67
CA LEU C 410 9.22 28.61 -16.34
C LEU C 410 7.99 29.37 -15.84
N THR C 411 6.83 29.00 -16.37
CA THR C 411 5.54 29.49 -15.91
C THR C 411 5.25 28.77 -14.62
N LYS C 412 4.65 29.47 -13.69
CA LYS C 412 4.16 28.84 -12.42
C LYS C 412 2.67 28.60 -12.47
N LEU C 413 2.30 27.36 -12.24
CA LEU C 413 0.88 27.03 -12.08
C LEU C 413 0.23 27.81 -10.92
N THR C 414 -0.97 28.32 -11.14
CA THR C 414 -1.81 28.74 -10.01
C THR C 414 -2.28 27.50 -9.25
N PRO C 415 -2.70 27.67 -7.98
CA PRO C 415 -3.30 26.54 -7.29
C PRO C 415 -4.51 25.92 -8.02
N LYS C 416 -5.43 26.73 -8.51
CA LYS C 416 -6.51 26.24 -9.38
C LYS C 416 -6.01 25.39 -10.57
N GLN C 417 -4.99 25.86 -11.28
CA GLN C 417 -4.42 25.11 -12.40
C GLN C 417 -3.84 23.76 -11.98
N ALA C 418 -3.08 23.77 -10.89
CA ALA C 418 -2.45 22.56 -10.37
C ALA C 418 -3.49 21.52 -10.00
N GLU C 419 -4.58 21.96 -9.36
CA GLU C 419 -5.72 21.13 -9.01
C GLU C 419 -6.29 20.48 -10.28
N TYR C 420 -6.48 21.30 -11.28
CA TYR C 420 -7.14 20.89 -12.50
C TYR C 420 -6.33 19.85 -13.27
N ILE C 421 -5.02 20.02 -13.32
CA ILE C 421 -4.20 19.01 -13.98
C ILE C 421 -3.72 17.91 -13.02
N ASN C 422 -4.22 17.89 -11.79
CA ASN C 422 -3.92 16.82 -10.87
C ASN C 422 -2.46 16.70 -10.49
N CYS C 423 -1.79 17.84 -10.27
CA CYS C 423 -0.43 17.79 -9.72
C CYS C 423 -0.18 18.90 -8.69
N PRO C 424 0.91 18.78 -7.92
CA PRO C 424 1.28 19.91 -7.07
C PRO C 424 1.80 21.11 -7.84
N VAL C 425 1.62 22.30 -7.26
CA VAL C 425 2.17 23.52 -7.88
C VAL C 425 3.66 23.35 -8.13
N ASP C 426 4.37 22.68 -7.22
CA ASP C 426 5.81 22.49 -7.45
C ASP C 426 6.23 21.17 -8.12
N GLY C 427 5.26 20.39 -8.62
CA GLY C 427 5.56 19.14 -9.28
C GLY C 427 5.60 17.98 -8.30
N PRO C 428 5.81 16.75 -8.79
CA PRO C 428 5.97 16.44 -10.20
C PRO C 428 4.73 16.74 -11.04
N PHE C 429 4.96 17.02 -12.32
CA PHE C 429 3.92 17.56 -13.18
C PHE C 429 3.28 16.51 -14.07
N LYS C 430 3.87 15.31 -14.12
CA LYS C 430 3.46 14.27 -15.03
C LYS C 430 3.30 12.94 -14.30
N PRO C 431 2.40 12.07 -14.81
CA PRO C 431 2.24 10.75 -14.21
C PRO C 431 3.48 9.89 -14.50
N ASP C 432 3.67 8.81 -13.74
CA ASP C 432 4.95 8.08 -13.85
C ASP C 432 5.18 7.42 -15.19
N HIS C 433 4.10 7.15 -15.91
CA HIS C 433 4.19 6.51 -17.23
C HIS C 433 4.42 7.50 -18.36
N TYR C 434 4.53 8.80 -18.03
CA TYR C 434 4.68 9.80 -19.07
C TYR C 434 6.00 9.66 -19.87
N ARG C 435 5.91 9.82 -21.19
CA ARG C 435 7.01 9.46 -22.05
C ARG C 435 7.84 10.66 -22.58
N TYR C 436 7.31 11.87 -22.36
CA TYR C 436 7.90 13.10 -22.85
C TYR C 436 8.17 13.05 -24.37
N MET D 2 -34.18 8.20 -34.37
CA MET D 2 -33.22 7.07 -34.62
C MET D 2 -31.85 7.61 -35.07
N TYR D 3 -31.84 8.88 -35.89
CA TYR D 3 -30.60 9.64 -36.01
C TYR D 3 -30.96 11.11 -36.11
N LYS D 4 -29.96 11.96 -36.00
CA LYS D 4 -30.15 13.37 -36.23
C LYS D 4 -28.87 13.97 -36.72
N VAL D 5 -28.86 14.39 -37.98
CA VAL D 5 -27.69 14.93 -38.62
C VAL D 5 -28.16 16.16 -39.38
N ARG D 6 -27.22 16.95 -39.86
CA ARG D 6 -27.59 18.18 -40.54
C ARG D 6 -28.40 17.89 -41.82
N ASP D 7 -27.89 17.01 -42.65
CA ASP D 7 -28.43 16.85 -44.00
C ASP D 7 -28.11 15.45 -44.55
N ILE D 8 -29.12 14.57 -44.61
CA ILE D 8 -28.91 13.18 -45.03
C ILE D 8 -28.50 13.08 -46.51
N SER D 9 -28.75 14.13 -47.29
CA SER D 9 -28.39 14.16 -48.71
C SER D 9 -26.92 14.31 -48.96
N LEU D 10 -26.16 14.60 -47.89
CA LEU D 10 -24.72 14.61 -47.92
C LEU D 10 -24.10 13.21 -47.85
N ALA D 11 -24.94 12.18 -47.66
CA ALA D 11 -24.51 10.78 -47.52
C ALA D 11 -23.62 10.30 -48.67
N GLU D 12 -24.03 10.61 -49.90
CA GLU D 12 -23.30 10.14 -51.09
C GLU D 12 -21.91 10.72 -51.12
N TRP D 13 -21.81 12.02 -50.86
CA TRP D 13 -20.52 12.66 -50.82
C TRP D 13 -19.64 12.02 -49.71
N GLY D 14 -20.22 11.79 -48.54
CA GLY D 14 -19.51 11.13 -47.45
C GLY D 14 -18.93 9.78 -47.87
N ARG D 15 -19.74 8.99 -48.57
CA ARG D 15 -19.37 7.62 -49.02
C ARG D 15 -18.25 7.66 -50.06
N ARG D 16 -18.25 8.66 -50.93
CA ARG D 16 -17.08 8.85 -51.81
C ARG D 16 -15.80 9.06 -51.02
N GLU D 17 -15.81 10.00 -50.06
CA GLU D 17 -14.61 10.28 -49.29
C GLU D 17 -14.23 9.15 -48.36
N LEU D 18 -15.23 8.44 -47.83
CA LEU D 18 -15.03 7.24 -47.04
C LEU D 18 -14.17 6.17 -47.76
N GLU D 19 -14.31 6.03 -49.08
CA GLU D 19 -13.43 5.16 -49.87
C GLU D 19 -11.99 5.56 -49.80
N LEU D 20 -11.75 6.86 -49.93
CA LEU D 20 -10.40 7.39 -49.81
C LEU D 20 -9.85 7.15 -48.42
N ALA D 21 -10.66 7.39 -47.39
CA ALA D 21 -10.23 7.25 -45.98
C ALA D 21 -9.88 5.78 -45.63
N GLU D 22 -10.74 4.85 -46.03
CA GLU D 22 -10.44 3.41 -45.83
C GLU D 22 -9.10 3.03 -46.38
N ASN D 23 -8.78 3.45 -47.60
CA ASN D 23 -7.49 3.19 -48.18
C ASN D 23 -6.30 3.81 -47.44
N GLU D 24 -6.53 4.88 -46.69
CA GLU D 24 -5.52 5.52 -45.87
C GLU D 24 -5.47 4.95 -44.47
N MET D 25 -6.36 4.00 -44.18
CA MET D 25 -6.41 3.43 -42.84
C MET D 25 -6.18 1.93 -42.89
N PRO D 26 -4.96 1.52 -43.30
CA PRO D 26 -4.66 0.09 -43.45
C PRO D 26 -4.91 -0.75 -42.20
N GLY D 27 -4.54 -0.21 -41.04
CA GLY D 27 -4.62 -0.95 -39.81
C GLY D 27 -6.05 -1.25 -39.44
N LEU D 28 -6.91 -0.24 -39.48
CA LEU D 28 -8.33 -0.48 -39.20
C LEU D 28 -8.96 -1.51 -40.15
N MET D 29 -8.65 -1.41 -41.47
CA MET D 29 -9.16 -2.31 -42.48
C MET D 29 -8.65 -3.75 -42.27
N GLU D 30 -7.40 -3.86 -41.84
CA GLU D 30 -6.83 -5.16 -41.45
C GLU D 30 -7.48 -5.76 -40.22
N LEU D 31 -7.81 -4.95 -39.23
CA LEU D 31 -8.55 -5.45 -38.06
C LEU D 31 -9.91 -5.98 -38.47
N ARG D 32 -10.57 -5.28 -39.39
CA ARG D 32 -11.83 -5.76 -39.99
C ARG D 32 -11.71 -7.16 -40.61
N ARG D 33 -10.65 -7.38 -41.34
CA ARG D 33 -10.40 -8.69 -41.93
C ARG D 33 -10.00 -9.74 -40.91
N GLU D 34 -9.12 -9.38 -39.98
CA GLU D 34 -8.62 -10.31 -38.97
C GLU D 34 -9.71 -10.75 -37.97
N TYR D 35 -10.55 -9.81 -37.51
CA TYR D 35 -11.51 -10.05 -36.40
C TYR D 35 -12.97 -10.17 -36.83
N GLY D 36 -13.27 -9.72 -38.04
CA GLY D 36 -14.65 -9.65 -38.52
C GLY D 36 -15.37 -10.98 -38.49
N PRO D 37 -14.75 -12.02 -39.07
CA PRO D 37 -15.38 -13.37 -39.03
C PRO D 37 -15.70 -13.93 -37.65
N SER D 38 -14.82 -13.73 -36.67
CA SER D 38 -15.08 -14.25 -35.31
C SER D 38 -15.98 -13.37 -34.41
N LYS D 39 -16.39 -12.20 -34.92
CA LYS D 39 -17.31 -11.28 -34.22
C LYS D 39 -17.06 -11.14 -32.72
N PRO D 40 -15.84 -10.65 -32.33
CA PRO D 40 -15.46 -10.53 -30.92
C PRO D 40 -16.33 -9.57 -30.11
N LEU D 41 -16.95 -8.61 -30.81
CA LEU D 41 -17.82 -7.63 -30.16
C LEU D 41 -19.32 -7.97 -30.26
N LYS D 42 -19.65 -9.23 -30.61
CA LYS D 42 -21.06 -9.67 -30.59
C LYS D 42 -21.61 -9.48 -29.19
N GLY D 43 -22.78 -8.83 -29.09
CA GLY D 43 -23.42 -8.57 -27.80
C GLY D 43 -23.04 -7.23 -27.19
N ALA D 44 -21.97 -6.61 -27.72
CA ALA D 44 -21.51 -5.32 -27.25
C ALA D 44 -22.43 -4.24 -27.77
N LYS D 45 -22.77 -3.33 -26.86
CA LYS D 45 -23.64 -2.22 -27.15
C LYS D 45 -22.86 -0.96 -26.78
N ILE D 46 -22.27 -0.31 -27.80
CA ILE D 46 -21.29 0.76 -27.57
C ILE D 46 -21.93 2.13 -27.78
N ALA D 47 -21.93 2.95 -26.74
CA ALA D 47 -22.25 4.38 -26.86
C ALA D 47 -20.94 5.11 -27.07
N GLY D 48 -20.83 5.83 -28.19
CA GLY D 48 -19.61 6.52 -28.53
C GLY D 48 -19.77 8.01 -28.45
N CYS D 49 -18.77 8.71 -27.90
CA CYS D 49 -18.75 10.17 -27.85
C CYS D 49 -17.36 10.66 -28.32
N LEU D 50 -17.26 10.94 -29.61
CA LEU D 50 -16.00 11.14 -30.24
C LEU D 50 -16.28 11.87 -31.55
N HIS D 51 -15.54 12.95 -31.79
CA HIS D 51 -15.63 13.77 -33.04
C HIS D 51 -16.11 12.98 -34.24
N MET D 52 -17.28 13.34 -34.75
CA MET D 52 -17.94 12.60 -35.83
C MET D 52 -17.36 13.02 -37.20
N THR D 53 -16.17 12.52 -37.45
CA THR D 53 -15.41 12.81 -38.67
C THR D 53 -15.41 11.60 -39.59
N MET D 54 -14.88 11.78 -40.79
CA MET D 54 -14.71 10.69 -41.76
C MET D 54 -13.88 9.54 -41.18
N GLN D 55 -12.87 9.88 -40.38
CA GLN D 55 -12.04 8.89 -39.73
C GLN D 55 -12.82 8.07 -38.68
N THR D 56 -13.62 8.75 -37.90
CA THR D 56 -14.50 8.10 -36.92
C THR D 56 -15.53 7.18 -37.62
N ALA D 57 -16.00 7.57 -38.79
CA ALA D 57 -16.90 6.75 -39.60
C ALA D 57 -16.27 5.39 -39.92
N VAL D 58 -14.98 5.37 -40.24
CA VAL D 58 -14.24 4.11 -40.48
C VAL D 58 -14.14 3.29 -39.21
N LEU D 59 -13.86 3.96 -38.09
CA LEU D 59 -13.90 3.32 -36.75
C LEU D 59 -15.27 2.70 -36.48
N ILE D 60 -16.32 3.49 -36.63
CA ILE D 60 -17.66 3.05 -36.31
C ILE D 60 -18.02 1.79 -37.13
N GLU D 61 -17.80 1.83 -38.45
CA GLU D 61 -18.11 0.66 -39.28
C GLU D 61 -17.22 -0.57 -39.01
N THR D 62 -16.04 -0.34 -38.46
CA THR D 62 -15.18 -1.42 -37.98
C THR D 62 -15.75 -2.10 -36.75
N LEU D 63 -16.25 -1.27 -35.83
CA LEU D 63 -16.87 -1.80 -34.64
C LEU D 63 -18.10 -2.61 -35.02
N VAL D 64 -18.89 -2.12 -35.99
CA VAL D 64 -20.09 -2.82 -36.47
C VAL D 64 -19.77 -4.16 -37.18
N GLU D 65 -18.79 -4.14 -38.07
CA GLU D 65 -18.25 -5.37 -38.72
C GLU D 65 -17.76 -6.40 -37.68
N LEU D 66 -17.26 -5.94 -36.52
CA LEU D 66 -16.86 -6.86 -35.42
C LEU D 66 -18.01 -7.36 -34.53
N GLY D 67 -19.24 -6.94 -34.85
CA GLY D 67 -20.46 -7.46 -34.21
C GLY D 67 -21.16 -6.50 -33.25
N ALA D 68 -20.61 -5.31 -33.09
CA ALA D 68 -21.08 -4.35 -32.11
C ALA D 68 -22.35 -3.66 -32.61
N GLU D 69 -23.29 -3.46 -31.71
CA GLU D 69 -24.27 -2.38 -31.90
C GLU D 69 -23.61 -1.07 -31.42
N VAL D 70 -23.89 0.01 -32.14
CA VAL D 70 -23.22 1.27 -31.88
C VAL D 70 -24.21 2.43 -32.02
N ARG D 71 -24.15 3.39 -31.09
CA ARG D 71 -24.86 4.66 -31.23
C ARG D 71 -23.86 5.73 -30.90
N TRP D 72 -23.84 6.80 -31.68
CA TRP D 72 -22.76 7.75 -31.65
C TRP D 72 -23.19 9.21 -31.55
N ALA D 73 -22.36 10.00 -30.87
CA ALA D 73 -22.46 11.44 -30.79
C ALA D 73 -21.06 12.02 -30.86
N SER D 74 -20.93 13.29 -31.23
CA SER D 74 -19.60 13.94 -31.24
C SER D 74 -19.25 14.46 -29.86
N CYS D 75 -17.95 14.66 -29.57
CA CYS D 75 -17.52 15.14 -28.25
C CYS D 75 -17.13 16.60 -28.38
N ASN D 76 -17.50 17.22 -29.48
CA ASN D 76 -17.31 18.66 -29.62
C ASN D 76 -18.37 19.24 -30.55
N ILE D 77 -18.87 20.43 -30.21
CA ILE D 77 -19.93 21.06 -30.95
C ILE D 77 -19.54 21.48 -32.37
N PHE D 78 -18.25 21.64 -32.65
CA PHE D 78 -17.85 22.07 -34.01
C PHE D 78 -17.04 21.03 -34.82
N SER D 79 -16.85 19.83 -34.29
CA SER D 79 -15.92 18.88 -34.91
C SER D 79 -16.57 17.93 -35.93
N THR D 80 -17.89 17.87 -35.92
CA THR D 80 -18.58 16.98 -36.84
C THR D 80 -18.36 17.43 -38.26
N GLN D 81 -18.10 16.43 -39.09
CA GLN D 81 -18.11 16.52 -40.54
C GLN D 81 -19.47 15.94 -41.01
N ASP D 82 -20.32 16.85 -41.47
CA ASP D 82 -21.72 16.54 -41.75
C ASP D 82 -21.90 15.44 -42.80
N HIS D 83 -21.03 15.38 -43.83
CA HIS D 83 -21.07 14.27 -44.81
C HIS D 83 -20.70 12.89 -44.24
N ALA D 84 -19.75 12.86 -43.31
CA ALA D 84 -19.44 11.66 -42.49
C ALA D 84 -20.63 11.16 -41.68
N ALA D 85 -21.22 12.06 -40.90
CA ALA D 85 -22.39 11.76 -40.10
C ALA D 85 -23.51 11.24 -41.00
N ALA D 86 -23.74 11.93 -42.11
CA ALA D 86 -24.75 11.51 -43.07
C ALA D 86 -24.52 10.11 -43.65
N ALA D 87 -23.28 9.78 -44.03
CA ALA D 87 -22.93 8.44 -44.54
C ALA D 87 -23.20 7.34 -43.52
N ILE D 88 -22.81 7.55 -42.27
CA ILE D 88 -23.14 6.61 -41.20
C ILE D 88 -24.64 6.46 -40.95
N ALA D 89 -25.37 7.58 -40.88
CA ALA D 89 -26.81 7.58 -40.61
C ALA D 89 -27.61 6.88 -41.76
N LYS D 90 -27.19 7.10 -43.02
CA LYS D 90 -27.80 6.49 -44.17
C LYS D 90 -27.71 4.95 -44.11
N ARG D 91 -26.63 4.44 -43.53
CA ARG D 91 -26.41 2.99 -43.37
C ARG D 91 -27.23 2.38 -42.24
N GLY D 92 -27.92 3.20 -41.46
CA GLY D 92 -28.75 2.72 -40.38
C GLY D 92 -28.06 2.66 -39.04
N ILE D 93 -26.91 3.31 -38.91
CA ILE D 93 -26.22 3.41 -37.64
C ILE D 93 -26.73 4.71 -36.95
N PRO D 94 -27.24 4.61 -35.71
CA PRO D 94 -27.74 5.79 -35.03
C PRO D 94 -26.62 6.78 -34.66
N VAL D 95 -26.68 7.97 -35.25
CA VAL D 95 -25.68 9.05 -35.04
C VAL D 95 -26.46 10.34 -34.82
N PHE D 96 -26.01 11.10 -33.83
CA PHE D 96 -26.69 12.33 -33.40
C PHE D 96 -25.59 13.39 -33.31
N ALA D 97 -25.36 14.09 -34.42
CA ALA D 97 -24.18 14.91 -34.55
C ALA D 97 -24.30 15.83 -35.75
N TRP D 98 -24.01 17.11 -35.53
CA TRP D 98 -23.87 18.08 -36.61
C TRP D 98 -22.87 19.16 -36.21
N LYS D 99 -22.27 19.79 -37.20
CA LYS D 99 -21.31 20.87 -36.95
C LYS D 99 -22.09 22.11 -36.54
N GLY D 100 -21.70 22.73 -35.43
CA GLY D 100 -22.41 23.91 -34.96
C GLY D 100 -23.60 23.57 -34.05
N GLU D 101 -23.44 22.55 -33.22
CA GLU D 101 -24.37 22.29 -32.12
C GLU D 101 -24.34 23.38 -31.04
N THR D 102 -25.47 23.58 -30.37
CA THR D 102 -25.50 24.38 -29.14
C THR D 102 -25.07 23.45 -28.02
N GLU D 103 -24.66 24.02 -26.90
CA GLU D 103 -24.31 23.18 -25.76
C GLU D 103 -25.51 22.31 -25.39
N GLU D 104 -26.72 22.87 -25.47
CA GLU D 104 -27.94 22.15 -25.14
C GLU D 104 -28.19 20.92 -26.05
N GLU D 105 -28.12 21.15 -27.35
CA GLU D 105 -28.12 20.10 -28.39
C GLU D 105 -27.05 19.02 -28.21
N TYR D 106 -25.82 19.45 -27.90
CA TYR D 106 -24.71 18.56 -27.59
C TYR D 106 -25.09 17.51 -26.53
N MET D 107 -25.72 18.01 -25.46
CA MET D 107 -26.15 17.14 -24.38
C MET D 107 -27.29 16.23 -24.81
N TRP D 108 -28.20 16.74 -25.62
CA TRP D 108 -29.30 15.91 -26.12
C TRP D 108 -28.74 14.80 -27.01
N CYS D 109 -27.80 15.13 -27.89
CA CYS D 109 -27.15 14.13 -28.74
C CYS D 109 -26.52 13.03 -27.87
N MET D 110 -25.77 13.42 -26.86
CA MET D 110 -25.14 12.43 -26.01
C MET D 110 -26.15 11.48 -25.39
N LYS D 111 -27.25 12.03 -24.88
CA LYS D 111 -28.23 11.24 -24.19
C LYS D 111 -28.86 10.21 -25.11
N GLN D 112 -28.92 10.51 -26.41
CA GLN D 112 -29.51 9.61 -27.38
C GLN D 112 -28.71 8.33 -27.54
N THR D 113 -27.42 8.37 -27.22
CA THR D 113 -26.57 7.21 -27.38
C THR D 113 -26.74 6.19 -26.22
N LEU D 114 -27.45 6.60 -25.17
CA LEU D 114 -27.58 5.80 -23.94
C LEU D 114 -28.91 5.07 -23.88
N LYS D 115 -29.65 5.06 -24.99
CA LYS D 115 -30.92 4.35 -25.08
C LYS D 115 -31.14 3.88 -26.52
N GLY D 116 -32.11 2.97 -26.71
CA GLY D 116 -32.50 2.56 -28.07
C GLY D 116 -31.73 1.40 -28.69
N PHE D 117 -30.91 0.73 -27.89
CA PHE D 117 -30.28 -0.53 -28.29
C PHE D 117 -31.28 -1.69 -28.25
N SER D 118 -30.87 -2.85 -28.78
CA SER D 118 -31.68 -4.02 -28.72
C SER D 118 -32.02 -4.39 -27.27
N GLY D 119 -33.20 -4.99 -27.11
CA GLY D 119 -33.59 -5.75 -25.91
C GLY D 119 -33.13 -5.26 -24.55
N ASP D 120 -33.91 -4.38 -23.96
CA ASP D 120 -33.57 -3.66 -22.72
C ASP D 120 -33.18 -2.24 -23.10
N GLY D 121 -32.34 -2.13 -24.12
CA GLY D 121 -32.12 -0.85 -24.77
C GLY D 121 -30.94 -0.04 -24.28
N TYR D 122 -30.21 -0.53 -23.27
CA TYR D 122 -29.09 0.24 -22.73
C TYR D 122 -27.75 -0.14 -23.41
N PRO D 123 -26.76 0.76 -23.32
CA PRO D 123 -25.40 0.42 -23.63
C PRO D 123 -24.78 -0.51 -22.57
N ASN D 124 -23.71 -1.19 -22.94
CA ASN D 124 -22.88 -1.93 -22.00
C ASN D 124 -21.40 -1.62 -22.11
N MET D 125 -21.07 -0.69 -23.00
CA MET D 125 -19.69 -0.23 -23.26
C MET D 125 -19.72 1.24 -23.67
N LEU D 126 -18.66 1.97 -23.31
CA LEU D 126 -18.52 3.38 -23.65
C LEU D 126 -17.19 3.56 -24.37
N LEU D 127 -17.17 4.48 -25.31
CA LEU D 127 -15.97 4.81 -26.07
C LEU D 127 -15.98 6.32 -26.07
N ASP D 128 -15.03 6.91 -25.37
CA ASP D 128 -15.06 8.37 -25.06
C ASP D 128 -13.79 9.06 -25.50
N ASP D 129 -13.91 10.37 -25.75
CA ASP D 129 -12.82 11.25 -26.14
C ASP D 129 -13.07 12.53 -25.34
N GLY D 130 -12.38 12.64 -24.20
CA GLY D 130 -12.44 13.82 -23.37
C GLY D 130 -13.09 13.64 -22.02
N GLY D 131 -13.79 12.53 -21.83
CA GLY D 131 -14.40 12.20 -20.55
C GLY D 131 -15.81 12.71 -20.32
N ASP D 132 -16.43 13.38 -21.28
CA ASP D 132 -17.77 13.94 -21.05
C ASP D 132 -18.84 12.86 -20.90
N LEU D 133 -18.82 11.88 -21.80
CA LEU D 133 -19.72 10.73 -21.70
C LEU D 133 -19.52 9.98 -20.38
N THR D 134 -18.26 9.70 -20.04
CA THR D 134 -17.94 8.92 -18.86
C THR D 134 -18.50 9.58 -17.60
N ASN D 135 -18.16 10.86 -17.41
CA ASN D 135 -18.74 11.66 -16.32
C ASN D 135 -20.27 11.66 -16.26
N TYR D 136 -20.90 11.85 -17.42
CA TYR D 136 -22.37 11.85 -17.48
C TYR D 136 -22.99 10.51 -17.05
N VAL D 137 -22.51 9.42 -17.64
CA VAL D 137 -22.93 8.08 -17.28
C VAL D 137 -22.68 7.81 -15.78
N LEU D 138 -21.47 8.06 -15.30
CA LEU D 138 -21.13 7.63 -13.94
C LEU D 138 -21.74 8.52 -12.85
N ASP D 139 -21.92 9.80 -13.13
CA ASP D 139 -22.47 10.78 -12.18
C ASP D 139 -23.98 10.98 -12.32
N GLU D 140 -24.49 10.95 -13.55
CA GLU D 140 -25.86 11.40 -13.85
C GLU D 140 -26.85 10.30 -14.31
N CYS D 141 -26.38 9.07 -14.47
CA CYS D 141 -27.29 7.96 -14.86
C CYS D 141 -27.21 6.84 -13.85
N GLU D 143 -30.50 4.70 -14.09
CA GLU D 143 -29.19 4.21 -13.84
C GLU D 143 -28.76 3.12 -14.80
N LEU D 144 -27.58 3.39 -15.34
CA LEU D 144 -26.74 2.47 -16.04
C LEU D 144 -25.74 1.84 -15.08
N ASP D 145 -25.90 2.11 -13.78
CA ASP D 145 -25.05 1.53 -12.73
C ASP D 145 -25.01 0.02 -12.87
N GLY D 146 -23.79 -0.52 -12.93
CA GLY D 146 -23.59 -1.95 -13.10
C GLY D 146 -23.95 -2.52 -14.46
N LYS D 147 -24.32 -1.68 -15.43
CA LYS D 147 -24.68 -2.17 -16.76
C LYS D 147 -23.49 -2.04 -17.71
N ILE D 148 -22.48 -1.28 -17.30
CA ILE D 148 -21.37 -0.90 -18.19
C ILE D 148 -20.11 -1.70 -17.87
N TYR D 149 -19.57 -2.38 -18.88
CA TYR D 149 -18.43 -3.28 -18.71
C TYR D 149 -17.07 -2.65 -18.95
N GLY D 150 -17.07 -1.46 -19.54
CA GLY D 150 -15.81 -0.83 -19.81
C GLY D 150 -15.96 0.50 -20.47
N VAL D 151 -14.90 1.30 -20.36
CA VAL D 151 -14.72 2.49 -21.22
C VAL D 151 -13.30 2.53 -21.75
N SER D 152 -13.15 2.93 -23.01
CA SER D 152 -11.83 3.24 -23.56
C SER D 152 -11.82 4.72 -23.84
N GLU D 153 -10.76 5.39 -23.39
CA GLU D 153 -10.62 6.84 -23.44
C GLU D 153 -9.48 7.28 -24.36
N GLU D 154 -9.80 8.20 -25.26
CA GLU D 154 -8.98 8.61 -26.40
C GLU D 154 -7.92 9.66 -26.13
N THR D 155 -8.16 10.56 -25.19
CA THR D 155 -7.37 11.81 -25.13
C THR D 155 -6.80 12.13 -23.77
N THR D 156 -5.74 12.92 -23.78
CA THR D 156 -5.00 13.21 -22.57
C THR D 156 -5.91 13.81 -21.46
N THR D 157 -6.73 14.77 -21.84
CA THR D 157 -7.63 15.38 -20.88
C THR D 157 -8.61 14.36 -20.25
N GLY D 158 -9.18 13.49 -21.07
CA GLY D 158 -10.03 12.42 -20.56
C GLY D 158 -9.31 11.43 -19.67
N VAL D 159 -8.09 11.09 -20.02
CA VAL D 159 -7.35 10.15 -19.17
C VAL D 159 -6.98 10.80 -17.82
N LYS D 160 -6.63 12.09 -17.87
CA LYS D 160 -6.37 12.84 -16.64
C LYS D 160 -7.59 12.79 -15.70
N ASN D 161 -8.76 12.98 -16.28
CA ASN D 161 -10.00 12.93 -15.52
C ASN D 161 -10.31 11.55 -14.98
N LEU D 162 -9.82 10.52 -15.66
CA LEU D 162 -9.99 9.14 -15.21
C LEU D 162 -9.12 8.89 -14.00
N TYR D 163 -7.90 9.40 -14.04
CA TYR D 163 -7.02 9.24 -12.91
C TYR D 163 -7.54 10.03 -11.68
N LYS D 164 -8.18 11.17 -11.92
CA LYS D 164 -8.81 11.96 -10.84
C LYS D 164 -9.97 11.23 -10.22
N ARG D 165 -10.81 10.64 -11.06
CA ARG D 165 -11.91 9.80 -10.57
C ARG D 165 -11.40 8.60 -9.80
N LEU D 166 -10.46 7.88 -10.39
CA LEU D 166 -9.84 6.72 -9.73
C LEU D 166 -9.40 7.09 -8.30
N GLN D 167 -8.63 8.17 -8.21
CA GLN D 167 -8.11 8.67 -6.93
C GLN D 167 -9.20 9.19 -5.97
N ARG D 168 -10.30 9.73 -6.50
CA ARG D 168 -11.50 10.09 -5.69
C ARG D 168 -12.34 8.88 -5.27
N GLY D 169 -11.97 7.70 -5.75
CA GLY D 169 -12.72 6.49 -5.41
C GLY D 169 -14.04 6.38 -6.16
N LYS D 170 -14.14 7.15 -7.25
CA LYS D 170 -15.36 7.29 -8.04
C LYS D 170 -15.22 6.66 -9.44
N LEU D 171 -14.24 5.80 -9.65
CA LEU D 171 -14.18 5.01 -10.88
C LEU D 171 -14.78 3.66 -10.57
N THR D 172 -15.85 3.33 -11.27
CA THR D 172 -16.60 2.10 -11.02
C THR D 172 -16.66 1.15 -12.22
N ILE D 173 -16.06 1.57 -13.33
CA ILE D 173 -15.92 0.73 -14.49
C ILE D 173 -14.48 0.70 -14.93
N PRO D 174 -14.00 -0.42 -15.49
CA PRO D 174 -12.64 -0.56 -15.98
C PRO D 174 -12.46 0.43 -17.09
N ALA D 175 -11.32 1.11 -17.14
CA ALA D 175 -11.02 2.08 -18.19
C ALA D 175 -9.77 1.64 -18.90
N MET D 176 -9.82 1.64 -20.22
CA MET D 176 -8.60 1.48 -21.01
C MET D 176 -8.10 2.88 -21.43
N ASN D 177 -6.90 3.23 -20.95
CA ASN D 177 -6.19 4.42 -21.35
C ASN D 177 -5.58 4.26 -22.75
N VAL D 178 -6.33 4.65 -23.76
CA VAL D 178 -5.89 4.55 -25.15
C VAL D 178 -4.92 5.69 -25.54
N ASN D 179 -5.15 6.88 -25.02
CA ASN D 179 -4.24 8.01 -25.29
C ASN D 179 -2.79 7.61 -25.03
N ASP D 180 -2.57 6.92 -23.93
CA ASP D 180 -1.21 6.57 -23.54
C ASP D 180 -0.67 5.24 -24.09
N SER D 181 -1.36 4.61 -25.04
CA SER D 181 -0.67 3.73 -25.96
C SER D 181 0.44 4.52 -26.65
N VAL D 182 1.59 3.91 -26.85
CA VAL D 182 2.68 4.58 -27.59
C VAL D 182 2.26 4.96 -29.00
N THR D 183 1.52 4.06 -29.67
CA THR D 183 1.13 4.31 -31.07
C THR D 183 0.01 5.33 -31.17
N LYS D 184 -0.48 5.81 -30.04
CA LYS D 184 -1.42 6.92 -30.01
C LYS D 184 -0.69 8.21 -29.65
N SER D 185 -0.32 8.38 -28.39
CA SER D 185 0.23 9.65 -27.93
CA SER D 185 0.30 9.61 -27.86
C SER D 185 1.46 10.12 -28.72
N LYS D 186 2.33 9.22 -29.13
CA LYS D 186 3.53 9.61 -29.84
C LYS D 186 3.35 9.73 -31.35
N PHE D 187 2.13 9.53 -31.82
CA PHE D 187 1.81 9.61 -33.26
C PHE D 187 0.67 10.60 -33.56
N ASP D 188 -0.54 10.30 -33.10
CA ASP D 188 -1.68 11.22 -33.19
C ASP D 188 -1.37 12.59 -32.55
N ASN D 189 -1.03 12.59 -31.26
CA ASN D 189 -0.92 13.86 -30.54
C ASN D 189 0.21 14.72 -31.18
N LEU D 190 1.29 14.06 -31.60
CA LEU D 190 2.45 14.68 -32.13
C LEU D 190 2.32 14.95 -33.62
N TYR D 191 2.41 13.89 -34.42
CA TYR D 191 2.37 14.04 -35.91
C TYR D 191 1.02 14.48 -36.48
N GLY D 192 -0.08 14.10 -35.86
CA GLY D 192 -1.38 14.57 -36.29
C GLY D 192 -1.55 16.07 -36.13
N CYS D 193 -1.21 16.56 -34.94
CA CYS D 193 -1.19 18.02 -34.73
C CYS D 193 -0.20 18.75 -35.59
N ARG D 194 0.96 18.16 -35.88
CA ARG D 194 1.95 18.77 -36.75
C ARG D 194 1.38 19.05 -38.13
N GLU D 195 0.40 18.27 -38.56
CA GLU D 195 -0.29 18.59 -39.84
C GLU D 195 -1.60 19.35 -39.73
N SER D 196 -2.37 19.09 -38.70
CA SER D 196 -3.74 19.58 -38.65
C SER D 196 -3.87 20.97 -38.01
N LEU D 197 -2.87 21.36 -37.21
CA LEU D 197 -2.89 22.71 -36.62
C LEU D 197 -2.84 23.76 -37.69
N VAL D 198 -1.89 23.64 -38.59
CA VAL D 198 -1.71 24.68 -39.60
C VAL D 198 -2.83 24.65 -40.62
N ASP D 199 -3.30 23.48 -40.96
CA ASP D 199 -4.49 23.30 -41.72
C ASP D 199 -5.69 24.09 -41.16
N GLY D 200 -5.97 23.96 -39.87
CA GLY D 200 -6.98 24.77 -39.22
C GLY D 200 -6.76 26.26 -39.34
N ILE D 201 -5.53 26.67 -39.02
CA ILE D 201 -5.23 28.10 -39.04
C ILE D 201 -5.40 28.65 -40.45
N LYS D 202 -4.90 27.92 -41.41
CA LYS D 202 -4.95 28.38 -42.81
C LYS D 202 -6.32 28.37 -43.47
N ARG D 203 -7.11 27.33 -43.22
CA ARG D 203 -8.44 27.32 -43.77
C ARG D 203 -9.23 28.49 -43.20
N ALA D 204 -9.09 28.75 -41.88
CA ALA D 204 -9.70 29.91 -41.18
C ALA D 204 -9.26 31.28 -41.70
N THR D 205 -7.96 31.50 -41.94
CA THR D 205 -7.41 32.83 -42.04
C THR D 205 -6.58 33.09 -43.30
N ASP D 206 -6.06 32.03 -43.91
CA ASP D 206 -5.07 32.12 -45.00
C ASP D 206 -3.83 32.97 -44.66
N VAL D 207 -3.51 33.06 -43.38
CA VAL D 207 -2.42 33.88 -42.90
C VAL D 207 -1.11 33.23 -43.29
N MET D 208 -0.09 34.05 -43.59
CA MET D 208 1.21 33.51 -43.82
C MET D 208 1.82 33.16 -42.49
N ILE D 209 2.42 31.99 -42.43
CA ILE D 209 3.13 31.54 -41.24
C ILE D 209 4.58 32.05 -41.21
N ALA D 210 5.26 31.95 -42.36
CA ALA D 210 6.61 32.43 -42.54
C ALA D 210 6.79 33.88 -42.04
N GLY D 211 7.81 34.07 -41.21
CA GLY D 211 8.10 35.39 -40.71
C GLY D 211 7.37 35.80 -39.45
N LYS D 212 6.30 35.10 -39.10
CA LYS D 212 5.51 35.49 -37.94
C LYS D 212 6.15 35.00 -36.64
N THR D 213 5.80 35.64 -35.54
CA THR D 213 6.12 35.16 -34.21
C THR D 213 4.92 34.44 -33.60
N ALA D 214 5.12 33.19 -33.19
CA ALA D 214 4.02 32.37 -32.70
C ALA D 214 4.36 31.99 -31.31
N CYS D 215 3.40 32.08 -30.44
CA CYS D 215 3.54 31.59 -29.08
C CYS D 215 2.75 30.27 -28.88
N VAL D 216 3.47 29.18 -28.62
CA VAL D 216 2.89 27.86 -28.41
C VAL D 216 2.93 27.66 -26.90
N CYS D 217 1.75 27.59 -26.28
CA CYS D 217 1.63 27.40 -24.84
C CYS D 217 1.52 25.93 -24.53
N GLY D 218 2.52 25.38 -23.86
CA GLY D 218 2.59 23.97 -23.64
C GLY D 218 3.54 23.30 -24.62
N TYR D 219 4.29 22.31 -24.11
CA TYR D 219 5.30 21.58 -24.90
C TYR D 219 5.22 20.11 -24.56
N GLY D 220 3.99 19.61 -24.51
CA GLY D 220 3.72 18.18 -24.46
C GLY D 220 3.72 17.62 -25.86
N ASP D 221 3.02 16.49 -26.06
CA ASP D 221 3.01 15.86 -27.37
C ASP D 221 2.37 16.77 -28.41
N VAL D 222 1.26 17.39 -28.01
CA VAL D 222 0.59 18.34 -28.90
C VAL D 222 1.44 19.62 -29.19
N GLY D 223 1.98 20.25 -28.16
CA GLY D 223 2.78 21.43 -28.37
C GLY D 223 4.06 21.14 -29.16
N LYS D 224 4.64 19.97 -28.95
CA LYS D 224 5.81 19.57 -29.77
C LYS D 224 5.46 19.55 -31.27
N GLY D 225 4.34 18.94 -31.59
CA GLY D 225 3.90 18.89 -32.98
C GLY D 225 3.57 20.24 -33.55
N CYS D 226 2.83 21.00 -32.77
CA CYS D 226 2.42 22.36 -33.16
C CYS D 226 3.61 23.27 -33.41
N ALA D 227 4.54 23.28 -32.47
CA ALA D 227 5.78 24.10 -32.64
C ALA D 227 6.54 23.69 -33.90
N ALA D 228 6.70 22.38 -34.10
CA ALA D 228 7.37 21.81 -35.24
C ALA D 228 6.73 22.30 -36.56
N ALA D 229 5.42 22.30 -36.60
CA ALA D 229 4.61 22.67 -37.77
C ALA D 229 4.87 24.12 -38.16
N LEU D 230 4.77 24.99 -37.16
CA LEU D 230 4.94 26.47 -37.40
C LEU D 230 6.35 26.80 -37.80
N ARG D 231 7.27 26.21 -37.08
CA ARG D 231 8.67 26.35 -37.34
C ARG D 231 8.98 25.87 -38.77
N GLY D 232 8.42 24.72 -39.21
CA GLY D 232 8.70 24.27 -40.62
C GLY D 232 8.29 25.19 -41.73
N PHE D 233 7.31 26.06 -41.46
CA PHE D 233 6.93 27.08 -42.39
C PHE D 233 7.63 28.43 -42.17
N GLY D 234 8.58 28.51 -41.28
CA GLY D 234 9.29 29.74 -41.10
C GLY D 234 8.81 30.71 -40.05
N ALA D 235 7.93 30.29 -39.17
CA ALA D 235 7.59 31.06 -38.00
C ALA D 235 8.70 30.97 -36.98
N ARG D 236 8.83 32.04 -36.23
CA ARG D 236 9.73 32.05 -35.08
C ARG D 236 8.81 31.67 -33.89
N VAL D 237 9.04 30.50 -33.37
CA VAL D 237 8.19 29.95 -32.35
C VAL D 237 8.82 30.16 -30.95
N VAL D 238 7.99 30.63 -30.00
CA VAL D 238 8.36 30.74 -28.61
C VAL D 238 7.41 29.81 -27.87
N VAL D 239 7.89 29.22 -26.78
CA VAL D 239 7.12 28.20 -26.09
C VAL D 239 6.98 28.63 -24.63
N THR D 240 5.86 28.28 -24.01
CA THR D 240 5.71 28.42 -22.56
C THR D 240 5.50 27.05 -21.99
N GLU D 241 5.96 26.88 -20.76
CA GLU D 241 5.82 25.64 -20.06
C GLU D 241 5.90 25.86 -18.58
N VAL D 242 5.28 24.92 -17.86
CA VAL D 242 5.41 24.82 -16.41
C VAL D 242 6.31 23.67 -15.95
N ASP D 243 6.53 22.68 -16.79
CA ASP D 243 7.36 21.52 -16.48
C ASP D 243 8.78 21.76 -16.99
N PRO D 244 9.77 21.72 -16.05
CA PRO D 244 11.16 22.02 -16.44
C PRO D 244 11.75 21.02 -17.44
N ILE D 245 11.27 19.78 -17.42
CA ILE D 245 11.72 18.78 -18.39
C ILE D 245 11.26 19.14 -19.81
N ASN D 246 9.95 19.36 -19.97
CA ASN D 246 9.40 19.83 -21.26
C ASN D 246 10.06 21.13 -21.73
N ALA D 247 10.30 22.02 -20.74
CA ALA D 247 10.93 23.32 -20.99
C ALA D 247 12.30 23.14 -21.56
N LEU D 248 13.10 22.30 -20.91
CA LEU D 248 14.45 22.02 -21.42
C LEU D 248 14.47 21.37 -22.81
N GLN D 249 13.55 20.46 -23.10
CA GLN D 249 13.42 19.90 -24.46
C GLN D 249 13.16 20.99 -25.47
N ALA D 250 12.23 21.92 -25.17
CA ALA D 250 11.93 22.98 -26.12
C ALA D 250 13.18 23.82 -26.36
N ALA D 251 13.86 24.17 -25.27
CA ALA D 251 15.10 24.96 -25.35
C ALA D 251 16.21 24.26 -26.17
N MET D 252 16.40 22.95 -25.95
CA MET D 252 17.34 22.13 -26.72
C MET D 252 16.96 21.90 -28.16
N GLU D 253 15.71 22.16 -28.51
CA GLU D 253 15.26 22.16 -29.91
C GLU D 253 15.39 23.49 -30.57
N GLY D 254 15.83 24.52 -29.88
CA GLY D 254 16.06 25.81 -30.49
C GLY D 254 14.93 26.82 -30.33
N TYR D 255 13.95 26.53 -29.49
CA TYR D 255 12.90 27.50 -29.16
C TYR D 255 13.20 28.31 -27.88
N GLN D 256 12.88 29.60 -27.94
CA GLN D 256 12.91 30.37 -26.72
C GLN D 256 11.75 29.96 -25.78
N VAL D 257 12.03 29.79 -24.51
CA VAL D 257 11.01 29.39 -23.54
C VAL D 257 10.84 30.58 -22.66
N LEU D 258 9.63 31.09 -22.68
CA LEU D 258 9.35 32.32 -21.98
C LEU D 258 7.97 32.32 -21.40
N LEU D 259 7.59 33.42 -20.78
CA LEU D 259 6.22 33.56 -20.25
C LEU D 259 5.34 34.21 -21.33
N VAL D 260 4.07 33.85 -21.37
CA VAL D 260 3.11 34.56 -22.24
C VAL D 260 3.30 36.08 -22.21
N GLU D 261 3.46 36.64 -20.98
N GLU D 261 3.50 36.66 -21.02
CA GLU D 261 3.64 38.11 -20.74
CA GLU D 261 3.57 38.12 -20.90
C GLU D 261 4.81 38.71 -21.53
C GLU D 261 4.80 38.71 -21.61
N ASP D 262 5.82 37.88 -21.79
CA ASP D 262 7.06 38.33 -22.43
C ASP D 262 6.91 38.53 -23.94
N VAL D 263 5.99 37.82 -24.55
CA VAL D 263 5.76 37.92 -25.99
C VAL D 263 4.35 38.42 -26.40
N VAL D 264 3.47 38.63 -25.41
CA VAL D 264 2.04 38.94 -25.66
C VAL D 264 1.86 40.16 -26.57
N GLU D 265 2.71 41.17 -26.43
CA GLU D 265 2.60 42.35 -27.25
C GLU D 265 3.06 42.17 -28.70
N GLU D 266 3.89 41.16 -28.98
CA GLU D 266 4.52 41.04 -30.32
C GLU D 266 4.04 39.80 -31.11
N ALA D 267 3.53 38.80 -30.46
CA ALA D 267 3.18 37.57 -31.16
C ALA D 267 2.04 37.77 -32.15
N HIS D 268 2.20 37.19 -33.33
CA HIS D 268 1.16 37.26 -34.36
C HIS D 268 0.08 36.15 -34.16
N ILE D 269 0.51 35.03 -33.58
CA ILE D 269 -0.32 33.85 -33.42
C ILE D 269 -0.06 33.28 -32.02
N PHE D 270 -1.13 32.92 -31.32
CA PHE D 270 -1.10 32.20 -30.04
C PHE D 270 -1.81 30.87 -30.22
N VAL D 271 -1.16 29.78 -29.79
CA VAL D 271 -1.77 28.44 -29.83
C VAL D 271 -1.64 27.82 -28.43
N THR D 272 -2.77 27.46 -27.84
CA THR D 272 -2.75 26.82 -26.54
C THR D 272 -2.88 25.31 -26.70
N THR D 273 -1.97 24.60 -26.04
CA THR D 273 -1.85 23.15 -26.20
C THR D 273 -1.76 22.42 -24.84
N THR D 274 -2.28 23.07 -23.81
CA THR D 274 -1.91 22.63 -22.43
C THR D 274 -2.77 21.56 -21.79
N GLY D 275 -4.03 21.47 -22.21
CA GLY D 275 -5.05 20.77 -21.46
C GLY D 275 -5.40 21.36 -20.09
N ASN D 276 -5.07 22.63 -19.88
CA ASN D 276 -5.27 23.38 -18.67
C ASN D 276 -6.08 24.65 -19.06
N ASP D 277 -6.68 25.29 -18.07
CA ASP D 277 -7.53 26.45 -18.23
C ASP D 277 -6.78 27.73 -17.94
N ASP D 278 -7.31 28.84 -18.48
CA ASP D 278 -6.82 30.17 -18.12
C ASP D 278 -5.35 30.39 -18.51
N ILE D 279 -5.05 30.01 -19.75
CA ILE D 279 -3.73 30.16 -20.32
C ILE D 279 -3.65 31.53 -20.99
N ILE D 280 -4.67 31.86 -21.76
CA ILE D 280 -4.77 33.15 -22.41
C ILE D 280 -5.96 33.86 -21.78
N THR D 281 -5.68 34.95 -21.10
CA THR D 281 -6.64 35.57 -20.19
C THR D 281 -6.92 37.04 -20.52
N SER D 282 -7.82 37.60 -19.72
CA SER D 282 -8.09 39.02 -19.65
C SER D 282 -6.87 39.91 -19.46
N GLU D 283 -5.81 39.36 -18.86
CA GLU D 283 -4.50 40.00 -18.64
CA GLU D 283 -4.59 40.14 -18.68
C GLU D 283 -3.78 40.17 -19.98
N HIS D 284 -4.11 39.31 -20.92
CA HIS D 284 -3.37 39.22 -22.17
C HIS D 284 -3.99 39.89 -23.35
N PHE D 285 -5.28 39.62 -23.58
CA PHE D 285 -5.95 40.09 -24.81
C PHE D 285 -5.81 41.58 -25.06
N PRO D 286 -5.94 42.39 -23.99
CA PRO D 286 -5.79 43.84 -24.20
C PRO D 286 -4.41 44.31 -24.65
N ARG D 287 -3.39 43.45 -24.59
CA ARG D 287 -2.01 43.83 -24.95
C ARG D 287 -1.63 43.31 -26.32
N MET D 288 -2.49 42.49 -26.92
CA MET D 288 -2.11 41.81 -28.17
C MET D 288 -2.05 42.78 -29.34
N ARG D 289 -1.20 42.48 -30.30
CA ARG D 289 -1.10 43.32 -31.46
C ARG D 289 -2.38 43.21 -32.32
N ASP D 290 -2.53 44.13 -33.23
CA ASP D 290 -3.69 44.15 -34.11
C ASP D 290 -3.70 42.94 -35.05
N ASP D 291 -4.85 42.26 -35.06
CA ASP D 291 -5.12 41.04 -35.78
C ASP D 291 -4.25 39.85 -35.34
N ALA D 292 -3.76 39.85 -34.09
CA ALA D 292 -3.31 38.64 -33.41
C ALA D 292 -4.38 37.52 -33.63
N ILE D 293 -3.90 36.32 -33.94
CA ILE D 293 -4.73 35.17 -34.12
C ILE D 293 -4.61 34.35 -32.89
N VAL D 294 -5.73 33.99 -32.35
CA VAL D 294 -5.73 33.30 -31.08
C VAL D 294 -6.50 32.00 -31.30
N CYS D 295 -5.89 30.87 -30.95
CA CYS D 295 -6.59 29.59 -31.13
C CYS D 295 -6.13 28.56 -30.09
N ASN D 296 -6.93 27.51 -29.95
CA ASN D 296 -6.72 26.47 -29.00
C ASN D 296 -6.83 25.12 -29.71
N ILE D 297 -5.95 24.18 -29.37
CA ILE D 297 -5.98 22.84 -29.91
C ILE D 297 -6.07 21.83 -28.76
N GLY D 298 -6.07 22.29 -27.51
CA GLY D 298 -6.40 21.42 -26.40
C GLY D 298 -7.85 21.02 -26.35
N HIS D 299 -8.19 20.05 -25.50
CA HIS D 299 -9.50 19.44 -25.64
C HIS D 299 -10.70 20.40 -25.36
N PHE D 300 -10.58 21.29 -24.38
CA PHE D 300 -11.63 22.19 -24.02
C PHE D 300 -11.24 23.62 -24.30
N ASP D 301 -12.22 24.44 -24.68
CA ASP D 301 -12.01 25.86 -25.05
C ASP D 301 -11.54 26.82 -23.92
N THR D 302 -11.69 26.39 -22.66
CA THR D 302 -11.39 27.21 -21.49
C THR D 302 -9.92 27.46 -21.20
N GLU D 303 -9.03 26.89 -22.02
CA GLU D 303 -7.66 27.39 -22.11
C GLU D 303 -7.62 28.89 -22.39
N ILE D 304 -8.53 29.39 -23.23
CA ILE D 304 -8.68 30.81 -23.52
C ILE D 304 -9.93 31.40 -22.82
N GLN D 305 -9.82 32.59 -22.23
CA GLN D 305 -11.02 33.25 -21.62
C GLN D 305 -11.88 33.89 -22.72
N VAL D 306 -12.60 33.03 -23.43
CA VAL D 306 -13.45 33.46 -24.55
C VAL D 306 -14.65 34.25 -24.06
N ALA D 307 -15.25 33.83 -22.96
CA ALA D 307 -16.37 34.58 -22.37
C ALA D 307 -15.98 36.04 -22.04
N TRP D 308 -14.83 36.22 -21.39
CA TRP D 308 -14.29 37.54 -21.09
C TRP D 308 -14.15 38.35 -22.39
N LEU D 309 -13.49 37.74 -23.38
CA LEU D 309 -13.32 38.34 -24.71
C LEU D 309 -14.66 38.82 -25.25
N LYS D 310 -15.67 37.96 -25.23
CA LYS D 310 -16.95 38.30 -25.84
C LYS D 310 -17.64 39.42 -25.06
N ALA D 311 -17.51 39.37 -23.73
CA ALA D 311 -18.13 40.34 -22.83
C ALA D 311 -17.45 41.71 -22.91
N ASN D 312 -16.16 41.72 -23.20
CA ASN D 312 -15.38 42.93 -23.14
C ASN D 312 -15.02 43.55 -24.48
N ALA D 313 -15.16 42.82 -25.57
CA ALA D 313 -14.93 43.41 -26.89
C ALA D 313 -16.01 44.45 -27.24
N LYS D 314 -15.62 45.47 -27.99
CA LYS D 314 -16.55 46.50 -28.44
C LYS D 314 -17.30 46.10 -29.72
N GLU D 315 -16.66 45.27 -30.54
CA GLU D 315 -17.27 44.71 -31.74
C GLU D 315 -16.86 43.23 -31.91
N ARG D 316 -17.74 42.49 -32.57
CA ARG D 316 -17.48 41.12 -33.02
C ARG D 316 -18.06 40.98 -34.44
N VAL D 317 -17.22 40.59 -35.40
CA VAL D 317 -17.59 40.33 -36.76
C VAL D 317 -17.29 38.86 -37.06
N GLU D 318 -18.32 38.08 -37.43
CA GLU D 318 -18.02 36.77 -37.99
C GLU D 318 -17.49 36.97 -39.41
N VAL D 319 -16.22 36.71 -39.61
CA VAL D 319 -15.61 36.84 -40.94
C VAL D 319 -16.25 35.76 -41.85
N LYS D 320 -16.26 34.53 -41.33
CA LYS D 320 -16.92 33.37 -41.94
C LYS D 320 -17.07 32.40 -40.79
N PRO D 321 -17.86 31.34 -40.97
CA PRO D 321 -18.14 30.48 -39.80
C PRO D 321 -16.84 30.02 -39.08
N GLN D 322 -16.88 30.07 -37.75
CA GLN D 322 -15.77 29.74 -36.83
C GLN D 322 -14.55 30.68 -36.91
N VAL D 323 -14.69 31.86 -37.52
CA VAL D 323 -13.63 32.88 -37.57
C VAL D 323 -14.30 34.20 -37.16
N ASP D 324 -14.03 34.63 -35.93
CA ASP D 324 -14.61 35.82 -35.35
C ASP D 324 -13.51 36.83 -35.10
N ARG D 325 -13.73 38.06 -35.52
CA ARG D 325 -12.80 39.14 -35.34
C ARG D 325 -13.41 40.16 -34.35
N TYR D 326 -12.70 40.36 -33.26
CA TYR D 326 -13.13 41.18 -32.15
C TYR D 326 -12.36 42.49 -32.22
N THR D 327 -13.08 43.59 -32.03
CA THR D 327 -12.50 44.90 -31.84
C THR D 327 -12.49 45.18 -30.35
N MET D 328 -11.31 45.45 -29.81
CA MET D 328 -11.18 45.75 -28.39
C MET D 328 -11.36 47.26 -28.17
N ALA D 329 -11.51 47.63 -26.91
CA ALA D 329 -11.69 49.05 -26.52
C ALA D 329 -10.48 49.90 -26.98
N ASN D 330 -9.30 49.27 -27.07
CA ASN D 330 -8.09 49.94 -27.56
C ASN D 330 -8.10 50.19 -29.07
N GLY D 331 -9.08 49.63 -29.76
CA GLY D 331 -9.21 49.86 -31.20
C GLY D 331 -8.63 48.76 -32.05
N ARG D 332 -7.83 47.87 -31.43
CA ARG D 332 -7.17 46.83 -32.18
C ARG D 332 -8.05 45.61 -32.22
N HIS D 333 -7.66 44.67 -33.05
CA HIS D 333 -8.46 43.45 -33.31
C HIS D 333 -7.75 42.19 -32.85
N ILE D 334 -8.56 41.21 -32.45
CA ILE D 334 -8.14 39.84 -32.20
C ILE D 334 -8.98 38.92 -33.06
N ILE D 335 -8.34 37.96 -33.72
CA ILE D 335 -9.05 36.96 -34.49
C ILE D 335 -9.06 35.68 -33.67
N LEU D 336 -10.27 35.31 -33.21
CA LEU D 336 -10.46 34.08 -32.48
C LEU D 336 -10.98 32.98 -33.36
N LEU D 337 -10.33 31.83 -33.30
CA LEU D 337 -10.73 30.67 -34.12
C LEU D 337 -11.61 29.68 -33.35
N ALA D 338 -12.72 29.27 -33.96
CA ALA D 338 -13.64 28.23 -33.50
C ALA D 338 -14.20 28.50 -32.10
N GLU D 339 -14.37 29.77 -31.77
CA GLU D 339 -14.71 30.12 -30.41
C GLU D 339 -13.84 29.46 -29.36
N GLY D 340 -12.55 29.25 -29.67
CA GLY D 340 -11.64 28.61 -28.74
C GLY D 340 -11.71 27.08 -28.67
N ARG D 341 -12.62 26.47 -29.43
CA ARG D 341 -12.67 25.02 -29.51
C ARG D 341 -11.55 24.51 -30.47
N LEU D 342 -11.23 23.24 -30.30
CA LEU D 342 -10.13 22.56 -31.01
C LEU D 342 -10.07 23.00 -32.45
N VAL D 343 -9.08 23.79 -32.77
CA VAL D 343 -8.98 24.46 -34.07
C VAL D 343 -8.77 23.55 -35.27
N ASN D 344 -8.03 22.45 -35.09
CA ASN D 344 -7.82 21.48 -36.15
C ASN D 344 -9.15 20.87 -36.63
N LEU D 345 -10.00 20.52 -35.69
CA LEU D 345 -11.31 19.96 -36.01
C LEU D 345 -12.38 20.99 -36.32
N GLY D 346 -12.26 22.15 -35.67
CA GLY D 346 -13.30 23.18 -35.71
C GLY D 346 -13.22 23.98 -37.00
N CYS D 347 -12.00 24.24 -37.44
CA CYS D 347 -11.70 25.01 -38.68
C CYS D 347 -11.17 24.21 -39.87
N ALA D 348 -10.78 22.96 -39.63
CA ALA D 348 -10.32 22.09 -40.74
C ALA D 348 -10.92 20.71 -40.57
N SER D 349 -10.16 19.64 -40.85
CA SER D 349 -10.76 18.31 -40.86
C SER D 349 -10.20 17.39 -39.76
N GLY D 350 -9.47 17.94 -38.82
CA GLY D 350 -8.79 17.13 -37.85
C GLY D 350 -7.59 16.45 -38.50
N HIS D 351 -7.01 15.54 -37.76
CA HIS D 351 -5.87 14.79 -38.21
C HIS D 351 -6.28 13.96 -39.41
N PRO D 352 -5.33 13.76 -40.32
CA PRO D 352 -5.48 12.88 -41.45
C PRO D 352 -5.76 11.44 -41.07
N SER D 353 -6.38 10.74 -42.01
CA SER D 353 -6.81 9.39 -41.82
C SER D 353 -5.68 8.44 -41.38
N PHE D 354 -4.50 8.53 -41.97
CA PHE D 354 -3.44 7.54 -41.69
C PHE D 354 -3.07 7.50 -40.19
N VAL D 355 -2.87 8.67 -39.56
CA VAL D 355 -2.53 8.69 -38.15
C VAL D 355 -3.71 8.29 -37.27
N MET D 356 -4.93 8.67 -37.65
CA MET D 356 -6.14 8.24 -36.94
C MET D 356 -6.34 6.70 -37.01
N SER D 357 -5.77 6.07 -38.04
CA SER D 357 -5.80 4.60 -38.10
C SER D 357 -5.05 4.01 -36.91
N ASN D 358 -3.90 4.59 -36.52
CA ASN D 358 -3.19 4.15 -35.26
C ASN D 358 -4.08 4.25 -34.04
N SER D 359 -4.61 5.45 -33.77
CA SER D 359 -5.44 5.74 -32.66
C SER D 359 -6.65 4.79 -32.54
N PHE D 360 -7.31 4.61 -33.66
CA PHE D 360 -8.53 3.85 -33.70
C PHE D 360 -8.34 2.36 -33.75
N CYS D 361 -7.20 1.90 -34.24
CA CYS D 361 -6.79 0.48 -33.98
C CYS D 361 -6.66 0.23 -32.48
N ASN D 362 -6.02 1.15 -31.78
CA ASN D 362 -5.95 1.06 -30.29
C ASN D 362 -7.33 1.02 -29.65
N GLN D 363 -8.26 1.85 -30.14
CA GLN D 363 -9.64 1.86 -29.58
C GLN D 363 -10.29 0.51 -29.81
N VAL D 364 -10.13 -0.03 -31.02
CA VAL D 364 -10.80 -1.28 -31.37
C VAL D 364 -10.24 -2.39 -30.54
N LEU D 365 -8.91 -2.45 -30.45
CA LEU D 365 -8.30 -3.47 -29.60
C LEU D 365 -8.65 -3.32 -28.09
N ALA D 366 -8.77 -2.08 -27.60
CA ALA D 366 -9.26 -1.79 -26.24
C ALA D 366 -10.69 -2.30 -26.01
N GLN D 367 -11.59 -2.02 -26.94
CA GLN D 367 -12.99 -2.49 -26.82
C GLN D 367 -13.09 -4.03 -26.83
N ILE D 368 -12.36 -4.65 -27.76
CA ILE D 368 -12.21 -6.11 -27.81
C ILE D 368 -11.70 -6.65 -26.47
N GLU D 369 -10.66 -6.02 -25.95
CA GLU D 369 -10.04 -6.52 -24.69
C GLU D 369 -11.00 -6.46 -23.49
N LEU D 370 -11.69 -5.32 -23.33
CA LEU D 370 -12.69 -5.12 -22.28
C LEU D 370 -13.89 -6.06 -22.47
N TRP D 371 -14.45 -6.11 -23.67
CA TRP D 371 -15.67 -6.85 -23.89
C TRP D 371 -15.48 -8.37 -23.82
N THR D 372 -14.50 -8.90 -24.55
CA THR D 372 -14.26 -10.33 -24.54
C THR D 372 -13.91 -10.80 -23.12
N ASN D 373 -13.40 -9.91 -22.26
CA ASN D 373 -13.02 -10.28 -20.87
C ASN D 373 -14.03 -10.00 -19.76
N ARG D 374 -15.24 -9.61 -20.14
CA ARG D 374 -16.26 -9.18 -19.17
C ARG D 374 -16.59 -10.22 -18.10
N ASP D 375 -16.54 -11.50 -18.47
CA ASP D 375 -16.96 -12.58 -17.59
C ASP D 375 -15.75 -13.32 -17.01
N THR D 376 -14.59 -12.68 -17.11
CA THR D 376 -13.32 -13.29 -16.72
C THR D 376 -12.75 -12.72 -15.41
N GLY D 377 -13.25 -11.55 -14.97
CA GLY D 377 -12.77 -10.90 -13.76
C GLY D 377 -11.43 -10.20 -13.88
N LYS D 378 -10.85 -10.20 -15.09
CA LYS D 378 -9.56 -9.60 -15.33
C LYS D 378 -9.67 -8.08 -15.22
N TYR D 379 -10.86 -7.55 -15.52
CA TYR D 379 -11.13 -6.13 -15.48
C TYR D 379 -12.33 -5.88 -14.59
N PRO D 380 -12.11 -5.95 -13.24
CA PRO D 380 -13.20 -5.79 -12.27
C PRO D 380 -13.99 -4.49 -12.38
N ARG D 381 -15.29 -4.61 -12.26
CA ARG D 381 -16.19 -3.49 -12.21
C ARG D 381 -16.49 -3.29 -10.73
N GLY D 382 -17.03 -2.13 -10.37
CA GLY D 382 -17.28 -1.80 -8.96
C GLY D 382 -16.17 -0.95 -8.35
N ALA D 383 -16.05 -1.01 -7.03
CA ALA D 383 -15.10 -0.16 -6.29
C ALA D 383 -13.61 -0.39 -6.61
N LYS D 384 -13.26 -1.59 -7.09
CA LYS D 384 -11.87 -1.96 -7.37
C LYS D 384 -11.51 -1.67 -8.83
N ALA D 385 -12.36 -0.90 -9.52
CA ALA D 385 -12.14 -0.56 -10.94
C ALA D 385 -10.86 0.25 -11.12
N GLN D 386 -10.14 -0.05 -12.20
CA GLN D 386 -8.82 0.54 -12.48
C GLN D 386 -8.73 1.05 -13.90
N VAL D 387 -7.65 1.77 -14.15
CA VAL D 387 -7.26 2.19 -15.49
C VAL D 387 -6.10 1.32 -16.00
N TYR D 388 -6.20 0.89 -17.26
CA TYR D 388 -5.29 -0.11 -17.81
C TYR D 388 -4.68 0.42 -19.10
N PHE D 389 -3.52 -0.10 -19.47
CA PHE D 389 -2.92 0.16 -20.77
C PHE D 389 -3.02 -1.08 -21.59
N LEU D 390 -3.04 -0.90 -22.91
CA LEU D 390 -3.03 -2.04 -23.81
C LEU D 390 -1.65 -2.68 -23.69
N PRO D 391 -1.56 -4.01 -23.81
CA PRO D 391 -0.22 -4.65 -23.73
C PRO D 391 0.72 -4.15 -24.79
N LYS D 392 1.99 -4.11 -24.47
CA LYS D 392 2.96 -3.67 -25.45
C LYS D 392 2.91 -4.46 -26.75
N LYS D 393 2.66 -5.77 -26.68
CA LYS D 393 2.58 -6.58 -27.91
C LYS D 393 1.55 -6.00 -28.88
N LEU D 394 0.42 -5.57 -28.35
CA LEU D 394 -0.62 -4.98 -29.20
C LEU D 394 -0.26 -3.58 -29.77
N ASP D 395 0.39 -2.75 -28.97
CA ASP D 395 0.95 -1.44 -29.39
C ASP D 395 1.86 -1.69 -30.61
N GLU D 396 2.80 -2.63 -30.48
CA GLU D 396 3.68 -2.98 -31.56
C GLU D 396 2.88 -3.51 -32.75
N LYS D 397 1.81 -4.29 -32.52
CA LYS D 397 1.02 -4.80 -33.69
C LYS D 397 0.44 -3.65 -34.47
N VAL D 398 -0.02 -2.64 -33.75
CA VAL D 398 -0.65 -1.45 -34.38
C VAL D 398 0.33 -0.75 -35.28
N ALA D 399 1.54 -0.51 -34.76
CA ALA D 399 2.60 0.07 -35.60
C ALA D 399 2.91 -0.74 -36.86
N ALA D 400 3.06 -2.05 -36.68
CA ALA D 400 3.44 -2.94 -37.74
C ALA D 400 2.39 -2.93 -38.83
N LEU D 401 1.11 -2.83 -38.47
CA LEU D 401 -0.01 -2.72 -39.41
C LEU D 401 0.09 -1.53 -40.34
N HIS D 402 0.85 -0.52 -39.95
CA HIS D 402 0.95 0.68 -40.79
C HIS D 402 2.27 0.87 -41.56
N LEU D 403 3.22 -0.03 -41.38
CA LEU D 403 4.49 0.08 -42.10
C LEU D 403 4.40 -0.20 -43.57
N GLY D 404 3.59 -1.19 -43.95
CA GLY D 404 3.57 -1.61 -45.36
C GLY D 404 3.13 -0.56 -46.34
N LYS D 405 2.11 0.21 -45.96
CA LYS D 405 1.63 1.33 -46.79
C LYS D 405 2.79 2.28 -47.13
N LEU D 406 3.68 2.49 -46.21
CA LEU D 406 4.74 3.45 -46.40
C LEU D 406 5.97 2.84 -47.10
N GLY D 407 6.00 1.50 -47.24
CA GLY D 407 7.14 0.78 -47.74
C GLY D 407 8.30 0.58 -46.77
N ALA D 408 8.05 0.73 -45.49
CA ALA D 408 9.03 0.55 -44.46
C ALA D 408 9.24 -0.94 -44.21
N LYS D 409 10.49 -1.36 -44.19
CA LYS D 409 10.80 -2.80 -44.00
C LYS D 409 11.50 -3.04 -42.65
N LEU D 410 11.02 -4.03 -41.92
CA LEU D 410 11.54 -4.34 -40.61
C LEU D 410 12.59 -5.45 -40.68
N THR D 411 13.68 -5.24 -39.96
CA THR D 411 14.76 -6.19 -39.84
C THR D 411 14.26 -7.21 -38.84
N LYS D 412 14.64 -8.47 -39.02
CA LYS D 412 14.28 -9.52 -38.13
C LYS D 412 15.46 -9.89 -37.26
N LEU D 413 15.28 -9.86 -35.95
CA LEU D 413 16.34 -10.30 -35.06
C LEU D 413 16.65 -11.78 -35.25
N THR D 414 17.92 -12.12 -35.21
CA THR D 414 18.31 -13.53 -35.05
C THR D 414 18.04 -13.99 -33.61
N PRO D 415 17.94 -15.30 -33.39
CA PRO D 415 17.82 -15.74 -32.00
C PRO D 415 18.93 -15.25 -31.06
N LYS D 416 20.16 -15.28 -31.52
CA LYS D 416 21.32 -14.74 -30.80
C LYS D 416 21.13 -13.27 -30.40
N GLN D 417 20.75 -12.44 -31.37
CA GLN D 417 20.48 -11.02 -31.11
C GLN D 417 19.35 -10.83 -30.10
N ALA D 418 18.29 -11.61 -30.25
CA ALA D 418 17.15 -11.51 -29.37
C ALA D 418 17.52 -11.83 -27.94
N GLU D 419 18.28 -12.90 -27.70
CA GLU D 419 18.73 -13.22 -26.35
C GLU D 419 19.61 -12.08 -25.83
N TYR D 420 20.46 -11.53 -26.71
CA TYR D 420 21.41 -10.52 -26.27
C TYR D 420 20.70 -9.25 -25.78
N ILE D 421 19.64 -8.84 -26.48
CA ILE D 421 18.89 -7.67 -26.05
C ILE D 421 17.72 -7.99 -25.13
N ASN D 422 17.63 -9.24 -24.70
CA ASN D 422 16.66 -9.70 -23.70
C ASN D 422 15.22 -9.48 -24.12
N CYS D 423 14.92 -9.82 -25.38
CA CYS D 423 13.53 -9.92 -25.82
C CYS D 423 13.27 -11.14 -26.70
N PRO D 424 11.98 -11.43 -26.95
CA PRO D 424 11.67 -12.47 -27.92
C PRO D 424 11.88 -11.97 -29.34
N VAL D 425 12.24 -12.86 -30.26
CA VAL D 425 12.41 -12.52 -31.68
C VAL D 425 11.23 -11.73 -32.25
N ASP D 426 10.00 -12.10 -31.84
CA ASP D 426 8.79 -11.40 -32.29
C ASP D 426 8.31 -10.27 -31.34
N GLY D 427 9.10 -9.92 -30.33
CA GLY D 427 8.76 -8.80 -29.45
C GLY D 427 7.93 -9.30 -28.31
N PRO D 428 7.56 -8.42 -27.36
CA PRO D 428 7.89 -6.98 -27.40
C PRO D 428 9.38 -6.73 -27.25
N PHE D 429 9.83 -5.62 -27.84
CA PHE D 429 11.26 -5.31 -28.05
C PHE D 429 11.82 -4.38 -26.98
N LYS D 430 10.94 -3.76 -26.19
CA LYS D 430 11.34 -2.74 -25.23
C LYS D 430 10.76 -3.04 -23.85
N PRO D 431 11.44 -2.60 -22.80
CA PRO D 431 10.89 -2.79 -21.43
C PRO D 431 9.69 -1.87 -21.23
N ASP D 432 8.88 -2.13 -20.21
CA ASP D 432 7.59 -1.40 -20.07
C ASP D 432 7.77 0.08 -19.82
N HIS D 433 8.93 0.47 -19.30
CA HIS D 433 9.20 1.87 -19.00
C HIS D 433 9.78 2.65 -20.18
N TYR D 434 9.93 2.00 -21.32
CA TYR D 434 10.55 2.66 -22.46
C TYR D 434 9.72 3.81 -22.98
N ARG D 435 10.38 4.94 -23.30
CA ARG D 435 9.67 6.17 -23.57
C ARG D 435 9.59 6.47 -25.09
N TYR D 436 10.34 5.73 -25.89
CA TYR D 436 10.43 5.97 -27.33
C TYR D 436 10.80 7.41 -27.65
PA NAD E . -1.55 -4.11 31.91
O1A NAD E . -1.37 -2.75 31.34
O2A NAD E . -2.54 -4.92 31.17
O5B NAD E . -2.15 -3.95 33.43
C5B NAD E . -1.72 -3.00 34.38
C4B NAD E . -2.95 -2.39 35.00
O4B NAD E . -2.60 -1.55 36.09
C3B NAD E . -3.76 -1.54 34.03
O3B NAD E . -5.04 -2.06 33.79
C2B NAD E . -3.84 -0.16 34.66
O2B NAD E . -5.08 0.49 34.41
C1B NAD E . -3.51 -0.47 36.11
N9A NAD E . -2.91 0.64 36.84
C8A NAD E . -1.94 1.54 36.41
N7A NAD E . -1.67 2.37 37.43
C5A NAD E . -2.43 2.02 38.50
C6A NAD E . -2.54 2.55 39.80
N6A NAD E . -1.68 3.49 40.21
N1A NAD E . -3.43 1.94 40.70
C2A NAD E . -4.20 0.85 40.29
N3A NAD E . -4.08 0.33 39.02
C4A NAD E . -3.21 0.92 38.14
O3 NAD E . -0.13 -4.79 32.17
PN NAD E . 0.05 -6.38 32.43
O1N NAD E . 0.19 -7.13 31.15
O2N NAD E . -1.01 -6.71 33.43
O5D NAD E . 1.49 -6.35 33.10
C5D NAD E . 1.62 -5.76 34.36
C4D NAD E . 3.08 -5.78 34.76
O4D NAD E . 3.56 -7.10 34.91
C3D NAD E . 3.97 -5.13 33.70
O3D NAD E . 5.00 -4.42 34.37
C2D NAD E . 4.55 -6.31 32.92
O2D NAD E . 5.77 -5.99 32.29
C1D NAD E . 4.67 -7.33 34.06
N1N NAD E . 4.64 -8.78 33.74
C2N NAD E . 5.23 -9.60 34.66
C3N NAD E . 5.23 -10.98 34.49
C7N NAD E . 5.96 -11.83 35.47
O7N NAD E . 6.40 -13.12 35.12
N7N NAD E . 6.22 -11.38 36.68
C4N NAD E . 4.61 -11.53 33.37
C5N NAD E . 4.00 -10.69 32.45
C6N NAD E . 4.00 -9.31 32.64
N9 ADN F . 8.52 -14.87 33.10
C8 ADN F . 7.73 -15.55 33.94
N7 ADN F . 8.20 -16.78 34.15
C5 ADN F . 9.31 -16.90 33.43
C6 ADN F . 10.21 -17.94 33.24
N6 ADN F . 10.04 -19.12 33.86
N1 ADN F . 11.26 -17.74 32.42
C2 ADN F . 11.43 -16.57 31.82
N3 ADN F . 10.58 -15.56 31.97
C4 ADN F . 9.51 -15.70 32.77
PA NAD G . -17.07 -14.75 18.51
O1A NAD G . -16.45 -14.57 17.17
O2A NAD G . -16.28 -14.11 19.59
O5B NAD G . -17.19 -16.33 18.83
C5B NAD G . -17.65 -17.34 17.94
C4B NAD G . -16.65 -18.49 18.05
O4B NAD G . -17.12 -19.63 17.34
C3B NAD G . -15.28 -18.11 17.48
O3B NAD G . -14.25 -18.16 18.44
C2B NAD G . -15.09 -19.05 16.28
O2B NAD G . -13.75 -19.49 16.06
C1B NAD G . -16.00 -20.22 16.66
N9A NAD G . -16.50 -21.05 15.55
C8A NAD G . -16.80 -20.70 14.26
N7A NAD G . -17.24 -21.80 13.62
C5A NAD G . -17.23 -22.84 14.49
C6A NAD G . -17.59 -24.18 14.36
N6A NAD G . -18.34 -24.56 13.34
N1A NAD G . -17.49 -25.00 15.46
C2A NAD G . -17.02 -24.52 16.67
N3A NAD G . -16.66 -23.20 16.79
C4A NAD G . -16.78 -22.37 15.71
O3 NAD G . -18.60 -14.33 18.49
PN NAD G . -19.48 -13.99 19.82
O1N NAD G . -19.32 -12.58 20.23
O2N NAD G . -19.18 -15.07 20.80
O5D NAD G . -20.93 -14.10 19.19
C5D NAD G . -21.37 -15.34 18.72
C4D NAD G . -22.83 -15.29 18.34
O4D NAD G . -23.64 -14.89 19.42
C3D NAD G . -23.11 -14.29 17.21
O3D NAD G . -24.10 -14.85 16.37
C2D NAD G . -23.67 -13.08 17.93
O2D NAD G . -24.45 -12.24 17.09
C1D NAD G . -24.45 -13.79 19.05
N1N NAD G . -24.77 -13.02 20.26
C2N NAD G . -26.01 -13.22 20.81
C3N NAD G . -26.40 -12.56 21.97
C7N NAD G . -27.61 -13.07 22.68
O7N NAD G . -28.28 -12.28 23.62
N7N NAD G . -28.07 -14.28 22.39
C4N NAD G . -25.51 -11.70 22.60
C5N NAD G . -24.23 -11.51 22.05
C6N NAD G . -23.87 -12.19 20.88
N9 ADN H . -29.64 -8.99 23.81
C8 ADN H . -29.49 -9.85 24.83
N7 ADN H . -30.35 -9.55 25.80
C5 ADN H . -31.06 -8.49 25.41
C6 ADN H . -32.08 -7.73 25.99
N6 ADN H . -32.57 -8.01 27.21
N1 ADN H . -32.58 -6.68 25.30
C2 ADN H . -32.12 -6.37 24.09
N3 ADN H . -31.15 -7.06 23.51
C4 ADN H . -30.60 -8.13 24.14
PA NAD I . 17.62 1.99 -27.50
O1A NAD I . 17.19 0.74 -26.91
O2A NAD I . 16.74 3.14 -27.25
O5B NAD I . 17.71 1.89 -29.10
C5B NAD I . 18.39 0.94 -29.86
C4B NAD I . 17.45 0.53 -31.01
O4B NAD I . 18.10 -0.50 -31.75
C3B NAD I . 16.07 0.01 -30.61
O3B NAD I . 14.97 0.82 -31.04
C2B NAD I . 15.99 -1.42 -31.15
O2B NAD I . 14.76 -1.86 -31.68
C1B NAD I . 17.05 -1.32 -32.24
N9A NAD I . 17.68 -2.58 -32.67
C8A NAD I . 18.13 -3.65 -31.88
N7A NAD I . 18.70 -4.56 -32.70
C5A NAD I . 18.66 -4.10 -34.00
C6A NAD I . 19.09 -4.61 -35.21
N6A NAD I . 19.49 -5.90 -35.34
N1A NAD I . 18.93 -3.86 -36.37
C2A NAD I . 18.28 -2.61 -36.33
N3A NAD I . 17.84 -2.10 -35.12
C4A NAD I . 18.02 -2.84 -33.98
O3 NAD I . 19.09 2.30 -27.04
PN NAD I . 19.79 3.74 -26.98
O1N NAD I . 19.51 4.47 -25.75
O2N NAD I . 19.54 4.34 -28.28
O5D NAD I . 21.24 3.17 -26.92
C5D NAD I . 21.95 2.67 -28.05
C4D NAD I . 23.37 2.28 -27.71
O4D NAD I . 24.24 3.40 -27.53
C3D NAD I . 23.52 1.49 -26.39
O3D NAD I . 24.59 0.59 -26.58
C2D NAD I . 23.91 2.53 -25.37
O2D NAD I . 24.53 2.03 -24.20
C1D NAD I . 24.83 3.39 -26.22
N1N NAD I . 24.98 4.80 -25.85
C2N NAD I . 26.12 5.36 -26.26
C3N NAD I . 26.36 6.71 -26.00
C7N NAD I . 27.54 7.36 -26.62
O7N NAD I . 27.94 8.58 -26.16
N7N NAD I . 28.25 6.80 -27.59
C4N NAD I . 25.33 7.51 -25.43
C5N NAD I . 24.13 6.91 -25.09
C6N NAD I . 23.94 5.55 -25.32
C1 GOL J . 52.52 4.85 -19.56
O1 GOL J . 52.20 5.09 -18.21
C2 GOL J . 51.34 4.23 -20.32
O2 GOL J . 51.25 2.81 -20.17
C3 GOL J . 50.08 4.90 -19.82
O3 GOL J . 49.78 4.55 -18.50
N9 ADN K . 29.36 9.74 -22.74
C8 ADN K . 29.19 10.43 -23.88
N7 ADN K . 29.94 11.52 -23.87
C5 ADN K . 30.60 11.58 -22.71
C6 ADN K . 31.56 12.46 -22.17
N6 ADN K . 31.98 13.59 -22.75
N1 ADN K . 32.07 12.17 -20.94
C2 ADN K . 31.67 11.07 -20.34
N3 ADN K . 30.78 10.21 -20.82
C4 ADN K . 30.25 10.43 -22.03
PA NAD L . 0.60 16.81 -22.34
O1A NAD L . 0.25 16.54 -20.93
O2A NAD L . 1.59 15.87 -22.90
O5B NAD L . 1.09 18.31 -22.48
C5B NAD L . 0.50 19.49 -22.06
C4B NAD L . 1.65 20.36 -21.52
O4B NAD L . 1.12 21.56 -21.02
C3B NAD L . 2.49 19.75 -20.42
O3B NAD L . 3.84 19.47 -20.78
C2B NAD L . 2.39 20.71 -19.24
O2B NAD L . 3.52 20.91 -18.40
C1B NAD L . 1.98 21.97 -19.97
N9A NAD L . 1.24 22.94 -19.15
C8A NAD L . 0.19 22.69 -18.28
N7A NAD L . -0.27 23.86 -17.81
C5A NAD L . 0.44 24.90 -18.38
C6A NAD L . 0.39 26.29 -18.27
N6A NAD L . -0.33 26.96 -17.33
N1A NAD L . 1.29 27.01 -19.06
C2A NAD L . 2.20 26.39 -19.93
N3A NAD L . 2.26 25.02 -20.02
C4A NAD L . 1.39 24.28 -19.27
O3 NAD L . -0.72 16.74 -23.14
PN NAD L . -0.96 16.51 -24.70
O1N NAD L . -0.93 15.09 -25.03
O2N NAD L . 0.09 17.34 -25.31
O5D NAD L . -2.42 17.10 -24.89
C5D NAD L . -2.71 18.47 -24.79
C4D NAD L . -4.18 18.73 -25.04
O4D NAD L . -4.62 18.40 -26.35
C3D NAD L . -5.08 17.90 -24.10
O3D NAD L . -6.19 18.72 -23.77
C2D NAD L . -5.48 16.71 -24.97
O2D NAD L . -6.63 16.00 -24.58
C1D NAD L . -5.66 17.40 -26.33
N1N NAD L . -5.48 16.69 -27.56
C2N NAD L . -6.07 17.30 -28.64
C3N NAD L . -5.94 16.75 -29.91
C7N NAD L . -6.50 17.47 -31.10
O7N NAD L . -6.66 16.82 -32.29
N7N NAD L . -6.90 18.73 -31.06
C4N NAD L . -5.08 15.66 -30.10
C5N NAD L . -4.44 15.10 -29.00
C6N NAD L . -4.62 15.62 -27.72
O1 PG4 M . 2.62 -7.44 -35.92
C1 PG4 M . 3.41 -7.48 -34.72
C2 PG4 M . 4.47 -6.37 -34.58
O2 PG4 M . 5.84 -6.84 -34.67
C3 PG4 M . 6.47 -6.61 -35.94
C4 PG4 M . 5.86 -7.50 -37.03
O3 PG4 M . 6.34 -7.17 -38.35
C5 PG4 M . 5.33 -6.98 -39.34
C6 PG4 M . 5.51 -5.59 -39.95
O4 PG4 M . 4.56 -5.37 -40.98
C7 PG4 M . 4.91 -4.26 -41.81
C8 PG4 M . 5.42 -4.64 -43.21
O5 PG4 M . 6.71 -4.03 -43.41
N9 ADN N . -8.93 13.80 -33.23
C8 ADN N . -8.09 14.55 -34.00
N7 ADN N . -8.37 14.41 -35.28
C5 ADN N . -9.42 13.57 -35.39
C6 ADN N . -10.16 13.10 -36.48
N6 ADN N . -9.88 13.44 -37.78
N1 ADN N . -11.22 12.26 -36.25
C2 ADN N . -11.52 11.96 -34.99
N3 ADN N . -10.83 12.37 -33.93
C4 ADN N . -9.79 13.22 -34.08
#